data_3CQS
# 
_entry.id   3CQS 
# 
_audit_conform.dict_name       mmcif_pdbx.dic 
_audit_conform.dict_version    5.377 
_audit_conform.dict_location   http://mmcif.pdb.org/dictionaries/ascii/mmcif_pdbx.dic 
# 
loop_
_database_2.database_id 
_database_2.database_code 
_database_2.pdbx_database_accession 
_database_2.pdbx_DOI 
PDB   3CQS         pdb_00003cqs 10.2210/pdb3cqs/pdb 
NDB   UR0138       ?            ?                   
RCSB  RCSB047100   ?            ?                   
WWPDB D_1000047100 ?            ?                   
# 
loop_
_pdbx_database_related.db_name 
_pdbx_database_related.db_id 
_pdbx_database_related.details 
_pdbx_database_related.content_type 
PDB 2P7E 'The same minimal hairpin ribozyme sequence crystallized with vanadate as a transition-state mimic.' unspecified 
PDB 2P7F 
;The same minimal hairpin ribozyme sequence crystallized with a 3'-deoxy, 2',5'-phosphodiester substitution at the site of cleavage.
;
unspecified 
PDB 11BA 
;The structure of bovine seminal ribonuclease also crystallized with a 3'-OH, 2',5'-phosphodiester substrate analog.
;
unspecified 
# 
_pdbx_database_status.entry_id                        3CQS 
_pdbx_database_status.status_code                     REL 
_pdbx_database_status.status_code_sf                  REL 
_pdbx_database_status.deposit_site                    RCSB 
_pdbx_database_status.process_site                    RCSB 
_pdbx_database_status.recvd_initial_deposition_date   2008-04-03 
_pdbx_database_status.SG_entry                        N 
_pdbx_database_status.status_code_mr                  ? 
_pdbx_database_status.pdb_format_compatible           Y 
_pdbx_database_status.status_code_cs                  ? 
_pdbx_database_status.status_code_nmr_data            ? 
_pdbx_database_status.methods_development_category    ? 
# 
loop_
_audit_author.name 
_audit_author.pdbx_ordinal 
'Torelli, A.T.'  1 
'Spitale, R.C.'  2 
'Krucinska, J.'  3 
'Wedekind, J.E.' 4 
# 
_citation.id                        primary 
_citation.title                     'Shared traits on the reaction coordinates of ribonuclease and an RNA enzyme' 
_citation.journal_abbrev            Biochem.Biophys.Res.Commun. 
_citation.journal_volume            371 
_citation.page_first                154 
_citation.page_last                 158 
_citation.year                      2008 
_citation.journal_id_ASTM           BBRCA9 
_citation.country                   US 
_citation.journal_id_ISSN           0006-291X 
_citation.journal_id_CSD            0146 
_citation.book_publisher            ? 
_citation.pdbx_database_id_PubMed   18423397 
_citation.pdbx_database_id_DOI      10.1016/j.bbrc.2008.04.036 
# 
loop_
_citation_author.citation_id 
_citation_author.name 
_citation_author.ordinal 
_citation_author.identifier_ORCID 
primary 'Torelli, A.T.'  1 ? 
primary 'Spitale, R.C.'  2 ? 
primary 'Krucinska, J.'  3 ? 
primary 'Wedekind, J.E.' 4 ? 
# 
_cell.entry_id           3CQS 
_cell.length_a           93.160 
_cell.length_b           93.160 
_cell.length_c           129.050 
_cell.angle_alpha        90.00 
_cell.angle_beta         90.00 
_cell.angle_gamma        120.00 
_cell.Z_PDB              12 
_cell.pdbx_unique_axis   ? 
_cell.length_a_esd       ? 
_cell.length_b_esd       ? 
_cell.length_c_esd       ? 
_cell.angle_alpha_esd    ? 
_cell.angle_beta_esd     ? 
_cell.angle_gamma_esd    ? 
# 
_symmetry.entry_id                         3CQS 
_symmetry.space_group_name_H-M             'P 61 2 2' 
_symmetry.pdbx_full_space_group_name_H-M   ? 
_symmetry.Int_Tables_number                178 
_symmetry.cell_setting                     ? 
_symmetry.space_group_name_Hall            ? 
# 
loop_
_entity.id 
_entity.type 
_entity.src_method 
_entity.pdbx_description 
_entity.formula_weight 
_entity.pdbx_number_of_molecules 
_entity.pdbx_ec 
_entity.pdbx_mutation 
_entity.pdbx_fragment 
_entity.details 
1 polymer     syn 
;13-mer substrate strand with 3'-OH, 2',5'-phosphodiester covalently linking 5th and 6th nucleotides
;
4052.470 1 ? ? ? 
;The scissile phosphate was replaced with a 2',5'-phosphodiester link
;
2 polymer     syn '29-mer ribozyme strand with S9L synthetic linker at 13th position'                                   9762.989 1 
? ? ? ?                                                                      
3 polymer     syn '19-mer ribozyme strand'                                                                              5991.568 1 
? ? ? ?                                                                      
4 non-polymer syn 'COBALT HEXAMMINE(III)'                                                                               161.116  1 
? ? ? ?                                                                      
5 water       nat water                                                                                                 18.015   6 
? ? ? ?                                                                      
# 
loop_
_entity_poly.entity_id 
_entity_poly.type 
_entity_poly.nstd_linkage 
_entity_poly.nstd_monomer 
_entity_poly.pdbx_seq_one_letter_code 
_entity_poly.pdbx_seq_one_letter_code_can 
_entity_poly.pdbx_strand_id 
_entity_poly.pdbx_target_identifier 
1 polyribonucleotide                                  no no  UCCCAGUCCACCG                        UCCCAGUCCACCG                  A 
? 
2 'polydeoxyribonucleotide/polyribonucleotide hybrid' no yes 'CGGUGAGAAGGG(S9L)GGCAGAGAAACACACGA' CGGUGAGAAGGGXGGCAGAGAAACACACGA B 
? 
3 polyribonucleotide                                  no no  UCGUGGUACAUUACCUGCC                  UCGUGGUACAUUACCUGCC            C 
? 
# 
loop_
_entity_poly_seq.entity_id 
_entity_poly_seq.num 
_entity_poly_seq.mon_id 
_entity_poly_seq.hetero 
1 1  U   n 
1 2  C   n 
1 3  C   n 
1 4  C   n 
1 5  A   n 
1 6  G   n 
1 7  U   n 
1 8  C   n 
1 9  C   n 
1 10 A   n 
1 11 C   n 
1 12 C   n 
1 13 G   n 
2 1  C   n 
2 2  G   n 
2 3  G   n 
2 4  U   n 
2 5  G   n 
2 6  A   n 
2 7  G   n 
2 8  A   n 
2 9  A   n 
2 10 G   n 
2 11 G   n 
2 12 G   n 
2 13 S9L n 
2 14 G   n 
2 15 G   n 
2 16 C   n 
2 17 A   n 
2 18 G   n 
2 19 A   n 
2 20 G   n 
2 21 A   n 
2 22 A   n 
2 23 A   n 
2 24 C   n 
2 25 A   n 
2 26 C   n 
2 27 A   n 
2 28 C   n 
2 29 G   n 
2 30 A   n 
3 1  U   n 
3 2  C   n 
3 3  G   n 
3 4  U   n 
3 5  G   n 
3 6  G   n 
3 7  U   n 
3 8  A   n 
3 9  C   n 
3 10 A   n 
3 11 U   n 
3 12 U   n 
3 13 A   n 
3 14 C   n 
3 15 C   n 
3 16 U   n 
3 17 G   n 
3 18 C   n 
3 19 C   n 
# 
loop_
_pdbx_entity_src_syn.entity_id 
_pdbx_entity_src_syn.pdbx_src_id 
_pdbx_entity_src_syn.pdbx_alt_source_flag 
_pdbx_entity_src_syn.pdbx_beg_seq_num 
_pdbx_entity_src_syn.pdbx_end_seq_num 
_pdbx_entity_src_syn.organism_scientific 
_pdbx_entity_src_syn.organism_common_name 
_pdbx_entity_src_syn.ncbi_taxonomy_id 
_pdbx_entity_src_syn.details 
1 1 sample ? ? ? ? ? 
;Strand synthesized by Fidelity Systems, Inc (Gaithersburg, MD) using modified adenosine phosphoramidite to create 3'-OH, 2',5'-phosphodiester linkage between positions 5 and 6. Sequence occurs naturally in tobacco ringspot virus satellite RNA.
;
2 1 sample ? ? ? ? ? 
;Strand synthesized by Dharmacon (Fayette, CO) and includes S9L linking residue in place of naturally-occurring adenosine 14. Sequence otherwise occurs naturally in tobacco ringspot virus satellite RNA.
;
3 1 sample ? ? ? ? ? 
'Strand synthesized by Dharmacon (Fayette, CO). Sequence occurs naturally in tobacco ringspot virus satellite RNA.' 
# 
loop_
_struct_ref.id 
_struct_ref.db_name 
_struct_ref.db_code 
_struct_ref.pdbx_db_accession 
_struct_ref.entity_id 
_struct_ref.pdbx_db_isoform 
_struct_ref.pdbx_seq_one_letter_code 
_struct_ref.pdbx_align_begin 
1 PDB 3CQS 3CQS 1 ? ? ? 
2 PDB 3CQS 3CQS 2 ? ? ? 
3 PDB 3CQS 3CQS 3 ? ? ? 
# 
loop_
_struct_ref_seq.align_id 
_struct_ref_seq.ref_id 
_struct_ref_seq.pdbx_PDB_id_code 
_struct_ref_seq.pdbx_strand_id 
_struct_ref_seq.seq_align_beg 
_struct_ref_seq.pdbx_seq_align_beg_ins_code 
_struct_ref_seq.seq_align_end 
_struct_ref_seq.pdbx_seq_align_end_ins_code 
_struct_ref_seq.pdbx_db_accession 
_struct_ref_seq.db_align_beg 
_struct_ref_seq.pdbx_db_align_beg_ins_code 
_struct_ref_seq.db_align_end 
_struct_ref_seq.pdbx_db_align_end_ins_code 
_struct_ref_seq.pdbx_auth_seq_align_beg 
_struct_ref_seq.pdbx_auth_seq_align_end 
1 1 3CQS A 1 ? 13 ? 3CQS 1  ? 13 ? 1  13 
2 2 3CQS B 1 ? 30 ? 3CQS 2  ? 31 ? 2  31 
3 3 3CQS C 1 ? 19 ? 3CQS 31 ? 49 ? 31 49 
# 
loop_
_chem_comp.id 
_chem_comp.type 
_chem_comp.mon_nstd_flag 
_chem_comp.name 
_chem_comp.pdbx_synonyms 
_chem_comp.formula 
_chem_comp.formula_weight 
A   'RNA linking' y "ADENOSINE-5'-MONOPHOSPHATE"                              ? 'C10 H14 N5 O7 P' 347.221 
C   'RNA linking' y "CYTIDINE-5'-MONOPHOSPHATE"                               ? 'C9 H14 N3 O8 P'  323.197 
G   'RNA linking' y "GUANOSINE-5'-MONOPHOSPHATE"                              ? 'C10 H14 N5 O8 P' 363.221 
HOH non-polymer   . WATER                                                     ? 'H2 O'            18.015  
NCO non-polymer   . 'COBALT HEXAMMINE(III)'                                   ? 'Co H18 N6 3'     161.116 
S9L non-polymer   . '2-[2-(2-HYDROXYETHOXY)ETHOXY]ETHYL DIHYDROGEN PHOSPHATE' ? 'C6 H15 O7 P'     230.153 
U   'RNA linking' y "URIDINE-5'-MONOPHOSPHATE"                                ? 'C9 H13 N2 O9 P'  324.181 
# 
_exptl.entry_id          3CQS 
_exptl.method            'X-RAY DIFFRACTION' 
_exptl.crystals_number   1 
# 
_exptl_crystal.id                    1 
_exptl_crystal.density_meas          ? 
_exptl_crystal.density_Matthews      4.08 
_exptl_crystal.density_percent_sol   69.86 
_exptl_crystal.description           ? 
_exptl_crystal.F_000                 ? 
_exptl_crystal.preparation           ? 
# 
_exptl_crystal_grow.crystal_id      1 
_exptl_crystal_grow.method          'VAPOR DIFFUSION, HANGING DROP' 
_exptl_crystal_grow.temp            293 
_exptl_crystal_grow.pH              6.5 
_exptl_crystal_grow.pdbx_details    
;20.5% (w/v) PEG 2000 MME, 0.10 M Na cacodylate buffer, 0.25 M Li2SO4, 2.5 mM Co(NH3)6Cl3, 2 mM spermidine-HCl, pH 6.5, VAPOR DIFFUSION, HANGING DROP, temperature 293K
;
_exptl_crystal_grow.temp_details    ? 
_exptl_crystal_grow.pdbx_pH_range   . 
# 
loop_
_exptl_crystal_grow_comp.crystal_id 
_exptl_crystal_grow_comp.id 
_exptl_crystal_grow_comp.sol_id 
_exptl_crystal_grow_comp.name 
_exptl_crystal_grow_comp.conc 
_exptl_crystal_grow_comp.volume 
_exptl_crystal_grow_comp.details 
1 1 1 'PEG 2000 MME'      ? ? ? 
1 2 1 Li2SO4              ? ? ? 
1 3 1 spermidine          ? ? ? 
1 4 1 'sodium cacodylate' ? ? ? 
1 5 1 'Co(NH3)6Cl3'       ? ? ? 
1 6 2 'PEG 2K MME'        ? ? ? 
1 7 2 Li2SO4              ? ? ? 
1 8 2 HEPES               ? ? ? 
1 9 2 spermidine          ? ? ? 
# 
_diffrn.id                     1 
_diffrn.ambient_temp           100 
_diffrn.ambient_temp_details   ? 
_diffrn.crystal_id             1 
# 
_diffrn_detector.diffrn_id              1 
_diffrn_detector.detector               'IMAGE PLATE' 
_diffrn_detector.type                   'RIGAKU RAXIS IV' 
_diffrn_detector.pdbx_collection_date   2007-04-07 
_diffrn_detector.details                confocal 
# 
_diffrn_radiation.diffrn_id                        1 
_diffrn_radiation.wavelength_id                    1 
_diffrn_radiation.pdbx_monochromatic_or_laue_m_l   M 
_diffrn_radiation.monochromator                    'Osmic confocal optics' 
_diffrn_radiation.pdbx_diffrn_protocol             'SINGLE WAVELENGTH' 
_diffrn_radiation.pdbx_scattering_type             x-ray 
# 
_diffrn_radiation_wavelength.id           1 
_diffrn_radiation_wavelength.wavelength   1.5418 
_diffrn_radiation_wavelength.wt           1.0 
# 
_diffrn_source.diffrn_id                   1 
_diffrn_source.source                      'ROTATING ANODE' 
_diffrn_source.type                        'RIGAKU RUH2R' 
_diffrn_source.pdbx_wavelength_list        1.5418 
_diffrn_source.pdbx_synchrotron_site       ? 
_diffrn_source.pdbx_synchrotron_beamline   ? 
_diffrn_source.pdbx_wavelength             ? 
# 
_reflns.entry_id                     3CQS 
_reflns.observed_criterion_sigma_I   -3.00 
_reflns.observed_criterion_sigma_F   ? 
_reflns.d_resolution_low             34.20 
_reflns.d_resolution_high            2.80 
_reflns.number_obs                   8458 
_reflns.number_all                   ? 
_reflns.percent_possible_obs         ? 
_reflns.pdbx_Rmerge_I_obs            ? 
_reflns.pdbx_Rsym_value              0.056 
_reflns.pdbx_netI_over_sigmaI        15.5 
_reflns.B_iso_Wilson_estimate        98.26 
_reflns.pdbx_redundancy              5.09 
_reflns.R_free_details               ? 
_reflns.pdbx_chi_squared             ? 
_reflns.pdbx_scaling_rejects         ? 
_reflns.pdbx_diffrn_id               1 
_reflns.pdbx_ordinal                 1 
# 
_reflns_shell.d_res_high             2.80 
_reflns_shell.d_res_low              2.90 
_reflns_shell.percent_possible_all   ? 
_reflns_shell.Rmerge_I_obs           ? 
_reflns_shell.pdbx_Rsym_value        0.445 
_reflns_shell.meanI_over_sigI_obs    1.4 
_reflns_shell.pdbx_redundancy        4.80 
_reflns_shell.percent_possible_obs   ? 
_reflns_shell.number_unique_all      834 
_reflns_shell.number_measured_all    ? 
_reflns_shell.number_measured_obs    ? 
_reflns_shell.number_unique_obs      ? 
_reflns_shell.pdbx_chi_squared       ? 
_reflns_shell.pdbx_diffrn_id         ? 
_reflns_shell.pdbx_ordinal           1 
# 
_refine.entry_id                                 3CQS 
_refine.ls_number_reflns_obs                     8446 
_refine.ls_number_reflns_all                     8635 
_refine.pdbx_ls_sigma_I                          ? 
_refine.pdbx_ls_sigma_F                          0.0 
_refine.pdbx_data_cutoff_high_absF               889129.91 
_refine.pdbx_data_cutoff_low_absF                0.000000 
_refine.pdbx_data_cutoff_high_rms_absF           ? 
_refine.ls_d_res_low                             22.92 
_refine.ls_d_res_high                            2.80 
_refine.ls_percent_reflns_obs                    97.8 
_refine.ls_R_factor_obs                          0.220 
_refine.ls_R_factor_all                          0.220 
_refine.ls_R_factor_R_work                       0.217 
_refine.ls_R_factor_R_free                       0.254 
_refine.ls_R_factor_R_free_error                 0.010 
_refine.ls_R_factor_R_free_error_details         ? 
_refine.ls_percent_reflns_R_free                 7.4 
_refine.ls_number_reflns_R_free                  621 
_refine.ls_number_parameters                     ? 
_refine.ls_number_restraints                     ? 
_refine.occupancy_min                            ? 
_refine.occupancy_max                            ? 
_refine.correlation_coeff_Fo_to_Fc               ? 
_refine.correlation_coeff_Fo_to_Fc_free          ? 
_refine.B_iso_mean                               82.2 
_refine.aniso_B[1][1]                            -13.93 
_refine.aniso_B[2][2]                            -13.93 
_refine.aniso_B[3][3]                            27.87 
_refine.aniso_B[1][2]                            0.00 
_refine.aniso_B[1][3]                            0.00 
_refine.aniso_B[2][3]                            0.00 
_refine.solvent_model_details                    'FLAT MODEL' 
_refine.solvent_model_param_ksol                 0.35 
_refine.solvent_model_param_bsol                 63.8313 
_refine.pdbx_solvent_vdw_probe_radii             ? 
_refine.pdbx_solvent_ion_probe_radii             ? 
_refine.pdbx_solvent_shrinkage_radii             ? 
_refine.pdbx_ls_cross_valid_method               THROUGHOUT 
_refine.details                                  'BULK SOLVENT MODEL USED' 
_refine.pdbx_starting_model                      2p7f 
_refine.pdbx_method_to_determine_struct          'FOURIER SYNTHESIS' 
_refine.pdbx_isotropic_thermal_model             isotropic 
_refine.pdbx_stereochemistry_target_values       'Parkinson et al. Acta Cryst. D, 52, 57-64 (1996)' 
_refine.pdbx_stereochem_target_val_spec_case     ? 
_refine.pdbx_R_Free_selection_details            
'Test set reflections matched to those of starting model. Additional reflections flagged at random to exclude 7.4% total.' 
_refine.pdbx_overall_ESU_R                       ? 
_refine.pdbx_overall_ESU_R_Free                  ? 
_refine.overall_SU_ML                            ? 
_refine.overall_SU_B                             ? 
_refine.ls_redundancy_reflns_obs                 ? 
_refine.overall_SU_R_Cruickshank_DPI             ? 
_refine.overall_SU_R_free                        ? 
_refine.ls_wR_factor_R_free                      ? 
_refine.ls_wR_factor_R_work                      ? 
_refine.overall_FOM_free_R_set                   ? 
_refine.overall_FOM_work_R_set                   ? 
_refine.pdbx_overall_phase_error                 ? 
_refine.pdbx_refine_id                           'X-RAY DIFFRACTION' 
_refine.pdbx_diffrn_id                           1 
_refine.pdbx_TLS_residual_ADP_flag               ? 
_refine.pdbx_overall_SU_R_free_Cruickshank_DPI   ? 
_refine.pdbx_overall_SU_R_Blow_DPI               ? 
_refine.pdbx_overall_SU_R_free_Blow_DPI          ? 
# 
_refine_analyze.entry_id                        3CQS 
_refine_analyze.Luzzati_coordinate_error_obs    0.48 
_refine_analyze.Luzzati_sigma_a_obs             0.96 
_refine_analyze.Luzzati_d_res_low_obs           5.00 
_refine_analyze.Luzzati_coordinate_error_free   0.52 
_refine_analyze.Luzzati_sigma_a_free            0.91 
_refine_analyze.Luzzati_d_res_low_free          ? 
_refine_analyze.number_disordered_residues      ? 
_refine_analyze.occupancy_sum_hydrogen          ? 
_refine_analyze.occupancy_sum_non_hydrogen      ? 
_refine_analyze.pdbx_refine_id                  'X-RAY DIFFRACTION' 
# 
_refine_hist.pdbx_refine_id                   'X-RAY DIFFRACTION' 
_refine_hist.cycle_id                         LAST 
_refine_hist.pdbx_number_atoms_protein        0 
_refine_hist.pdbx_number_atoms_nucleic_acid   1327 
_refine_hist.pdbx_number_atoms_ligand         7 
_refine_hist.number_atoms_solvent             6 
_refine_hist.number_atoms_total               1340 
_refine_hist.d_res_high                       2.80 
_refine_hist.d_res_low                        22.92 
# 
loop_
_refine_ls_restr.type 
_refine_ls_restr.dev_ideal 
_refine_ls_restr.dev_ideal_target 
_refine_ls_restr.weight 
_refine_ls_restr.number 
_refine_ls_restr.pdbx_refine_id 
_refine_ls_restr.pdbx_restraint_function 
c_bond_d           0.009 ? ? ? 'X-RAY DIFFRACTION' ? 
c_angle_deg        1.5   ? ? ? 'X-RAY DIFFRACTION' ? 
c_dihedral_angle_d 18.0  ? ? ? 'X-RAY DIFFRACTION' ? 
c_improper_angle_d 1.83  ? ? ? 'X-RAY DIFFRACTION' ? 
# 
_refine_ls_shell.pdbx_total_number_of_bins_used   6 
_refine_ls_shell.d_res_high                       2.80 
_refine_ls_shell.d_res_low                        2.98 
_refine_ls_shell.number_reflns_R_work             1269 
_refine_ls_shell.R_factor_R_work                  0.521 
_refine_ls_shell.percent_reflns_obs               99.3 
_refine_ls_shell.R_factor_R_free                  0.524 
_refine_ls_shell.R_factor_R_free_error            0.052 
_refine_ls_shell.percent_reflns_R_free            7.4 
_refine_ls_shell.number_reflns_R_free             101 
_refine_ls_shell.number_reflns_all                ? 
_refine_ls_shell.R_factor_all                     ? 
_refine_ls_shell.number_reflns_obs                1269 
_refine_ls_shell.redundancy_reflns_obs            ? 
_refine_ls_shell.pdbx_refine_id                   'X-RAY DIFFRACTION' 
# 
loop_
_pdbx_xplor_file.serial_no 
_pdbx_xplor_file.param_file 
_pdbx_xplor_file.topol_file 
_pdbx_xplor_file.pdbx_refine_id 
1 dna-rnaATT dna-rnaATT 'X-RAY DIFFRACTION' 
2 cobalt.par cobalt.top 'X-RAY DIFFRACTION' 
3 to         to         'X-RAY DIFFRACTION' 
# 
_struct.entry_id                  3CQS 
_struct.title                     
;A 3'-OH, 2',5'-phosphodiester substitution in the hairpin ribozyme active site reveals similarities with protein ribonucleases
;
_struct.pdbx_model_details        ? 
_struct.pdbx_CASP_flag            N 
_struct.pdbx_model_type_details   ? 
# 
_struct_keywords.entry_id        3CQS 
_struct_keywords.pdbx_keywords   RNA 
_struct_keywords.text            
;2', 5' phosphodiester; hairpin ribozyme; reaction-intermediate; transition-state stabilization; ribonuclease; phosphoryl-transfer, RNA
;
# 
loop_
_struct_asym.id 
_struct_asym.pdbx_blank_PDB_chainid_flag 
_struct_asym.pdbx_modified 
_struct_asym.entity_id 
_struct_asym.details 
A N N 1 ? 
B N N 2 ? 
C N N 3 ? 
D N N 4 ? 
E N N 5 ? 
F N N 5 ? 
# 
_struct_biol.id        1 
_struct_biol.details   ? 
# 
loop_
_struct_conn.id 
_struct_conn.conn_type_id 
_struct_conn.pdbx_leaving_atom_flag 
_struct_conn.pdbx_PDB_id 
_struct_conn.ptnr1_label_asym_id 
_struct_conn.ptnr1_label_comp_id 
_struct_conn.ptnr1_label_seq_id 
_struct_conn.ptnr1_label_atom_id 
_struct_conn.pdbx_ptnr1_label_alt_id 
_struct_conn.pdbx_ptnr1_PDB_ins_code 
_struct_conn.pdbx_ptnr1_standard_comp_id 
_struct_conn.ptnr1_symmetry 
_struct_conn.ptnr2_label_asym_id 
_struct_conn.ptnr2_label_comp_id 
_struct_conn.ptnr2_label_seq_id 
_struct_conn.ptnr2_label_atom_id 
_struct_conn.pdbx_ptnr2_label_alt_id 
_struct_conn.pdbx_ptnr2_PDB_ins_code 
_struct_conn.ptnr1_auth_asym_id 
_struct_conn.ptnr1_auth_comp_id 
_struct_conn.ptnr1_auth_seq_id 
_struct_conn.ptnr2_auth_asym_id 
_struct_conn.ptnr2_auth_comp_id 
_struct_conn.ptnr2_auth_seq_id 
_struct_conn.ptnr2_symmetry 
_struct_conn.pdbx_ptnr3_label_atom_id 
_struct_conn.pdbx_ptnr3_label_seq_id 
_struct_conn.pdbx_ptnr3_label_comp_id 
_struct_conn.pdbx_ptnr3_label_asym_id 
_struct_conn.pdbx_ptnr3_label_alt_id 
_struct_conn.pdbx_ptnr3_PDB_ins_code 
_struct_conn.details 
_struct_conn.pdbx_dist_value 
_struct_conn.pdbx_value_order 
_struct_conn.pdbx_role 
covale1  covale one  ? A A   5  "O2'" ? ? ? 1_555 A G   6  P  ? ? A A   5  A G   6  1_555 ? ? ? ? ? ? ?                    1.612 ? 
? 
covale2  covale both ? B G   12 "O3'" ? ? ? 1_555 B S9L 13 P  ? ? B G   13 B S9L 14 1_555 ? ? ? ? ? ? ?                    1.594 ? 
? 
covale3  covale both ? B S9L 13 "O3'" ? ? ? 1_555 B G   14 P  ? ? B S9L 14 B G   15 1_555 ? ? ? ? ? ? ?                    1.602 ? 
? 
hydrog1  hydrog ?    ? A C   2  N3    ? ? ? 1_555 B G   12 N1 ? ? A C   2  B G   13 1_555 ? ? ? ? ? ? WATSON-CRICK         ?     ? 
? 
hydrog2  hydrog ?    ? A C   2  N4    ? ? ? 1_555 B G   12 O6 ? ? A C   2  B G   13 1_555 ? ? ? ? ? ? WATSON-CRICK         ?     ? 
? 
hydrog3  hydrog ?    ? A C   2  O2    ? ? ? 1_555 B G   12 N2 ? ? A C   2  B G   13 1_555 ? ? ? ? ? ? WATSON-CRICK         ?     ? 
? 
hydrog4  hydrog ?    ? A C   3  N3    ? ? ? 1_555 B G   11 N1 ? ? A C   3  B G   12 1_555 ? ? ? ? ? ? WATSON-CRICK         ?     ? 
? 
hydrog5  hydrog ?    ? A C   3  N4    ? ? ? 1_555 B G   11 O6 ? ? A C   3  B G   12 1_555 ? ? ? ? ? ? WATSON-CRICK         ?     ? 
? 
hydrog6  hydrog ?    ? A C   3  O2    ? ? ? 1_555 B G   11 N2 ? ? A C   3  B G   12 1_555 ? ? ? ? ? ? WATSON-CRICK         ?     ? 
? 
hydrog7  hydrog ?    ? A C   4  N3    ? ? ? 1_555 B G   10 N1 ? ? A C   4  B G   11 1_555 ? ? ? ? ? ? WATSON-CRICK         ?     ? 
? 
hydrog8  hydrog ?    ? A C   4  N4    ? ? ? 1_555 B G   10 O6 ? ? A C   4  B G   11 1_555 ? ? ? ? ? ? WATSON-CRICK         ?     ? 
? 
hydrog9  hydrog ?    ? A C   4  O2    ? ? ? 1_555 B G   10 N2 ? ? A C   4  B G   11 1_555 ? ? ? ? ? ? WATSON-CRICK         ?     ? 
? 
hydrog10 hydrog ?    ? A G   6  N1    ? ? ? 1_555 B C   24 N3 ? ? A G   6  B C   25 1_555 ? ? ? ? ? ? WATSON-CRICK         ?     ? 
? 
hydrog11 hydrog ?    ? A G   6  N2    ? ? ? 1_555 B C   24 O2 ? ? A G   6  B C   25 1_555 ? ? ? ? ? ? WATSON-CRICK         ?     ? 
? 
hydrog12 hydrog ?    ? A G   6  O6    ? ? ? 1_555 B C   24 N4 ? ? A G   6  B C   25 1_555 ? ? ? ? ? ? WATSON-CRICK         ?     ? 
? 
hydrog13 hydrog ?    ? A U   7  O4    ? ? ? 1_555 B G   7  N2 ? ? A U   7  B G   8  1_555 ? ? ? ? ? ? 'U-G MISPAIR'        ?     ? 
? 
hydrog14 hydrog ?    ? A C   8  N4    ? ? ? 1_555 B A   6  N1 ? ? A C   8  B A   7  1_555 ? ? ? ? ? ? 'C-A MISPAIR'        ?     ? 
? 
hydrog15 hydrog ?    ? A C   9  N3    ? ? ? 1_555 B G   5  N1 ? ? A C   9  B G   6  1_555 ? ? ? ? ? ? WATSON-CRICK         ?     ? 
? 
hydrog16 hydrog ?    ? A C   9  N4    ? ? ? 1_555 B G   5  O6 ? ? A C   9  B G   6  1_555 ? ? ? ? ? ? WATSON-CRICK         ?     ? 
? 
hydrog17 hydrog ?    ? A C   9  O2    ? ? ? 1_555 B G   5  N2 ? ? A C   9  B G   6  1_555 ? ? ? ? ? ? WATSON-CRICK         ?     ? 
? 
hydrog18 hydrog ?    ? A A   10 N1    ? ? ? 1_555 B U   4  N3 ? ? A A   10 B U   5  1_555 ? ? ? ? ? ? WATSON-CRICK         ?     ? 
? 
hydrog19 hydrog ?    ? A A   10 N6    ? ? ? 1_555 B U   4  O4 ? ? A A   10 B U   5  1_555 ? ? ? ? ? ? WATSON-CRICK         ?     ? 
? 
hydrog20 hydrog ?    ? A C   11 O2    ? ? ? 1_555 B G   3  N1 ? ? A C   11 B G   4  1_555 ? ? ? ? ? ? 'C-G PAIR'           ?     ? 
? 
hydrog21 hydrog ?    ? A C   12 O2    ? ? ? 1_555 B G   2  N1 ? ? A C   12 B G   3  1_555 ? ? ? ? ? ? 'C-G PAIR'           ?     ? 
? 
hydrog22 hydrog ?    ? A G   13 N1    ? ? ? 1_555 B C   1  N3 ? ? A G   13 B C   2  1_555 ? ? ? ? ? ? 'G-C PAIR'           ?     ? 
? 
hydrog23 hydrog ?    ? B G   14 N1    ? ? ? 1_555 C C   19 N3 ? ? B G   15 C C   49 1_555 ? ? ? ? ? ? WATSON-CRICK         ?     ? 
? 
hydrog24 hydrog ?    ? B G   14 N2    ? ? ? 1_555 C C   19 O2 ? ? B G   15 C C   49 1_555 ? ? ? ? ? ? WATSON-CRICK         ?     ? 
? 
hydrog25 hydrog ?    ? B G   14 O6    ? ? ? 1_555 C C   19 N4 ? ? B G   15 C C   49 1_555 ? ? ? ? ? ? WATSON-CRICK         ?     ? 
? 
hydrog26 hydrog ?    ? B G   15 N1    ? ? ? 1_555 C C   18 N3 ? ? B G   16 C C   48 1_555 ? ? ? ? ? ? WATSON-CRICK         ?     ? 
? 
hydrog27 hydrog ?    ? B G   15 N2    ? ? ? 1_555 C C   18 O2 ? ? B G   16 C C   48 1_555 ? ? ? ? ? ? WATSON-CRICK         ?     ? 
? 
hydrog28 hydrog ?    ? B G   15 O6    ? ? ? 1_555 C C   18 N4 ? ? B G   16 C C   48 1_555 ? ? ? ? ? ? WATSON-CRICK         ?     ? 
? 
hydrog29 hydrog ?    ? B C   16 N3    ? ? ? 1_555 C G   17 N1 ? ? B C   17 C G   47 1_555 ? ? ? ? ? ? WATSON-CRICK         ?     ? 
? 
hydrog30 hydrog ?    ? B C   16 N4    ? ? ? 1_555 C G   17 O6 ? ? B C   17 C G   47 1_555 ? ? ? ? ? ? WATSON-CRICK         ?     ? 
? 
hydrog31 hydrog ?    ? B C   16 O2    ? ? ? 1_555 C G   17 N2 ? ? B C   17 C G   47 1_555 ? ? ? ? ? ? WATSON-CRICK         ?     ? 
? 
hydrog32 hydrog ?    ? B A   17 N1    ? ? ? 1_555 C U   16 N3 ? ? B A   18 C U   46 1_555 ? ? ? ? ? ? WATSON-CRICK         ?     ? 
? 
hydrog33 hydrog ?    ? B A   17 N6    ? ? ? 1_555 C U   16 O4 ? ? B A   18 C U   46 1_555 ? ? ? ? ? ? WATSON-CRICK         ?     ? 
? 
hydrog34 hydrog ?    ? B G   18 N1    ? ? ? 1_555 C C   15 N3 ? ? B G   19 C C   45 1_555 ? ? ? ? ? ? WATSON-CRICK         ?     ? 
? 
hydrog35 hydrog ?    ? B G   18 N2    ? ? ? 1_555 C C   15 O2 ? ? B G   19 C C   45 1_555 ? ? ? ? ? ? WATSON-CRICK         ?     ? 
? 
hydrog36 hydrog ?    ? B G   18 O6    ? ? ? 1_555 C C   15 N4 ? ? B G   19 C C   45 1_555 ? ? ? ? ? ? WATSON-CRICK         ?     ? 
? 
hydrog37 hydrog ?    ? B A   19 N1    ? ? ? 1_555 C C   14 N4 ? ? B A   20 C C   44 1_555 ? ? ? ? ? ? 'A-C MISPAIR'        ?     ? 
? 
hydrog38 hydrog ?    ? B G   20 N2    ? ? ? 1_555 C A   13 N7 ? ? B G   21 C A   43 1_555 ? ? ? ? ? ? TYPE_11_PAIR         ?     ? 
? 
hydrog39 hydrog ?    ? B G   20 N3    ? ? ? 1_555 C A   13 N6 ? ? B G   21 C A   43 1_555 ? ? ? ? ? ? TYPE_11_PAIR         ?     ? 
? 
hydrog40 hydrog ?    ? B A   21 N6    ? ? ? 1_555 C U   11 O2 ? ? B A   22 C U   41 1_555 ? ? ? ? ? ? 'REVERSED HOOGSTEEN' ?     ? 
? 
hydrog41 hydrog ?    ? B A   21 N7    ? ? ? 1_555 C U   11 N3 ? ? B A   22 C U   41 1_555 ? ? ? ? ? ? 'REVERSED HOOGSTEEN' ?     ? 
? 
hydrog42 hydrog ?    ? B A   22 N6    ? ? ? 1_555 C A   10 N1 ? ? B A   23 C A   40 1_555 ? ? ? ? ? ? 'A-A MISPAIR'        ?     ? 
? 
hydrog43 hydrog ?    ? B A   25 N1    ? ? ? 1_555 C G   6  N1 ? ? B A   26 C G   36 1_555 ? ? ? ? ? ? TYPE_8_PAIR          ?     ? 
? 
hydrog44 hydrog ?    ? B A   25 N6    ? ? ? 1_555 C G   6  O6 ? ? B A   26 C G   36 1_555 ? ? ? ? ? ? TYPE_8_PAIR          ?     ? 
? 
hydrog45 hydrog ?    ? B C   26 N3    ? ? ? 1_555 C G   5  N1 ? ? B C   27 C G   35 1_555 ? ? ? ? ? ? WATSON-CRICK         ?     ? 
? 
hydrog46 hydrog ?    ? B C   26 N4    ? ? ? 1_555 C G   5  O6 ? ? B C   27 C G   35 1_555 ? ? ? ? ? ? WATSON-CRICK         ?     ? 
? 
hydrog47 hydrog ?    ? B C   26 O2    ? ? ? 1_555 C G   5  N2 ? ? B C   27 C G   35 1_555 ? ? ? ? ? ? WATSON-CRICK         ?     ? 
? 
hydrog48 hydrog ?    ? B A   27 N1    ? ? ? 1_555 C U   4  N3 ? ? B A   28 C U   34 1_555 ? ? ? ? ? ? WATSON-CRICK         ?     ? 
? 
hydrog49 hydrog ?    ? B A   27 N6    ? ? ? 1_555 C U   4  O4 ? ? B A   28 C U   34 1_555 ? ? ? ? ? ? WATSON-CRICK         ?     ? 
? 
hydrog50 hydrog ?    ? B C   28 N3    ? ? ? 1_555 C G   3  N1 ? ? B C   29 C G   33 1_555 ? ? ? ? ? ? WATSON-CRICK         ?     ? 
? 
hydrog51 hydrog ?    ? B C   28 N4    ? ? ? 1_555 C G   3  O6 ? ? B C   29 C G   33 1_555 ? ? ? ? ? ? WATSON-CRICK         ?     ? 
? 
hydrog52 hydrog ?    ? B C   28 O2    ? ? ? 1_555 C G   3  N2 ? ? B C   29 C G   33 1_555 ? ? ? ? ? ? WATSON-CRICK         ?     ? 
? 
hydrog53 hydrog ?    ? B G   29 N1    ? ? ? 1_555 C C   2  N3 ? ? B G   30 C C   32 1_555 ? ? ? ? ? ? WATSON-CRICK         ?     ? 
? 
hydrog54 hydrog ?    ? B G   29 N2    ? ? ? 1_555 C C   2  O2 ? ? B G   30 C C   32 1_555 ? ? ? ? ? ? WATSON-CRICK         ?     ? 
? 
hydrog55 hydrog ?    ? B G   29 O6    ? ? ? 1_555 C C   2  N4 ? ? B G   30 C C   32 1_555 ? ? ? ? ? ? WATSON-CRICK         ?     ? 
? 
hydrog56 hydrog ?    ? B A   30 N1    ? ? ? 1_555 C U   1  N3 ? ? B A   31 C U   31 1_555 ? ? ? ? ? ? WATSON-CRICK         ?     ? 
? 
hydrog57 hydrog ?    ? B A   30 N6    ? ? ? 1_555 C U   1  O4 ? ? B A   31 C U   31 1_555 ? ? ? ? ? ? WATSON-CRICK         ?     ? 
? 
# 
loop_
_struct_conn_type.id 
_struct_conn_type.criteria 
_struct_conn_type.reference 
covale ? ? 
hydrog ? ? 
# 
_atom_sites.entry_id                    3CQS 
_atom_sites.fract_transf_matrix[1][1]   -0.00022997 
_atom_sites.fract_transf_matrix[1][2]   -0.01180021 
_atom_sites.fract_transf_matrix[1][3]   -0.00378466 
_atom_sites.fract_transf_matrix[2][1]   -0.01073135 
_atom_sites.fract_transf_matrix[2][2]   -0.00523129 
_atom_sites.fract_transf_matrix[2][3]   -0.00333282 
_atom_sites.fract_transf_matrix[3][1]   0.00113743 
_atom_sites.fract_transf_matrix[3][2]   0.00232084 
_atom_sites.fract_transf_matrix[3][3]   -0.00730527 
_atom_sites.fract_transf_vector[1]      0.432770 
_atom_sites.fract_transf_vector[2]      0.207741 
_atom_sites.fract_transf_vector[3]      0.386316 
# 
loop_
_atom_type.symbol 
C  
CO 
N  
O  
P  
# 
loop_
_atom_site.group_PDB 
_atom_site.id 
_atom_site.type_symbol 
_atom_site.label_atom_id 
_atom_site.label_alt_id 
_atom_site.label_comp_id 
_atom_site.label_asym_id 
_atom_site.label_entity_id 
_atom_site.label_seq_id 
_atom_site.pdbx_PDB_ins_code 
_atom_site.Cartn_x 
_atom_site.Cartn_y 
_atom_site.Cartn_z 
_atom_site.occupancy 
_atom_site.B_iso_or_equiv 
_atom_site.pdbx_formal_charge 
_atom_site.auth_seq_id 
_atom_site.auth_comp_id 
_atom_site.auth_asym_id 
_atom_site.auth_atom_id 
_atom_site.pdbx_PDB_model_num 
ATOM   1    O  "O5'" A U   A 1 1  ? -5.189  -11.139 -13.811 0.50 77.93  ? 1  U   A "O5'" 1 
ATOM   2    O  "O5'" B U   A 1 1  ? -6.984  -11.367 -13.470 0.50 87.43  ? 1  U   A "O5'" 1 
ATOM   3    C  "C5'" A U   A 1 1  ? -5.475  -10.872 -15.184 0.50 78.78  ? 1  U   A "C5'" 1 
ATOM   4    C  "C5'" B U   A 1 1  ? -6.921  -11.264 -14.890 0.50 85.85  ? 1  U   A "C5'" 1 
ATOM   5    C  "C4'" A U   A 1 1  ? -6.909  -10.451 -15.353 0.50 80.41  ? 1  U   A "C4'" 1 
ATOM   6    C  "C4'" B U   A 1 1  ? -7.952  -10.349 -15.515 0.50 85.40  ? 1  U   A "C4'" 1 
ATOM   7    O  "O4'" A U   A 1 1  ? -7.759  -11.327 -14.574 0.50 82.20  ? 1  U   A "O4'" 1 
ATOM   8    O  "O4'" B U   A 1 1  ? -9.302  -10.807 -15.191 0.50 86.05  ? 1  U   A "O4'" 1 
ATOM   9    C  "C3'" A U   A 1 1  ? -7.227  -9.066  -14.835 0.50 83.25  ? 1  U   A "C3'" 1 
ATOM   10   C  "C3'" B U   A 1 1  ? -7.909  -8.909  -15.029 0.50 86.54  ? 1  U   A "C3'" 1 
ATOM   11   O  "O3'" A U   A 1 1  ? -6.914  -8.097  -15.812 0.50 83.93  ? 1  U   A "O3'" 1 
ATOM   12   O  "O3'" B U   A 1 1  ? -6.948  -8.166  -15.776 0.50 85.33  ? 1  U   A "O3'" 1 
ATOM   13   C  "C2'" A U   A 1 1  ? -8.724  -9.158  -14.560 0.50 83.61  ? 1  U   A "C2'" 1 
ATOM   14   C  "C2'" B U   A 1 1  ? -9.330  -8.421  -15.308 0.50 85.94  ? 1  U   A "C2'" 1 
ATOM   15   O  "O2'" A U   A 1 1  ? -9.537  -9.028  -15.707 0.50 83.94  ? 1  U   A "O2'" 1 
ATOM   16   O  "O2'" B U   A 1 1  ? -9.542  -8.019  -16.645 0.50 86.83  ? 1  U   A "O2'" 1 
ATOM   17   C  "C1'" A U   A 1 1  ? -8.844  -10.585 -14.039 0.50 82.48  ? 1  U   A "C1'" 1 
ATOM   18   C  "C1'" B U   A 1 1  ? -10.152 -9.682  -15.032 0.50 84.47  ? 1  U   A "C1'" 1 
ATOM   19   N  N1    A U   A 1 1  ? -8.823  -10.708 -12.586 0.50 81.93  ? 1  U   A N1    1 
ATOM   20   N  N1    B U   A 1 1  ? -10.862 -9.748  -13.744 0.50 82.71  ? 1  U   A N1    1 
ATOM   21   C  C2    A U   A 1 1  ? -9.902  -10.285 -11.827 0.50 83.45  ? 1  U   A C2    1 
ATOM   22   C  C2    B U   A 1 1  ? -10.172 -10.178 -12.614 0.50 81.75  ? 1  U   A C2    1 
ATOM   23   O  O2    A U   A 1 1  ? -10.858 -9.702  -12.301 0.50 83.81  ? 1  U   A O2    1 
ATOM   24   O  O2    B U   A 1 1  ? -9.024  -10.587 -12.650 0.50 78.93  ? 1  U   A O2    1 
ATOM   25   N  N3    A U   A 1 1  ? -9.844  -10.602 -10.512 0.50 84.52  ? 1  U   A N3    1 
ATOM   26   N  N3    B U   A 1 1  ? -10.887 -10.120 -11.438 0.50 82.62  ? 1  U   A N3    1 
ATOM   27   C  C4    A U   A 1 1  ? -8.859  -11.325 -9.892  0.50 84.24  ? 1  U   A C4    1 
ATOM   28   C  C4    B U   A 1 1  ? -12.196 -9.701  -11.274 0.50 82.17  ? 1  U   A C4    1 
ATOM   29   O  O4    A U   A 1 1  ? -8.981  -11.585 -8.709  0.50 84.11  ? 1  U   A O4    1 
ATOM   30   O  O4    B U   A 1 1  ? -12.683 -9.649  -10.141 0.50 82.30  ? 1  U   A O4    1 
ATOM   31   C  C5    A U   A 1 1  ? -7.753  -11.697 -10.713 0.50 81.93  ? 1  U   A C5    1 
ATOM   32   C  C5    B U   A 1 1  ? -12.850 -9.310  -12.484 0.50 81.83  ? 1  U   A C5    1 
ATOM   33   C  C6    A U   A 1 1  ? -7.764  -11.366 -11.993 0.50 81.28  ? 1  U   A C6    1 
ATOM   34   C  C6    B U   A 1 1  ? -12.184 -9.350  -13.646 0.50 82.10  ? 1  U   A C6    1 
ATOM   35   P  P     . C   A 1 2  ? -6.305  -6.825  -15.149 1.00 84.48  ? 2  C   A P     1 
ATOM   36   O  OP1   . C   A 1 2  ? -6.327  -5.768  -16.184 1.00 82.34  ? 2  C   A OP1   1 
ATOM   37   O  OP2   . C   A 1 2  ? -5.030  -7.202  -14.493 1.00 76.82  ? 2  C   A OP2   1 
ATOM   38   O  "O5'" . C   A 1 2  ? -7.339  -6.389  -14.018 1.00 77.09  ? 2  C   A "O5'" 1 
ATOM   39   C  "C5'" . C   A 1 2  ? -8.485  -5.614  -14.357 1.00 65.79  ? 2  C   A "C5'" 1 
ATOM   40   C  "C4'" . C   A 1 2  ? -9.369  -5.450  -13.156 1.00 66.08  ? 2  C   A "C4'" 1 
ATOM   41   O  "O4'" . C   A 1 2  ? -9.566  -6.766  -12.574 1.00 65.63  ? 2  C   A "O4'" 1 
ATOM   42   C  "C3'" . C   A 1 2  ? -8.744  -4.662  -12.017 1.00 64.96  ? 2  C   A "C3'" 1 
ATOM   43   O  "O3'" . C   A 1 2  ? -8.832  -3.246  -12.172 1.00 63.64  ? 2  C   A "O3'" 1 
ATOM   44   C  "C2'" . C   A 1 2  ? -9.522  -5.176  -10.818 1.00 63.23  ? 2  C   A "C2'" 1 
ATOM   45   O  "O2'" . C   A 1 2  ? -10.805 -4.622  -10.668 1.00 60.98  ? 2  C   A "O2'" 1 
ATOM   46   C  "C1'" . C   A 1 2  ? -9.667  -6.652  -11.169 1.00 62.06  ? 2  C   A "C1'" 1 
ATOM   47   N  N1    . C   A 1 2  ? -8.633  -7.457  -10.523 1.00 62.32  ? 2  C   A N1    1 
ATOM   48   C  C2    . C   A 1 2  ? -8.773  -7.686  -9.171  1.00 62.47  ? 2  C   A C2    1 
ATOM   49   O  O2    . C   A 1 2  ? -9.789  -7.234  -8.593  1.00 62.72  ? 2  C   A O2    1 
ATOM   50   N  N3    . C   A 1 2  ? -7.820  -8.396  -8.512  1.00 60.50  ? 2  C   A N3    1 
ATOM   51   C  C4    . C   A 1 2  ? -6.782  -8.905  -9.185  1.00 63.42  ? 2  C   A C4    1 
ATOM   52   N  N4    . C   A 1 2  ? -5.876  -9.633  -8.507  1.00 66.09  ? 2  C   A N4    1 
ATOM   53   C  C5    . C   A 1 2  ? -6.623  -8.698  -10.580 1.00 65.44  ? 2  C   A C5    1 
ATOM   54   C  C6    . C   A 1 2  ? -7.563  -7.969  -11.207 1.00 62.07  ? 2  C   A C6    1 
ATOM   55   P  P     . C   A 1 3  ? -7.576  -2.322  -11.756 1.00 61.52  ? 3  C   A P     1 
ATOM   56   O  OP1   . C   A 1 3  ? -7.658  -1.009  -12.442 1.00 58.29  ? 3  C   A OP1   1 
ATOM   57   O  OP2   . C   A 1 3  ? -6.345  -3.121  -11.890 1.00 61.69  ? 3  C   A OP2   1 
ATOM   58   O  "O5'" . C   A 1 3  ? -7.797  -2.088  -10.199 1.00 56.04  ? 3  C   A "O5'" 1 
ATOM   59   C  "C5'" . C   A 1 3  ? -8.970  -1.456  -9.742  1.00 55.70  ? 3  C   A "C5'" 1 
ATOM   60   C  "C4'" . C   A 1 3  ? -9.012  -1.435  -8.241  1.00 54.65  ? 3  C   A "C4'" 1 
ATOM   61   O  "O4'" . C   A 1 3  ? -9.196  -2.771  -7.742  1.00 55.30  ? 3  C   A "O4'" 1 
ATOM   62   C  "C3'" . C   A 1 3  ? -7.757  -0.951  -7.557  1.00 56.60  ? 3  C   A "C3'" 1 
ATOM   63   O  "O3'" . C   A 1 3  ? -7.766  0.451   -7.492  1.00 56.01  ? 3  C   A "O3'" 1 
ATOM   64   C  "C2'" . C   A 1 3  ? -7.892  -1.571  -6.178  1.00 59.54  ? 3  C   A "C2'" 1 
ATOM   65   O  "O2'" . C   A 1 3  ? -8.815  -0.855  -5.382  1.00 63.54  ? 3  C   A "O2'" 1 
ATOM   66   C  "C1'" . C   A 1 3  ? -8.487  -2.930  -6.533  1.00 59.10  ? 3  C   A "C1'" 1 
ATOM   67   N  N1    . C   A 1 3  ? -7.470  -3.951  -6.758  1.00 61.38  ? 3  C   A N1    1 
ATOM   68   C  C2    . C   A 1 3  ? -6.952  -4.641  -5.672  1.00 61.85  ? 3  C   A C2    1 
ATOM   69   O  O2    . C   A 1 3  ? -7.348  -4.341  -4.534  1.00 64.80  ? 3  C   A O2    1 
ATOM   70   N  N3    . C   A 1 3  ? -6.036  -5.605  -5.874  1.00 61.64  ? 3  C   A N3    1 
ATOM   71   C  C4    . C   A 1 3  ? -5.632  -5.888  -7.112  1.00 62.05  ? 3  C   A C4    1 
ATOM   72   N  N4    . C   A 1 3  ? -4.714  -6.845  -7.269  1.00 62.95  ? 3  C   A N4    1 
ATOM   73   C  C5    . C   A 1 3  ? -6.142  -5.193  -8.244  1.00 61.44  ? 3  C   A C5    1 
ATOM   74   C  C6    . C   A 1 3  ? -7.045  -4.242  -8.026  1.00 60.46  ? 3  C   A C6    1 
ATOM   75   P  P     . C   A 1 4  ? -6.403  1.236   -7.665  1.00 59.92  ? 4  C   A P     1 
ATOM   76   O  OP1   . C   A 1 4  ? -6.678  2.693   -7.788  1.00 65.16  ? 4  C   A OP1   1 
ATOM   77   O  OP2   . C   A 1 4  ? -5.679  0.532   -8.738  1.00 61.88  ? 4  C   A OP2   1 
ATOM   78   O  "O5'" . C   A 1 4  ? -5.654  0.951   -6.295  1.00 65.39  ? 4  C   A "O5'" 1 
ATOM   79   C  "C5'" . C   A 1 4  ? -6.300  1.193   -5.057  1.00 62.44  ? 4  C   A "C5'" 1 
ATOM   80   C  "C4'" . C   A 1 4  ? -5.465  0.651   -3.932  1.00 64.10  ? 4  C   A "C4'" 1 
ATOM   81   O  "O4'" . C   A 1 4  ? -5.477  -0.802  -3.968  1.00 64.75  ? 4  C   A "O4'" 1 
ATOM   82   C  "C3'" . C   A 1 4  ? -3.990  0.996   -4.065  1.00 64.99  ? 4  C   A "C3'" 1 
ATOM   83   O  "O3'" . C   A 1 4  ? -3.736  2.262   -3.476  1.00 66.67  ? 4  C   A "O3'" 1 
ATOM   84   C  "C2'" . C   A 1 4  ? -3.323  -0.093  -3.240  1.00 64.04  ? 4  C   A "C2'" 1 
ATOM   85   O  "O2'" . C   A 1 4  ? -3.328  0.202   -1.867  1.00 69.73  ? 4  C   A "O2'" 1 
ATOM   86   C  "C1'" . C   A 1 4  ? -4.226  -1.296  -3.503  1.00 65.09  ? 4  C   A "C1'" 1 
ATOM   87   N  N1    . C   A 1 4  ? -3.667  -2.248  -4.461  1.00 64.02  ? 4  C   A N1    1 
ATOM   88   C  C2    . C   A 1 4  ? -2.974  -3.343  -3.971  1.00 63.40  ? 4  C   A C2    1 
ATOM   89   O  O2    . C   A 1 4  ? -2.865  -3.467  -2.753  1.00 65.32  ? 4  C   A O2    1 
ATOM   90   N  N3    . C   A 1 4  ? -2.443  -4.229  -4.813  1.00 61.92  ? 4  C   A N3    1 
ATOM   91   C  C4    . C   A 1 4  ? -2.569  -4.056  -6.122  1.00 60.57  ? 4  C   A C4    1 
ATOM   92   N  N4    . C   A 1 4  ? -1.998  -4.956  -6.922  1.00 60.58  ? 4  C   A N4    1 
ATOM   93   C  C5    . C   A 1 4  ? -3.277  -2.947  -6.666  1.00 63.24  ? 4  C   A C5    1 
ATOM   94   C  C6    . C   A 1 4  ? -3.804  -2.075  -5.808  1.00 65.88  ? 4  C   A C6    1 
ATOM   95   P  P     . A   A 1 5  ? -2.790  3.311   -4.221  1.00 70.79  ? 5  A   A P     1 
ATOM   96   O  OP1   . A   A 1 5  ? -2.879  4.559   -3.435  1.00 66.89  ? 5  A   A OP1   1 
ATOM   97   O  OP2   . A   A 1 5  ? -3.139  3.334   -5.646  1.00 68.52  ? 5  A   A OP2   1 
ATOM   98   O  "O5'" . A   A 1 5  ? -1.338  2.691   -4.091  1.00 63.46  ? 5  A   A "O5'" 1 
ATOM   99   C  "C5'" . A   A 1 5  ? -0.673  2.731   -2.859  1.00 64.75  ? 5  A   A "C5'" 1 
ATOM   100  C  "C4'" . A   A 1 5  ? 0.534   1.855   -2.909  1.00 65.63  ? 5  A   A "C4'" 1 
ATOM   101  O  "O4'" . A   A 1 5  ? 0.119   0.507   -3.216  1.00 70.63  ? 5  A   A "O4'" 1 
ATOM   102  C  "C3'" . A   A 1 5  ? 1.564   2.190   -3.977  1.00 64.85  ? 5  A   A "C3'" 1 
ATOM   103  O  "O3'" . A   A 1 5  ? 2.434   3.203   -3.485  1.00 64.25  ? 5  A   A "O3'" 1 
ATOM   104  C  "C2'" . A   A 1 5  ? 2.281   0.858   -4.161  1.00 66.54  ? 5  A   A "C2'" 1 
ATOM   105  O  "O2'" . A   A 1 5  ? 3.222   0.619   -3.121  1.00 68.49  ? 5  A   A "O2'" 1 
ATOM   106  C  "C1'" . A   A 1 5  ? 1.110   -0.119  -4.012  1.00 69.13  ? 5  A   A "C1'" 1 
ATOM   107  N  N9    . A   A 1 5  ? 0.502   -0.398  -5.291  1.00 72.01  ? 5  A   A N9    1 
ATOM   108  C  C8    . A   A 1 5  ? -0.495  0.338   -5.874  1.00 73.98  ? 5  A   A C8    1 
ATOM   109  N  N7    . A   A 1 5  ? -0.855  -0.106  -7.050  1.00 76.74  ? 5  A   A N7    1 
ATOM   110  C  C5    . A   A 1 5  ? -0.042  -1.213  -7.258  1.00 73.53  ? 5  A   A C5    1 
ATOM   111  C  C6    . A   A 1 5  ? 0.065   -2.118  -8.320  1.00 73.01  ? 5  A   A C6    1 
ATOM   112  N  N6    . A   A 1 5  ? -0.661  -2.017  -9.440  1.00 74.67  ? 5  A   A N6    1 
ATOM   113  N  N1    . A   A 1 5  ? 0.955   -3.134  -8.203  1.00 72.32  ? 5  A   A N1    1 
ATOM   114  C  C2    . A   A 1 5  ? 1.695   -3.213  -7.085  1.00 72.85  ? 5  A   A C2    1 
ATOM   115  N  N3    . A   A 1 5  ? 1.697   -2.408  -6.019  1.00 73.95  ? 5  A   A N3    1 
ATOM   116  C  C4    . A   A 1 5  ? 0.792   -1.417  -6.173  1.00 73.39  ? 5  A   A C4    1 
ATOM   117  P  P     . G   A 1 6  ? 4.733   0.178   -3.468  1.00 66.76  ? 6  G   A P     1 
ATOM   118  O  OP1   . G   A 1 6  ? 4.813   -1.278  -3.299  1.00 65.95  ? 6  G   A OP1   1 
ATOM   119  O  OP2   . G   A 1 6  ? 5.036   0.760   -4.797  1.00 71.31  ? 6  G   A OP2   1 
ATOM   120  O  "O5'" . G   A 1 6  ? 5.637   0.839   -2.309  1.00 69.22  ? 6  G   A "O5'" 1 
ATOM   121  C  "C5'" . G   A 1 6  ? 5.821   2.260   -2.235  1.00 66.44  ? 6  G   A "C5'" 1 
ATOM   122  C  "C4'" . G   A 1 6  ? 7.019   2.648   -1.368  1.00 67.20  ? 6  G   A "C4'" 1 
ATOM   123  O  "O4'" . G   A 1 6  ? 6.674   2.698   0.040   1.00 64.09  ? 6  G   A "O4'" 1 
ATOM   124  C  "C3'" . G   A 1 6  ? 8.161   1.639   -1.490  1.00 66.96  ? 6  G   A "C3'" 1 
ATOM   125  O  "O3'" . G   A 1 6  ? 9.418   2.313   -1.546  1.00 74.61  ? 6  G   A "O3'" 1 
ATOM   126  C  "C2'" . G   A 1 6  ? 8.025   0.732   -0.274  1.00 67.36  ? 6  G   A "C2'" 1 
ATOM   127  O  "O2'" . G   A 1 6  ? 9.260   0.314   0.266   1.00 75.02  ? 6  G   A "O2'" 1 
ATOM   128  C  "C1'" . G   A 1 6  ? 7.386   1.701   0.712   1.00 64.31  ? 6  G   A "C1'" 1 
ATOM   129  N  N9    . G   A 1 6  ? 6.680   1.238   1.885   1.00 65.60  ? 6  G   A N9    1 
ATOM   130  C  C8    . G   A 1 6  ? 6.442   1.950   3.034   1.00 67.24  ? 6  G   A C8    1 
ATOM   131  N  N7    . G   A 1 6  ? 5.868   1.238   3.966   1.00 65.82  ? 6  G   A N7    1 
ATOM   132  C  C5    . G   A 1 6  ? 5.700   -0.004  3.381   1.00 65.01  ? 6  G   A C5    1 
ATOM   133  C  C6    . G   A 1 6  ? 5.145   -1.214  3.895   1.00 64.86  ? 6  G   A C6    1 
ATOM   134  O  O6    . G   A 1 6  ? 4.701   -1.443  5.032   1.00 64.10  ? 6  G   A O6    1 
ATOM   135  N  N1    . G   A 1 6  ? 5.154   -2.224  2.948   1.00 64.35  ? 6  G   A N1    1 
ATOM   136  C  C2    . G   A 1 6  ? 5.652   -2.106  1.679   1.00 66.04  ? 6  G   A C2    1 
ATOM   137  N  N2    . G   A 1 6  ? 5.561   -3.183  0.902   1.00 65.52  ? 6  G   A N2    1 
ATOM   138  N  N3    . G   A 1 6  ? 6.197   -1.011  1.197   1.00 65.95  ? 6  G   A N3    1 
ATOM   139  C  C4    . G   A 1 6  ? 6.179   -0.015  2.091   1.00 65.23  ? 6  G   A C4    1 
ATOM   140  P  P     . U   A 1 7  ? 10.331  2.245   -2.862  1.00 78.87  ? 7  U   A P     1 
ATOM   141  O  OP1   . U   A 1 7  ? 11.482  3.142   -2.656  1.00 76.36  ? 7  U   A OP1   1 
ATOM   142  O  OP2   . U   A 1 7  ? 9.461   2.451   -4.030  1.00 80.18  ? 7  U   A OP2   1 
ATOM   143  O  "O5'" . U   A 1 7  ? 10.883  0.754   -2.850  1.00 74.25  ? 7  U   A "O5'" 1 
ATOM   144  C  "C5'" . U   A 1 7  ? 11.805  0.348   -1.843  1.00 78.95  ? 7  U   A "C5'" 1 
ATOM   145  C  "C4'" . U   A 1 7  ? 12.702  -0.759  -2.348  1.00 82.24  ? 7  U   A "C4'" 1 
ATOM   146  O  "O4'" . U   A 1 7  ? 11.980  -2.009  -2.350  1.00 86.57  ? 7  U   A "O4'" 1 
ATOM   147  C  "C3'" . U   A 1 7  ? 13.197  -0.588  -3.768  1.00 84.52  ? 7  U   A "C3'" 1 
ATOM   148  O  "O3'" . U   A 1 7  ? 14.383  0.181   -3.753  1.00 88.07  ? 7  U   A "O3'" 1 
ATOM   149  C  "C2'" . U   A 1 7  ? 13.485  -2.020  -4.187  1.00 86.06  ? 7  U   A "C2'" 1 
ATOM   150  O  "O2'" . U   A 1 7  ? 14.735  -2.454  -3.721  1.00 84.47  ? 7  U   A "O2'" 1 
ATOM   151  C  "C1'" . U   A 1 7  ? 12.375  -2.786  -3.464  1.00 86.80  ? 7  U   A "C1'" 1 
ATOM   152  N  N1    . U   A 1 7  ? 11.196  -3.015  -4.303  1.00 88.22  ? 7  U   A N1    1 
ATOM   153  C  C2    . U   A 1 7  ? 11.285  -3.987  -5.276  1.00 89.62  ? 7  U   A C2    1 
ATOM   154  O  O2    . U   A 1 7  ? 12.290  -4.647  -5.454  1.00 90.04  ? 7  U   A O2    1 
ATOM   155  N  N3    . U   A 1 7  ? 10.151  -4.154  -6.037  1.00 89.95  ? 7  U   A N3    1 
ATOM   156  C  C4    . U   A 1 7  ? 8.957   -3.463  -5.911  1.00 88.88  ? 7  U   A C4    1 
ATOM   157  O  O4    . U   A 1 7  ? 8.011   -3.750  -6.645  1.00 88.76  ? 7  U   A O4    1 
ATOM   158  C  C5    . U   A 1 7  ? 8.947   -2.477  -4.877  1.00 87.93  ? 7  U   A C5    1 
ATOM   159  C  C6    . U   A 1 7  ? 10.037  -2.292  -4.126  1.00 88.07  ? 7  U   A C6    1 
ATOM   160  P  P     . C   A 1 8  ? 14.894  0.877   -5.095  1.00 91.81  ? 8  C   A P     1 
ATOM   161  O  OP1   . C   A 1 8  ? 16.329  1.180   -4.918  1.00 91.09  ? 8  C   A OP1   1 
ATOM   162  O  OP2   . C   A 1 8  ? 13.957  1.965   -5.435  1.00 90.99  ? 8  C   A OP2   1 
ATOM   163  O  "O5'" . C   A 1 8  ? 14.788  -0.274  -6.176  1.00 90.34  ? 8  C   A "O5'" 1 
ATOM   164  C  "C5'" . C   A 1 8  ? 15.781  -1.276  -6.224  1.00 95.22  ? 8  C   A "C5'" 1 
ATOM   165  C  "C4'" . C   A 1 8  ? 15.559  -2.157  -7.414  1.00 98.80  ? 8  C   A "C4'" 1 
ATOM   166  O  "O4'" . C   A 1 8  ? 14.346  -2.922  -7.209  1.00 97.87  ? 8  C   A "O4'" 1 
ATOM   167  C  "C3'" . C   A 1 8  ? 15.288  -1.397  -8.698  1.00 100.17 ? 8  C   A "C3'" 1 
ATOM   168  O  "O3'" . C   A 1 8  ? 16.488  -0.980  -9.303  1.00 105.58 ? 8  C   A "O3'" 1 
ATOM   169  C  "C2'" . C   A 1 8  ? 14.546  -2.426  -9.526  1.00 97.04  ? 8  C   A "C2'" 1 
ATOM   170  O  "O2'" . C   A 1 8  ? 15.412  -3.364  -10.123 1.00 95.93  ? 8  C   A "O2'" 1 
ATOM   171  C  "C1'" . C   A 1 8  ? 13.684  -3.087  -8.450  1.00 95.75  ? 8  C   A "C1'" 1 
ATOM   172  N  N1    . C   A 1 8  ? 12.396  -2.410  -8.379  1.00 95.64  ? 8  C   A N1    1 
ATOM   173  C  C2    . C   A 1 8  ? 11.358  -2.884  -9.175  1.00 96.21  ? 8  C   A C2    1 
ATOM   174  O  O2    . C   A 1 8  ? 11.558  -3.894  -9.860  1.00 98.54  ? 8  C   A O2    1 
ATOM   175  N  N3    . C   A 1 8  ? 10.173  -2.247  -9.183  1.00 94.91  ? 8  C   A N3    1 
ATOM   176  C  C4    . C   A 1 8  ? 9.999   -1.170  -8.421  1.00 92.97  ? 8  C   A C4    1 
ATOM   177  N  N4    . C   A 1 8  ? 8.824   -0.544  -8.489  1.00 91.10  ? 8  C   A N4    1 
ATOM   178  C  C5    . C   A 1 8  ? 11.029  -0.677  -7.563  1.00 93.05  ? 8  C   A C5    1 
ATOM   179  C  C6    . C   A 1 8  ? 12.199  -1.319  -7.575  1.00 94.29  ? 8  C   A C6    1 
ATOM   180  P  P     . C   A 1 9  ? 16.496  0.373   -10.148 1.00 110.94 ? 9  C   A P     1 
ATOM   181  O  OP1   . C   A 1 9  ? 17.905  0.700   -10.506 1.00 110.85 ? 9  C   A OP1   1 
ATOM   182  O  OP2   . C   A 1 9  ? 15.693  1.341   -9.360  1.00 109.63 ? 9  C   A OP2   1 
ATOM   183  O  "O5'" . C   A 1 9  ? 15.686  -0.024  -11.459 1.00 111.90 ? 9  C   A "O5'" 1 
ATOM   184  C  "C5'" . C   A 1 9  ? 16.076  -1.155  -12.233 1.00 115.11 ? 9  C   A "C5'" 1 
ATOM   185  C  "C4'" . C   A 1 9  ? 15.130  -1.351  -13.391 1.00 119.27 ? 9  C   A "C4'" 1 
ATOM   186  O  "O4'" . C   A 1 9  ? 13.863  -1.853  -12.888 1.00 117.25 ? 9  C   A "O4'" 1 
ATOM   187  C  "C3'" . C   A 1 9  ? 14.758  -0.097  -14.176 1.00 123.45 ? 9  C   A "C3'" 1 
ATOM   188  O  "O3'" . C   A 1 9  ? 15.716  0.322   -15.152 1.00 128.49 ? 9  C   A "O3'" 1 
ATOM   189  C  "C2'" . C   A 1 9  ? 13.425  -0.500  -14.792 1.00 121.46 ? 9  C   A "C2'" 1 
ATOM   190  O  "O2'" . C   A 1 9  ? 13.548  -1.298  -15.956 1.00 122.10 ? 9  C   A "O2'" 1 
ATOM   191  C  "C1'" . C   A 1 9  ? 12.799  -1.285  -13.637 1.00 118.50 ? 9  C   A "C1'" 1 
ATOM   192  N  N1    . C   A 1 9  ? 12.080  -0.348  -12.754 1.00 115.56 ? 9  C   A N1    1 
ATOM   193  C  C2    . C   A 1 9  ? 10.870  0.178   -13.195 1.00 114.57 ? 9  C   A C2    1 
ATOM   194  O  O2    . C   A 1 9  ? 10.421  -0.187  -14.289 1.00 114.98 ? 9  C   A O2    1 
ATOM   195  N  N3    . C   A 1 9  ? 10.217  1.074   -12.418 1.00 113.22 ? 9  C   A N3    1 
ATOM   196  C  C4    . C   A 1 9  ? 10.735  1.444   -11.246 1.00 112.43 ? 9  C   A C4    1 
ATOM   197  N  N4    . C   A 1 9  ? 10.063  2.336   -10.520 1.00 109.36 ? 9  C   A N4    1 
ATOM   198  C  C5    . C   A 1 9  ? 11.966  0.911   -10.768 1.00 113.01 ? 9  C   A C5    1 
ATOM   199  C  C6    . C   A 1 9  ? 12.600  0.018   -11.545 1.00 114.25 ? 9  C   A C6    1 
ATOM   200  P  P     . A   A 1 10 ? 15.626  1.815   -15.756 1.00 131.97 ? 10 A   A P     1 
ATOM   201  O  OP1   . A   A 1 10 ? 16.720  1.999   -16.730 1.00 132.65 ? 10 A   A OP1   1 
ATOM   202  O  OP2   . A   A 1 10 ? 15.458  2.800   -14.653 1.00 130.13 ? 10 A   A OP2   1 
ATOM   203  O  "O5'" . A   A 1 10 ? 14.270  1.783   -16.580 1.00 133.94 ? 10 A   A "O5'" 1 
ATOM   204  C  "C5'" . A   A 1 10 ? 14.246  1.402   -17.951 1.00 139.21 ? 10 A   A "C5'" 1 
ATOM   205  C  "C4'" . A   A 1 10 ? 13.142  2.152   -18.649 1.00 142.29 ? 10 A   A "C4'" 1 
ATOM   206  O  "O4'" . A   A 1 10 ? 11.883  1.831   -17.992 1.00 143.84 ? 10 A   A "O4'" 1 
ATOM   207  C  "C3'" . A   A 1 10 ? 13.225  3.665   -18.560 1.00 143.07 ? 10 A   A "C3'" 1 
ATOM   208  O  "O3'" . A   A 1 10 ? 14.060  4.237   -19.546 1.00 143.55 ? 10 A   A "O3'" 1 
ATOM   209  C  "C2'" . A   A 1 10 ? 11.773  4.077   -18.738 1.00 143.31 ? 10 A   A "C2'" 1 
ATOM   210  O  "O2'" . A   A 1 10 ? 11.368  4.036   -20.093 1.00 141.47 ? 10 A   A "O2'" 1 
ATOM   211  C  "C1'" . A   A 1 10 ? 11.066  2.993   -17.924 1.00 143.65 ? 10 A   A "C1'" 1 
ATOM   212  N  N9    . A   A 1 10 ? 10.998  3.399   -16.519 1.00 143.68 ? 10 A   A N9    1 
ATOM   213  C  C8    . A   A 1 10 ? 11.880  3.080   -15.518 1.00 143.97 ? 10 A   A C8    1 
ATOM   214  N  N7    . A   A 1 10 ? 11.588  3.620   -14.361 1.00 143.98 ? 10 A   A N7    1 
ATOM   215  C  C5    . A   A 1 10 ? 10.430  4.336   -14.612 1.00 143.18 ? 10 A   A C5    1 
ATOM   216  C  C6    . A   A 1 10 ? 9.622   5.132   -13.792 1.00 142.75 ? 10 A   A C6    1 
ATOM   217  N  N6    . A   A 1 10 ? 9.872   5.355   -12.503 1.00 142.18 ? 10 A   A N6    1 
ATOM   218  N  N1    . A   A 1 10 ? 8.535   5.701   -14.348 1.00 142.98 ? 10 A   A N1    1 
ATOM   219  C  C2    . A   A 1 10 ? 8.291   5.482   -15.642 1.00 143.47 ? 10 A   A C2    1 
ATOM   220  N  N3    . A   A 1 10 ? 8.977   4.758   -16.521 1.00 143.20 ? 10 A   A N3    1 
ATOM   221  C  C4    . A   A 1 10 ? 10.048  4.203   -15.934 1.00 143.38 ? 10 A   A C4    1 
ATOM   222  P  P     . C   A 1 11 ? 14.615  5.722   -19.325 1.00 144.83 ? 11 C   A P     1 
ATOM   223  O  OP1   . C   A 1 11 ? 15.470  6.079   -20.480 1.00 145.05 ? 11 C   A OP1   1 
ATOM   224  O  OP2   . C   A 1 11 ? 15.175  5.761   -17.949 1.00 143.05 ? 11 C   A OP2   1 
ATOM   225  O  "O5'" . C   A 1 11 ? 13.313  6.641   -19.345 1.00 142.99 ? 11 C   A "O5'" 1 
ATOM   226  C  "C5'" . C   A 1 11 ? 12.463  6.699   -20.487 1.00 143.58 ? 11 C   A "C5'" 1 
ATOM   227  C  "C4'" . C   A 1 11 ? 11.228  7.505   -20.166 1.00 145.21 ? 11 C   A "C4'" 1 
ATOM   228  O  "O4'" . C   A 1 11 ? 10.531  6.878   -19.058 1.00 146.91 ? 11 C   A "O4'" 1 
ATOM   229  C  "C3'" . C   A 1 11 ? 11.479  8.921   -19.680 1.00 146.39 ? 11 C   A "C3'" 1 
ATOM   230  O  "O3'" . C   A 1 11 ? 11.661  9.828   -20.747 1.00 146.45 ? 11 C   A "O3'" 1 
ATOM   231  C  "C2'" . C   A 1 11 ? 10.218  9.224   -18.887 1.00 146.57 ? 11 C   A "C2'" 1 
ATOM   232  O  "O2'" . C   A 1 11 ? 9.118   9.589   -19.697 1.00 144.14 ? 11 C   A "O2'" 1 
ATOM   233  C  "C1'" . C   A 1 11 ? 9.974   7.875   -18.211 1.00 147.30 ? 11 C   A "C1'" 1 
ATOM   234  N  N1    . C   A 1 11 ? 10.679  7.806   -16.918 1.00 148.97 ? 11 C   A N1    1 
ATOM   235  C  C2    . C   A 1 11 ? 10.109  8.420   -15.802 1.00 148.93 ? 11 C   A C2    1 
ATOM   236  O  O2    . C   A 1 11 ? 9.016   8.980   -15.920 1.00 146.94 ? 11 C   A O2    1 
ATOM   237  N  N3    . C   A 1 11 ? 10.770  8.384   -14.616 1.00 149.66 ? 11 C   A N3    1 
ATOM   238  C  C4    . C   A 1 11 ? 11.949  7.763   -14.532 1.00 150.34 ? 11 C   A C4    1 
ATOM   239  N  N4    . C   A 1 11 ? 12.575  7.763   -13.350 1.00 150.76 ? 11 C   A N4    1 
ATOM   240  C  C5    . C   A 1 11 ? 12.543  7.118   -15.654 1.00 150.16 ? 11 C   A C5    1 
ATOM   241  C  C6    . C   A 1 11 ? 11.879  7.163   -16.815 1.00 149.63 ? 11 C   A C6    1 
ATOM   242  P  P     . C   A 1 12 ? 12.731  11.007  -20.590 1.00 147.74 ? 12 C   A P     1 
ATOM   243  O  OP1   . C   A 1 12 ? 13.095  11.477  -21.939 1.00 147.23 ? 12 C   A OP1   1 
ATOM   244  O  OP2   . C   A 1 12 ? 13.789  10.530  -19.669 1.00 146.97 ? 12 C   A OP2   1 
ATOM   245  O  "O5'" . C   A 1 12 ? 11.940  12.165  -19.832 1.00 143.78 ? 12 C   A "O5'" 1 
ATOM   246  C  "C5'" . C   A 1 12 ? 10.902  12.887  -20.479 1.00 140.60 ? 12 C   A "C5'" 1 
ATOM   247  C  "C4'" . C   A 1 12 ? 10.073  13.646  -19.466 1.00 141.48 ? 12 C   A "C4'" 1 
ATOM   248  O  "O4'" . C   A 1 12 ? 9.622   12.721  -18.433 1.00 142.21 ? 12 C   A "O4'" 1 
ATOM   249  C  "C3'" . C   A 1 12 ? 10.812  14.722  -18.678 1.00 141.83 ? 12 C   A "C3'" 1 
ATOM   250  O  "O3'" . C   A 1 12 ? 10.894  15.965  -19.375 1.00 141.73 ? 12 C   A "O3'" 1 
ATOM   251  C  "C2'" . C   A 1 12 ? 9.961   14.848  -17.418 1.00 142.24 ? 12 C   A "C2'" 1 
ATOM   252  O  "O2'" . C   A 1 12 ? 8.805   15.643  -17.606 1.00 140.30 ? 12 C   A "O2'" 1 
ATOM   253  C  "C1'" . C   A 1 12 ? 9.556   13.396  -17.177 1.00 142.17 ? 12 C   A "C1'" 1 
ATOM   254  N  N1    . C   A 1 12 ? 10.418  12.702  -16.188 1.00 141.86 ? 12 C   A N1    1 
ATOM   255  C  C2    . C   A 1 12 ? 10.154  12.895  -14.813 1.00 140.75 ? 12 C   A C2    1 
ATOM   256  O  O2    . C   A 1 12 ? 9.213   13.626  -14.468 1.00 138.56 ? 12 C   A O2    1 
ATOM   257  N  N3    . C   A 1 12 ? 10.939  12.273  -13.897 1.00 140.46 ? 12 C   A N3    1 
ATOM   258  C  C4    . C   A 1 12 ? 11.944  11.489  -14.298 1.00 141.33 ? 12 C   A C4    1 
ATOM   259  N  N4    . C   A 1 12 ? 12.689  10.890  -13.357 1.00 141.06 ? 12 C   A N4    1 
ATOM   260  C  C5    . C   A 1 12 ? 12.232  11.279  -15.684 1.00 141.66 ? 12 C   A C5    1 
ATOM   261  C  C6    . C   A 1 12 ? 11.448  11.899  -16.589 1.00 142.01 ? 12 C   A C6    1 
ATOM   262  P  P     . G   A 1 13 ? 11.922  17.097  -18.870 1.00 139.90 ? 13 G   A P     1 
ATOM   263  O  OP1   . G   A 1 13 ? 11.777  18.285  -19.757 1.00 141.74 ? 13 G   A OP1   1 
ATOM   264  O  OP2   . G   A 1 13 ? 13.255  16.452  -18.712 1.00 140.25 ? 13 G   A OP2   1 
ATOM   265  O  "O5'" . G   A 1 13 ? 11.378  17.501  -17.428 1.00 138.18 ? 13 G   A "O5'" 1 
ATOM   266  C  "C5'" . G   A 1 13 ? 10.375  18.501  -17.287 1.00 134.99 ? 13 G   A "C5'" 1 
ATOM   267  C  "C4'" . G   A 1 13 ? 10.337  19.009  -15.869 1.00 134.46 ? 13 G   A "C4'" 1 
ATOM   268  O  "O4'" . G   A 1 13 ? 9.895   17.941  -14.987 1.00 133.97 ? 13 G   A "O4'" 1 
ATOM   269  C  "C3'" . G   A 1 13 ? 11.683  19.417  -15.295 1.00 134.19 ? 13 G   A "C3'" 1 
ATOM   270  O  "O3'" . G   A 1 13 ? 12.260  20.636  -15.761 1.00 135.31 ? 13 G   A "O3'" 1 
ATOM   271  C  "C2'" . G   A 1 13 ? 11.440  19.295  -13.798 1.00 134.37 ? 13 G   A "C2'" 1 
ATOM   272  O  "O2'" . G   A 1 13 ? 10.698  20.376  -13.282 1.00 132.99 ? 13 G   A "O2'" 1 
ATOM   273  C  "C1'" . G   A 1 13 ? 10.572  18.039  -13.740 1.00 132.78 ? 13 G   A "C1'" 1 
ATOM   274  N  N9    . G   A 1 13 ? 11.389  16.843  -13.540 1.00 131.25 ? 13 G   A N9    1 
ATOM   275  C  C8    . G   A 1 13 ? 11.947  16.036  -14.508 1.00 130.24 ? 13 G   A C8    1 
ATOM   276  N  N7    . G   A 1 13 ? 12.652  15.051  -14.014 1.00 129.31 ? 13 G   A N7    1 
ATOM   277  C  C5    . G   A 1 13 ? 12.556  15.211  -12.638 1.00 129.37 ? 13 G   A C5    1 
ATOM   278  C  C6    . G   A 1 13 ? 13.120  14.446  -11.581 1.00 128.89 ? 13 G   A C6    1 
ATOM   279  O  O6    . G   A 1 13 ? 13.846  13.433  -11.655 1.00 129.16 ? 13 G   A O6    1 
ATOM   280  N  N1    . G   A 1 13 ? 12.763  14.961  -10.335 1.00 128.39 ? 13 G   A N1    1 
ATOM   281  C  C2    . G   A 1 13 ? 11.973  16.074  -10.131 1.00 128.43 ? 13 G   A C2    1 
ATOM   282  N  N2    . G   A 1 13 ? 11.744  16.415  -8.855  1.00 127.47 ? 13 G   A N2    1 
ATOM   283  N  N3    . G   A 1 13 ? 11.441  16.793  -11.107 1.00 128.76 ? 13 G   A N3    1 
ATOM   284  C  C4    . G   A 1 13 ? 11.775  16.310  -12.325 1.00 129.98 ? 13 G   A C4    1 
ATOM   285  O  "O5'" . C   B 2 1  ? 13.502  11.861  -1.829  1.00 136.58 ? 2  C   B "O5'" 1 
ATOM   286  C  "C5'" . C   B 2 1  ? 13.237  13.027  -1.056  1.00 138.19 ? 2  C   B "C5'" 1 
ATOM   287  C  "C4'" . C   B 2 1  ? 12.727  14.197  -1.862  1.00 140.43 ? 2  C   B "C4'" 1 
ATOM   288  O  "O4'" . C   B 2 1  ? 13.729  14.562  -2.853  1.00 140.74 ? 2  C   B "O4'" 1 
ATOM   289  C  "C3'" . C   B 2 1  ? 11.501  13.914  -2.717  1.00 143.37 ? 2  C   B "C3'" 1 
ATOM   290  O  "O3'" . C   B 2 1  ? 10.258  13.907  -2.034  1.00 147.54 ? 2  C   B "O3'" 1 
ATOM   291  C  "C2'" . C   B 2 1  ? 11.583  15.002  -3.778  1.00 140.87 ? 2  C   B "C2'" 1 
ATOM   292  O  "O2'" . C   B 2 1  ? 11.142  16.271  -3.334  1.00 138.88 ? 2  C   B "O2'" 1 
ATOM   293  C  "C1'" . C   B 2 1  ? 13.085  15.034  -4.036  1.00 138.63 ? 2  C   B "C1'" 1 
ATOM   294  N  N1    . C   B 2 1  ? 13.441  14.183  -5.190  1.00 136.71 ? 2  C   B N1    1 
ATOM   295  C  C2    . C   B 2 1  ? 13.130  14.658  -6.467  1.00 135.04 ? 2  C   B C2    1 
ATOM   296  O  O2    . C   B 2 1  ? 12.585  15.771  -6.573  1.00 132.71 ? 2  C   B O2    1 
ATOM   297  N  N3    . C   B 2 1  ? 13.423  13.899  -7.555  1.00 133.68 ? 2  C   B N3    1 
ATOM   298  C  C4    . C   B 2 1  ? 14.012  12.709  -7.396  1.00 134.21 ? 2  C   B C4    1 
ATOM   299  N  N4    . C   B 2 1  ? 14.292  11.988  -8.499  1.00 132.44 ? 2  C   B N4    1 
ATOM   300  C  C5    . C   B 2 1  ? 14.343  12.196  -6.110  1.00 134.89 ? 2  C   B C5    1 
ATOM   301  C  C6    . C   B 2 1  ? 14.045  12.962  -5.043  1.00 135.94 ? 2  C   B C6    1 
ATOM   302  P  P     . G   B 2 2  ? 9.054   13.008  -2.617  1.00 149.02 ? 3  G   B P     1 
ATOM   303  O  OP1   . G   B 2 2  ? 8.014   12.894  -1.568  1.00 148.85 ? 3  G   B OP1   1 
ATOM   304  O  OP2   . G   B 2 2  ? 9.652   11.770  -3.190  1.00 145.85 ? 3  G   B OP2   1 
ATOM   305  O  "O5'" . G   B 2 2  ? 8.463   13.873  -3.823  1.00 144.59 ? 3  G   B "O5'" 1 
ATOM   306  C  "C5'" . G   B 2 2  ? 7.639   15.008  -3.569  1.00 139.52 ? 3  G   B "C5'" 1 
ATOM   307  C  "C4'" . G   B 2 2  ? 7.246   15.686  -4.857  1.00 138.65 ? 3  G   B "C4'" 1 
ATOM   308  O  "O4'" . G   B 2 2  ? 8.459   16.011  -5.591  1.00 136.17 ? 3  G   B "O4'" 1 
ATOM   309  C  "C3'" . G   B 2 2  ? 6.468   14.839  -5.852  1.00 140.25 ? 3  G   B "C3'" 1 
ATOM   310  O  "O3'" . G   B 2 2  ? 5.077   14.685  -5.599  1.00 142.55 ? 3  G   B "O3'" 1 
ATOM   311  C  "C2'" . G   B 2 2  ? 6.751   15.545  -7.170  1.00 137.65 ? 3  G   B "C2'" 1 
ATOM   312  O  "O2'" . G   B 2 2  ? 5.990   16.709  -7.415  1.00 136.42 ? 3  G   B "O2'" 1 
ATOM   313  C  "C1'" . G   B 2 2  ? 8.219   15.898  -6.991  1.00 134.37 ? 3  G   B "C1'" 1 
ATOM   314  N  N9    . G   B 2 2  ? 8.986   14.793  -7.540  1.00 131.28 ? 3  G   B N9    1 
ATOM   315  C  C8    . G   B 2 2  ? 9.723   13.842  -6.873  1.00 130.39 ? 3  G   B C8    1 
ATOM   316  N  N7    . G   B 2 2  ? 10.259  12.956  -7.674  1.00 129.08 ? 3  G   B N7    1 
ATOM   317  C  C5    . G   B 2 2  ? 9.861   13.354  -8.940  1.00 129.46 ? 3  G   B C5    1 
ATOM   318  C  C6    . G   B 2 2  ? 10.133  12.786  -10.226 1.00 129.22 ? 3  G   B C6    1 
ATOM   319  O  O6    . G   B 2 2  ? 10.814  11.788  -10.501 1.00 128.66 ? 3  G   B O6    1 
ATOM   320  N  N1    . G   B 2 2  ? 9.520   13.508  -11.248 1.00 128.54 ? 3  G   B N1    1 
ATOM   321  C  C2    . G   B 2 2  ? 8.742   14.629  -11.068 1.00 128.68 ? 3  G   B C2    1 
ATOM   322  N  N2    . G   B 2 2  ? 8.223   15.182  -12.178 1.00 128.09 ? 3  G   B N2    1 
ATOM   323  N  N3    . G   B 2 2  ? 8.489   15.171  -9.884  1.00 128.35 ? 3  G   B N3    1 
ATOM   324  C  C4    . G   B 2 2  ? 9.075   14.484  -8.880  1.00 129.76 ? 3  G   B C4    1 
ATOM   325  P  P     . G   B 2 3  ? 4.273   13.515  -6.365  1.00 143.84 ? 4  G   B P     1 
ATOM   326  O  OP1   . G   B 2 3  ? 2.822   13.644  -6.106  1.00 142.96 ? 4  G   B OP1   1 
ATOM   327  O  OP2   . G   B 2 3  ? 4.949   12.225  -6.088  1.00 142.08 ? 4  G   B OP2   1 
ATOM   328  O  "O5'" . G   B 2 3  ? 4.546   13.831  -7.902  1.00 142.50 ? 4  G   B "O5'" 1 
ATOM   329  C  "C5'" . G   B 2 3  ? 3.950   14.959  -8.535  1.00 141.99 ? 4  G   B "C5'" 1 
ATOM   330  C  "C4'" . G   B 2 3  ? 3.698   14.646  -9.982  1.00 143.03 ? 4  G   B "C4'" 1 
ATOM   331  O  "O4'" . G   B 2 3  ? 4.957   14.636  -10.704 1.00 142.84 ? 4  G   B "O4'" 1 
ATOM   332  C  "C3'" . G   B 2 3  ? 3.163   13.249  -10.205 1.00 144.59 ? 4  G   B "C3'" 1 
ATOM   333  O  "O3'" . G   B 2 3  ? 1.785   13.115  -9.951  1.00 146.55 ? 4  G   B "O3'" 1 
ATOM   334  C  "C2'" . G   B 2 3  ? 3.548   12.977  -11.649 1.00 143.97 ? 4  G   B "C2'" 1 
ATOM   335  O  "O2'" . G   B 2 3  ? 2.684   13.593  -12.581 1.00 143.86 ? 4  G   B "O2'" 1 
ATOM   336  C  "C1'" . G   B 2 3  ? 4.930   13.621  -11.698 1.00 142.17 ? 4  G   B "C1'" 1 
ATOM   337  N  N9    . G   B 2 3  ? 5.928   12.622  -11.337 1.00 140.71 ? 4  G   B N9    1 
ATOM   338  C  C8    . G   B 2 3  ? 6.305   12.258  -10.069 1.00 139.96 ? 4  G   B C8    1 
ATOM   339  N  N7    . G   B 2 3  ? 7.213   11.323  -10.058 1.00 139.92 ? 4  G   B N7    1 
ATOM   340  C  C5    . G   B 2 3  ? 7.452   11.057  -11.402 1.00 139.76 ? 4  G   B C5    1 
ATOM   341  C  C6    . G   B 2 3  ? 8.348   10.138  -12.020 1.00 139.35 ? 4  G   B C6    1 
ATOM   342  O  O6    . G   B 2 3  ? 9.150   9.355   -11.488 1.00 137.98 ? 4  G   B O6    1 
ATOM   343  N  N1    . G   B 2 3  ? 8.247   10.186  -13.406 1.00 138.49 ? 4  G   B N1    1 
ATOM   344  C  C2    . G   B 2 3  ? 7.409   11.020  -14.108 1.00 137.87 ? 4  G   B C2    1 
ATOM   345  N  N2    . G   B 2 3  ? 7.442   10.904  -15.446 1.00 136.37 ? 4  G   B N2    1 
ATOM   346  N  N3    . G   B 2 3  ? 6.588   11.890  -13.545 1.00 138.34 ? 4  G   B N3    1 
ATOM   347  C  C4    . G   B 2 3  ? 6.659   11.856  -12.200 1.00 139.72 ? 4  G   B C4    1 
ATOM   348  P  P     . U   B 2 4  ? 1.175   11.648  -9.784  1.00 148.38 ? 5  U   B P     1 
ATOM   349  O  OP1   . U   B 2 4  ? 0.060   11.693  -8.801  1.00 146.96 ? 5  U   B OP1   1 
ATOM   350  O  OP2   . U   B 2 4  ? 2.322   10.735  -9.554  1.00 146.91 ? 5  U   B OP2   1 
ATOM   351  O  "O5'" . U   B 2 4  ? 0.602   11.328  -11.231 1.00 144.74 ? 5  U   B "O5'" 1 
ATOM   352  C  "C5'" . U   B 2 4  ? 0.645   10.012  -11.753 1.00 140.29 ? 5  U   B "C5'" 1 
ATOM   353  C  "C4'" . U   B 2 4  ? 1.185   10.028  -13.160 1.00 138.13 ? 5  U   B "C4'" 1 
ATOM   354  O  "O4'" . U   B 2 4  ? 2.556   10.506  -13.151 1.00 137.57 ? 5  U   B "O4'" 1 
ATOM   355  C  "C3'" . U   B 2 4  ? 1.293   8.660   -13.797 1.00 137.08 ? 5  U   B "C3'" 1 
ATOM   356  O  "O3'" . U   B 2 4  ? 0.070   8.240   -14.344 1.00 137.41 ? 5  U   B "O3'" 1 
ATOM   357  C  "C2'" . U   B 2 4  ? 2.356   8.862   -14.857 1.00 136.34 ? 5  U   B "C2'" 1 
ATOM   358  O  "O2'" . U   B 2 4  ? 1.856   9.439   -16.039 1.00 133.00 ? 5  U   B "O2'" 1 
ATOM   359  C  "C1'" . U   B 2 4  ? 3.313   9.805   -14.129 1.00 138.30 ? 5  U   B "C1'" 1 
ATOM   360  N  N1    . U   B 2 4  ? 4.350   9.034   -13.432 1.00 140.11 ? 5  U   B N1    1 
ATOM   361  C  C2    . U   B 2 4  ? 5.128   8.186   -14.197 1.00 140.18 ? 5  U   B C2    1 
ATOM   362  O  O2    . U   B 2 4  ? 4.985   8.071   -15.408 1.00 139.06 ? 5  U   B O2    1 
ATOM   363  N  N3    . U   B 2 4  ? 6.070   7.471   -13.495 1.00 140.07 ? 5  U   B N3    1 
ATOM   364  C  C4    . U   B 2 4  ? 6.307   7.518   -12.133 1.00 139.97 ? 5  U   B C4    1 
ATOM   365  O  O4    . U   B 2 4  ? 7.190   6.805   -11.645 1.00 139.74 ? 5  U   B O4    1 
ATOM   366  C  C5    . U   B 2 4  ? 5.463   8.425   -11.411 1.00 139.99 ? 5  U   B C5    1 
ATOM   367  C  C6    . U   B 2 4  ? 4.538   9.138   -12.070 1.00 140.13 ? 5  U   B C6    1 
ATOM   368  P  P     . G   B 2 5  ? -0.396  6.735   -14.106 1.00 137.98 ? 6  G   B P     1 
ATOM   369  O  OP1   . G   B 2 5  ? -1.719  6.575   -14.738 1.00 137.10 ? 6  G   B OP1   1 
ATOM   370  O  OP2   . G   B 2 5  ? -0.234  6.459   -12.658 1.00 137.88 ? 6  G   B OP2   1 
ATOM   371  O  "O5'" . G   B 2 5  ? 0.677   5.895   -14.921 1.00 133.05 ? 6  G   B "O5'" 1 
ATOM   372  C  "C5'" . G   B 2 5  ? 0.752   6.036   -16.324 1.00 127.14 ? 6  G   B "C5'" 1 
ATOM   373  C  "C4'" . G   B 2 5  ? 1.674   5.007   -16.900 1.00 123.34 ? 6  G   B "C4'" 1 
ATOM   374  O  "O4'" . G   B 2 5  ? 3.041   5.418   -16.675 1.00 122.28 ? 6  G   B "O4'" 1 
ATOM   375  C  "C3'" . G   B 2 5  ? 1.599   3.649   -16.236 1.00 121.87 ? 6  G   B "C3'" 1 
ATOM   376  O  "O3'" . G   B 2 5  ? 0.526   2.864   -16.704 1.00 120.47 ? 6  G   B "O3'" 1 
ATOM   377  C  "C2'" . G   B 2 5  ? 2.946   3.051   -16.591 1.00 120.73 ? 6  G   B "C2'" 1 
ATOM   378  O  "O2'" . G   B 2 5  ? 2.995   2.567   -17.919 1.00 119.68 ? 6  G   B "O2'" 1 
ATOM   379  C  "C1'" . G   B 2 5  ? 3.844   4.273   -16.456 1.00 120.22 ? 6  G   B "C1'" 1 
ATOM   380  N  N9    . G   B 2 5  ? 4.406   4.334   -15.115 1.00 119.74 ? 6  G   B N9    1 
ATOM   381  C  C8    . G   B 2 5  ? 3.982   5.095   -14.056 1.00 119.42 ? 6  G   B C8    1 
ATOM   382  N  N7    . G   B 2 5  ? 4.697   4.913   -12.977 1.00 119.20 ? 6  G   B N7    1 
ATOM   383  C  C5    . G   B 2 5  ? 5.652   3.977   -13.350 1.00 118.89 ? 6  G   B C5    1 
ATOM   384  C  C6    . G   B 2 5  ? 6.711   3.388   -12.606 1.00 118.47 ? 6  G   B C6    1 
ATOM   385  O  O6    . G   B 2 5  ? 7.032   3.584   -11.426 1.00 117.97 ? 6  G   B O6    1 
ATOM   386  N  N1    . G   B 2 5  ? 7.438   2.489   -13.378 1.00 118.88 ? 6  G   B N1    1 
ATOM   387  C  C2    . G   B 2 5  ? 7.180   2.187   -14.693 1.00 119.22 ? 6  G   B C2    1 
ATOM   388  N  N2    . G   B 2 5  ? 7.998   1.281   -15.271 1.00 119.45 ? 6  G   B N2    1 
ATOM   389  N  N3    . G   B 2 5  ? 6.198   2.730   -15.395 1.00 119.15 ? 6  G   B N3    1 
ATOM   390  C  C4    . G   B 2 5  ? 5.482   3.609   -14.666 1.00 119.38 ? 6  G   B C4    1 
ATOM   391  P  P     . A   B 2 6  ? -0.141  1.790   -15.719 1.00 118.37 ? 7  A   B P     1 
ATOM   392  O  OP1   . A   B 2 6  ? -1.422  1.359   -16.323 1.00 118.66 ? 7  A   B OP1   1 
ATOM   393  O  OP2   . A   B 2 6  ? -0.141  2.380   -14.355 1.00 113.69 ? 7  A   B OP2   1 
ATOM   394  O  "O5'" . A   B 2 6  ? 0.887   0.568   -15.753 1.00 114.65 ? 7  A   B "O5'" 1 
ATOM   395  C  "C5'" . A   B 2 6  ? 1.368   0.058   -16.998 1.00 108.92 ? 7  A   B "C5'" 1 
ATOM   396  C  "C4'" . A   B 2 6  ? 2.644   -0.718  -16.795 1.00 106.20 ? 7  A   B "C4'" 1 
ATOM   397  O  "O4'" . A   B 2 6  ? 3.693   0.184   -16.359 1.00 105.91 ? 7  A   B "O4'" 1 
ATOM   398  C  "C3'" . A   B 2 6  ? 2.596   -1.766  -15.705 1.00 102.51 ? 7  A   B "C3'" 1 
ATOM   399  O  "O3'" . A   B 2 6  ? 2.056   -2.970  -16.172 1.00 100.78 ? 7  A   B "O3'" 1 
ATOM   400  C  "C2'" . A   B 2 6  ? 4.058   -1.925  -15.336 1.00 101.59 ? 7  A   B "C2'" 1 
ATOM   401  O  "O2'" . A   B 2 6  ? 4.769   -2.754  -16.233 1.00 98.86  ? 7  A   B "O2'" 1 
ATOM   402  C  "C1'" . A   B 2 6  ? 4.535   -0.481  -15.429 1.00 102.68 ? 7  A   B "C1'" 1 
ATOM   403  N  N9    . A   B 2 6  ? 4.383   0.164   -14.138 1.00 103.88 ? 7  A   B N9    1 
ATOM   404  C  C8    . A   B 2 6  ? 3.361   0.976   -13.727 1.00 103.86 ? 7  A   B C8    1 
ATOM   405  N  N7    . A   B 2 6  ? 3.482   1.399   -12.494 1.00 103.17 ? 7  A   B N7    1 
ATOM   406  C  C5    . A   B 2 6  ? 4.668   0.826   -12.059 1.00 102.72 ? 7  A   B C5    1 
ATOM   407  C  C6    . A   B 2 6  ? 5.352   0.887   -10.828 1.00 101.29 ? 7  A   B C6    1 
ATOM   408  N  N6    . A   B 2 6  ? 4.908   1.576   -9.770  1.00 101.50 ? 7  A   B N6    1 
ATOM   409  N  N1    . A   B 2 6  ? 6.515   0.206   -10.723 1.00 100.73 ? 7  A   B N1    1 
ATOM   410  C  C2    . A   B 2 6  ? 6.946   -0.488  -11.786 1.00 100.33 ? 7  A   B C2    1 
ATOM   411  N  N3    . A   B 2 6  ? 6.388   -0.625  -12.993 1.00 102.07 ? 7  A   B N3    1 
ATOM   412  C  C4    . A   B 2 6  ? 5.238   0.068   -13.059 1.00 103.31 ? 7  A   B C4    1 
ATOM   413  P  P     . G   B 2 7  ? 1.309   -3.926  -15.140 1.00 102.61 ? 8  G   B P     1 
ATOM   414  O  OP1   . G   B 2 7  ? 0.917   -5.156  -15.861 1.00 100.29 ? 8  G   B OP1   1 
ATOM   415  O  OP2   . G   B 2 7  ? 0.262   -3.100  -14.490 1.00 99.00  ? 8  G   B OP2   1 
ATOM   416  O  "O5'" . G   B 2 7  ? 2.429   -4.251  -14.046 1.00 102.82 ? 8  G   B "O5'" 1 
ATOM   417  C  "C5'" . G   B 2 7  ? 3.703   -4.806  -14.409 1.00 101.43 ? 8  G   B "C5'" 1 
ATOM   418  C  "C4'" . G   B 2 7  ? 4.488   -5.173  -13.168 1.00 101.98 ? 8  G   B "C4'" 1 
ATOM   419  O  "O4'" . G   B 2 7  ? 4.753   -3.972  -12.382 1.00 102.95 ? 8  G   B "O4'" 1 
ATOM   420  C  "C3'" . G   B 2 7  ? 3.597   -6.051  -12.297 1.00 100.42 ? 8  G   B "C3'" 1 
ATOM   421  O  "O3'" . G   B 2 7  ? 4.219   -7.215  -11.811 1.00 96.62  ? 8  G   B "O3'" 1 
ATOM   422  C  "C2'" . G   B 2 7  ? 2.981   -5.140  -11.249 1.00 101.42 ? 8  G   B "C2'" 1 
ATOM   423  O  "O2'" . G   B 2 7  ? 2.817   -5.728  -9.967  1.00 105.81 ? 8  G   B "O2'" 1 
ATOM   424  C  "C1'" . G   B 2 7  ? 4.031   -4.035  -11.171 1.00 100.94 ? 8  G   B "C1'" 1 
ATOM   425  N  N9    . G   B 2 7  ? 3.525   -2.727  -10.761 1.00 100.52 ? 8  G   B N9    1 
ATOM   426  C  C8    . G   B 2 7  ? 2.559   -1.967  -11.362 1.00 100.85 ? 8  G   B C8    1 
ATOM   427  N  N7    . G   B 2 7  ? 2.218   -0.925  -10.649 1.00 99.80  ? 8  G   B N7    1 
ATOM   428  C  C5    . G   B 2 7  ? 3.034   -0.985  -9.530  1.00 99.85  ? 8  G   B C5    1 
ATOM   429  C  C6    . G   B 2 7  ? 3.108   -0.136  -8.392  1.00 100.45 ? 8  G   B C6    1 
ATOM   430  O  O6    . G   B 2 7  ? 2.427   0.854   -8.122  1.00 102.65 ? 8  G   B O6    1 
ATOM   431  N  N1    . G   B 2 7  ? 4.087   -0.550  -7.508  1.00 100.55 ? 8  G   B N1    1 
ATOM   432  C  C2    . G   B 2 7  ? 4.893   -1.639  -7.688  1.00 101.16 ? 8  G   B C2    1 
ATOM   433  N  N2    . G   B 2 7  ? 5.784   -1.867  -6.723  1.00 101.56 ? 8  G   B N2    1 
ATOM   434  N  N3    . G   B 2 7  ? 4.822   -2.453  -8.730  1.00 100.88 ? 8  G   B N3    1 
ATOM   435  C  C4    . G   B 2 7  ? 3.879   -2.069  -9.609  1.00 100.10 ? 8  G   B C4    1 
ATOM   436  P  P     . A   B 2 8  ? 3.294   -8.401  -11.031 1.00 97.45  ? 9  A   B P     1 
ATOM   437  O  OP1   . A   B 2 8  ? 3.226   -9.315  -12.205 1.00 98.81  ? 9  A   B OP1   1 
ATOM   438  O  OP2   . A   B 2 8  ? 2.040   -8.034  -10.314 1.00 91.76  ? 9  A   B OP2   1 
ATOM   439  O  "O5'" . A   B 2 8  ? 4.305   -9.032  -9.971  1.00 93.67  ? 9  A   B "O5'" 1 
ATOM   440  C  "C5'" . A   B 2 8  ? 5.521   -9.635  -10.412 1.00 90.96  ? 9  A   B "C5'" 1 
ATOM   441  C  "C4'" . A   B 2 8  ? 6.545   -9.678  -9.303  1.00 86.18  ? 9  A   B "C4'" 1 
ATOM   442  O  "O4'" . A   B 2 8  ? 7.043   -8.340  -9.048  1.00 85.74  ? 9  A   B "O4'" 1 
ATOM   443  C  "C3'" . A   B 2 8  ? 6.031   -10.146 -7.956  1.00 84.59  ? 9  A   B "C3'" 1 
ATOM   444  O  "O3'" . A   B 2 8  ? 6.012   -11.548 -7.851  1.00 82.33  ? 9  A   B "O3'" 1 
ATOM   445  C  "C2'" . A   B 2 8  ? 7.043   -9.551  -6.999  1.00 85.51  ? 9  A   B "C2'" 1 
ATOM   446  O  "O2'" . A   B 2 8  ? 8.226   -10.318 -6.926  1.00 85.79  ? 9  A   B "O2'" 1 
ATOM   447  C  "C1'" . A   B 2 8  ? 7.325   -8.204  -7.666  1.00 86.83  ? 9  A   B "C1'" 1 
ATOM   448  N  N9    . A   B 2 8  ? 6.492   -7.132  -7.131  1.00 86.25  ? 9  A   B N9    1 
ATOM   449  C  C8    . A   B 2 8  ? 5.453   -6.480  -7.747  1.00 86.11  ? 9  A   B C8    1 
ATOM   450  N  N7    . A   B 2 8  ? 4.919   -5.536  -7.013  1.00 84.05  ? 9  A   B N7    1 
ATOM   451  C  C5    . A   B 2 8  ? 5.649   -5.571  -5.837  1.00 83.54  ? 9  A   B C5    1 
ATOM   452  C  C6    . A   B 2 8  ? 5.580   -4.807  -4.664  1.00 83.03  ? 9  A   B C6    1 
ATOM   453  N  N6    . A   B 2 8  ? 4.706   -3.805  -4.498  1.00 81.82  ? 9  A   B N6    1 
ATOM   454  N  N1    . A   B 2 8  ? 6.445   -5.100  -3.663  1.00 82.42  ? 9  A   B N1    1 
ATOM   455  C  C2    . A   B 2 8  ? 7.327   -6.099  -3.851  1.00 84.10  ? 9  A   B C2    1 
ATOM   456  N  N3    . A   B 2 8  ? 7.495   -6.882  -4.919  1.00 85.42  ? 9  A   B N3    1 
ATOM   457  C  C4    . A   B 2 8  ? 6.616   -6.560  -5.887  1.00 84.68  ? 9  A   B C4    1 
ATOM   458  P  P     . A   B 2 9  ? 4.689   -12.259 -7.320  1.00 88.61  ? 10 A   B P     1 
ATOM   459  O  OP1   . A   B 2 9  ? 4.791   -13.704 -7.626  1.00 90.83  ? 10 A   B OP1   1 
ATOM   460  O  OP2   . A   B 2 9  ? 3.529   -11.483 -7.826  1.00 86.11  ? 10 A   B OP2   1 
ATOM   461  O  "O5'" . A   B 2 9  ? 4.772   -12.038 -5.744  1.00 83.82  ? 10 A   B "O5'" 1 
ATOM   462  C  "C5'" . A   B 2 9  ? 5.846   -12.588 -4.992  1.00 77.62  ? 10 A   B "C5'" 1 
ATOM   463  C  "C4'" . A   B 2 9  ? 5.932   -11.946 -3.622  1.00 72.45  ? 10 A   B "C4'" 1 
ATOM   464  O  "O4'" . A   B 2 9  ? 6.334   -10.562 -3.746  1.00 72.28  ? 10 A   B "O4'" 1 
ATOM   465  C  "C3'" . A   B 2 9  ? 4.640   -11.886 -2.838  1.00 70.35  ? 10 A   B "C3'" 1 
ATOM   466  O  "O3'" . A   B 2 9  ? 4.471   -13.100 -2.159  1.00 72.37  ? 10 A   B "O3'" 1 
ATOM   467  C  "C2'" . A   B 2 9  ? 4.873   -10.731 -1.879  1.00 72.25  ? 10 A   B "C2'" 1 
ATOM   468  O  "O2'" . A   B 2 9  ? 5.593   -11.089 -0.724  1.00 75.00  ? 10 A   B "O2'" 1 
ATOM   469  C  "C1'" . A   B 2 9  ? 5.703   -9.792  -2.743  1.00 71.48  ? 10 A   B "C1'" 1 
ATOM   470  N  N9    . A   B 2 9  ? 4.833   -8.814  -3.371  1.00 72.38  ? 10 A   B N9    1 
ATOM   471  C  C8    . A   B 2 9  ? 4.448   -8.700  -4.678  1.00 72.11  ? 10 A   B C8    1 
ATOM   472  N  N7    . A   B 2 9  ? 3.623   -7.703  -4.897  1.00 71.60  ? 10 A   B N7    1 
ATOM   473  C  C5    . A   B 2 9  ? 3.458   -7.127  -3.646  1.00 72.73  ? 10 A   B C5    1 
ATOM   474  C  C6    . A   B 2 9  ? 2.695   -6.043  -3.198  1.00 71.67  ? 10 A   B C6    1 
ATOM   475  N  N6    . A   B 2 9  ? 1.911   -5.303  -3.989  1.00 73.41  ? 10 A   B N6    1 
ATOM   476  N  N1    . A   B 2 9  ? 2.759   -5.738  -1.882  1.00 71.42  ? 10 A   B N1    1 
ATOM   477  C  C2    . A   B 2 9  ? 3.546   -6.485  -1.083  1.00 72.46  ? 10 A   B C2    1 
ATOM   478  N  N3    . A   B 2 9  ? 4.302   -7.530  -1.390  1.00 72.74  ? 10 A   B N3    1 
ATOM   479  C  C4    . A   B 2 9  ? 4.212   -7.804  -2.703  1.00 72.92  ? 10 A   B C4    1 
ATOM   480  P  P     . G   B 2 10 ? 3.059   -13.831 -2.227  1.00 73.16  ? 11 G   B P     1 
ATOM   481  O  OP1   . G   B 2 10 ? 3.220   -15.183 -1.657  1.00 72.75  ? 11 G   B OP1   1 
ATOM   482  O  OP2   . G   B 2 10 ? 2.580   -13.675 -3.628  1.00 74.06  ? 11 G   B OP2   1 
ATOM   483  O  "O5'" . G   B 2 10 ? 2.171   -12.971 -1.226  1.00 70.93  ? 11 G   B "O5'" 1 
ATOM   484  C  "C5'" . G   B 2 10 ? 2.588   -12.830 0.126   1.00 67.76  ? 11 G   B "C5'" 1 
ATOM   485  C  "C4'" . G   B 2 10 ? 1.952   -11.629 0.763   1.00 65.98  ? 11 G   B "C4'" 1 
ATOM   486  O  "O4'" . G   B 2 10 ? 2.395   -10.444 0.067   1.00 67.54  ? 11 G   B "O4'" 1 
ATOM   487  C  "C3'" . G   B 2 10 ? 0.452   -11.577 0.652   1.00 61.64  ? 11 G   B "C3'" 1 
ATOM   488  O  "O3'" . G   B 2 10 ? -0.153  -12.296 1.687   1.00 63.37  ? 11 G   B "O3'" 1 
ATOM   489  C  "C2'" . G   B 2 10 ? 0.183   -10.101 0.808   1.00 61.48  ? 11 G   B "C2'" 1 
ATOM   490  O  "O2'" . G   B 2 10 ? 0.362   -9.734  2.156   1.00 56.82  ? 11 G   B "O2'" 1 
ATOM   491  C  "C1'" . G   B 2 10 ? 1.336   -9.513  0.012   1.00 66.64  ? 11 G   B "C1'" 1 
ATOM   492  N  N9    . G   B 2 10 ? 1.007   -9.271  -1.390  1.00 66.90  ? 11 G   B N9    1 
ATOM   493  C  C8    . G   B 2 10 ? 1.462   -9.975  -2.473  1.00 65.92  ? 11 G   B C8    1 
ATOM   494  N  N7    . G   B 2 10 ? 1.064   -9.473  -3.612  1.00 67.64  ? 11 G   B N7    1 
ATOM   495  C  C5    . G   B 2 10 ? 0.285   -8.377  -3.254  1.00 65.89  ? 11 G   B C5    1 
ATOM   496  C  C6    . G   B 2 10 ? -0.388  -7.448  -4.065  1.00 65.57  ? 11 G   B C6    1 
ATOM   497  O  O6    . G   B 2 10 ? -0.432  -7.397  -5.305  1.00 66.51  ? 11 G   B O6    1 
ATOM   498  N  N1    . G   B 2 10 ? -1.052  -6.492  -3.295  1.00 63.14  ? 11 G   B N1    1 
ATOM   499  C  C2    . G   B 2 10 ? -1.054  -6.449  -1.924  1.00 62.68  ? 11 G   B C2    1 
ATOM   500  N  N2    . G   B 2 10 ? -1.710  -5.424  -1.354  1.00 62.62  ? 11 G   B N2    1 
ATOM   501  N  N3    . G   B 2 10 ? -0.440  -7.333  -1.162  1.00 61.78  ? 11 G   B N3    1 
ATOM   502  C  C4    . G   B 2 10 ? 0.215   -8.257  -1.889  1.00 64.81  ? 11 G   B C4    1 
ATOM   503  P  P     . G   B 2 11 ? -1.572  -12.974 1.417   1.00 66.41  ? 12 G   B P     1 
ATOM   504  O  OP1   . G   B 2 11 ? -1.912  -13.933 2.508   1.00 68.04  ? 12 G   B OP1   1 
ATOM   505  O  OP2   . G   B 2 11 ? -1.502  -13.446 0.005   1.00 65.13  ? 12 G   B OP2   1 
ATOM   506  O  "O5'" . G   B 2 11 ? -2.580  -11.754 1.561   1.00 59.24  ? 12 G   B "O5'" 1 
ATOM   507  C  "C5'" . G   B 2 11 ? -2.880  -11.278 2.848   1.00 59.60  ? 12 G   B "C5'" 1 
ATOM   508  C  "C4'" . G   B 2 11 ? -3.554  -9.946  2.783   1.00 60.63  ? 12 G   B "C4'" 1 
ATOM   509  O  "O4'" . G   B 2 11 ? -2.804  -9.081  1.912   1.00 63.94  ? 12 G   B "O4'" 1 
ATOM   510  C  "C3'" . G   B 2 11 ? -4.924  -9.947  2.163   1.00 63.59  ? 12 G   B "C3'" 1 
ATOM   511  O  "O3'" . G   B 2 11 ? -5.890  -10.364 3.085   1.00 70.94  ? 12 G   B "O3'" 1 
ATOM   512  C  "C2'" . G   B 2 11 ? -5.078  -8.500  1.759   1.00 62.88  ? 12 G   B "C2'" 1 
ATOM   513  O  "O2'" . G   B 2 11 ? -5.247  -7.692  2.905   1.00 60.82  ? 12 G   B "O2'" 1 
ATOM   514  C  "C1'" . G   B 2 11 ? -3.692  -8.227  1.216   1.00 61.84  ? 12 G   B "C1'" 1 
ATOM   515  N  N9    . G   B 2 11 ? -3.636  -8.578  -0.196  1.00 61.31  ? 12 G   B N9    1 
ATOM   516  C  C8    . G   B 2 11 ? -3.018  -9.664  -0.760  1.00 61.61  ? 12 G   B C8    1 
ATOM   517  N  N7    . G   B 2 11 ? -3.099  -9.678  -2.066  1.00 63.35  ? 12 G   B N7    1 
ATOM   518  C  C5    . G   B 2 11 ? -3.820  -8.530  -2.372  1.00 60.25  ? 12 G   B C5    1 
ATOM   519  C  C6    . G   B 2 11 ? -4.206  -8.014  -3.627  1.00 60.69  ? 12 G   B C6    1 
ATOM   520  O  O6    . G   B 2 11 ? -3.956  -8.476  -4.768  1.00 62.47  ? 12 G   B O6    1 
ATOM   521  N  N1    . G   B 2 11 ? -4.954  -6.834  -3.479  1.00 59.69  ? 12 G   B N1    1 
ATOM   522  C  C2    . G   B 2 11 ? -5.285  -6.240  -2.271  1.00 61.31  ? 12 G   B C2    1 
ATOM   523  N  N2    . G   B 2 11 ? -6.010  -5.119  -2.345  1.00 59.21  ? 12 G   B N2    1 
ATOM   524  N  N3    . G   B 2 11 ? -4.913  -6.717  -1.091  1.00 62.02  ? 12 G   B N3    1 
ATOM   525  C  C4    . G   B 2 11 ? -4.185  -7.858  -1.221  1.00 60.08  ? 12 G   B C4    1 
ATOM   526  P  P     . G   B 2 12 ? -7.081  -11.286 2.579   1.00 69.51  ? 13 G   B P     1 
ATOM   527  O  OP1   . G   B 2 12 ? -7.819  -11.707 3.793   1.00 64.48  ? 13 G   B OP1   1 
ATOM   528  O  OP2   . G   B 2 12 ? -6.488  -12.295 1.657   1.00 66.57  ? 13 G   B OP2   1 
ATOM   529  O  "O5'" . G   B 2 12 ? -7.989  -10.297 1.731   1.00 68.13  ? 13 G   B "O5'" 1 
ATOM   530  C  "C5'" . G   B 2 12 ? -8.646  -9.231  2.381   1.00 69.72  ? 13 G   B "C5'" 1 
ATOM   531  C  "C4'" . G   B 2 12 ? -9.213  -8.267  1.379   1.00 70.46  ? 13 G   B "C4'" 1 
ATOM   532  O  "O4'" . G   B 2 12 ? -8.149  -7.819  0.505   1.00 69.01  ? 13 G   B "O4'" 1 
ATOM   533  C  "C3'" . G   B 2 12 ? -10.254 -8.834  0.428   1.00 72.65  ? 13 G   B "C3'" 1 
ATOM   534  O  "O3'" . G   B 2 12 ? -11.549 -8.812  1.010   1.00 76.38  ? 13 G   B "O3'" 1 
ATOM   535  C  "C2'" . G   B 2 12 ? -10.168 -7.873  -0.744  1.00 71.46  ? 13 G   B "C2'" 1 
ATOM   536  O  "O2'" . G   B 2 12 ? -10.863 -6.657  -0.556  1.00 78.79  ? 13 G   B "O2'" 1 
ATOM   537  C  "C1'" . G   B 2 12 ? -8.677  -7.591  -0.783  1.00 68.30  ? 13 G   B "C1'" 1 
ATOM   538  N  N9    . G   B 2 12 ? -8.022  -8.482  -1.728  1.00 65.71  ? 13 G   B N9    1 
ATOM   539  C  C8    . G   B 2 12 ? -7.254  -9.580  -1.477  1.00 65.55  ? 13 G   B C8    1 
ATOM   540  N  N7    . G   B 2 12 ? -6.796  -10.130 -2.576  1.00 64.80  ? 13 G   B N7    1 
ATOM   541  C  C5    . G   B 2 12 ? -7.305  -9.344  -3.580  1.00 64.58  ? 13 G   B C5    1 
ATOM   542  C  C6    . G   B 2 12 ? -7.158  -9.423  -4.995  1.00 66.85  ? 13 G   B C6    1 
ATOM   543  O  O6    . G   B 2 12 ? -6.507  -10.254 -5.650  1.00 72.64  ? 13 G   B O6    1 
ATOM   544  N  N1    . G   B 2 12 ? -7.850  -8.416  -5.647  1.00 65.35  ? 13 G   B N1    1 
ATOM   545  C  C2    . G   B 2 12 ? -8.604  -7.452  -5.023  1.00 64.73  ? 13 G   B C2    1 
ATOM   546  N  N2    . G   B 2 12 ? -9.199  -6.550  -5.814  1.00 63.01  ? 13 G   B N2    1 
ATOM   547  N  N3    . G   B 2 12 ? -8.757  -7.368  -3.715  1.00 62.60  ? 13 G   B N3    1 
ATOM   548  C  C4    . G   B 2 12 ? -8.087  -8.323  -3.084  1.00 63.68  ? 13 G   B C4    1 
HETATM 549  P  P     . S9L B 2 13 ? -12.505 -10.077 0.849   1.00 75.33  ? 14 S9L B P     1 
HETATM 550  O  O1P   . S9L B 2 13 ? -11.686 -11.293 0.937   1.00 71.33  ? 14 S9L B O1P   1 
HETATM 551  O  O2P   . S9L B 2 13 ? -13.593 -9.926  1.828   1.00 77.75  ? 14 S9L B O2P   1 
HETATM 552  O  "O5'" . S9L B 2 13 ? -13.072 -9.945  -0.646  1.00 83.74  ? 14 S9L B "O5'" 1 
HETATM 553  C  C12   . S9L B 2 13 ? -13.429 -8.728  -1.345  1.00 93.67  ? 14 S9L B C12   1 
HETATM 554  C  C22   . S9L B 2 13 ? -14.105 -7.626  -0.479  1.00 102.35 ? 14 S9L B C22   1 
HETATM 555  O  OH3   . S9L B 2 13 ? -15.137 -8.157  0.353   1.00 109.91 ? 14 S9L B OH3   1 
HETATM 556  C  C13   . S9L B 2 13 ? -17.526 -7.776  -0.112  1.00 110.97 ? 14 S9L B C13   1 
HETATM 557  C  C23   . S9L B 2 13 ? -16.227 -7.242  0.547   1.00 110.63 ? 14 S9L B C23   1 
HETATM 558  O  OH4   . S9L B 2 13 ? -17.298 -8.188  -1.474  1.00 109.76 ? 14 S9L B OH4   1 
HETATM 559  C  C14   . S9L B 2 13 ? -18.893 -7.554  -3.216  1.00 100.39 ? 14 S9L B C14   1 
HETATM 560  C  C24   . S9L B 2 13 ? -18.515 -8.572  -2.125  1.00 104.89 ? 14 S9L B C24   1 
HETATM 561  O  "O3'" . S9L B 2 13 ? -19.266 -6.326  -2.619  1.00 86.83  ? 14 S9L B "O3'" 1 
ATOM   562  P  P     . G   B 2 14 ? -18.893 -4.852  -2.114  1.00 82.75  ? 15 G   B P     1 
ATOM   563  O  OP1   . G   B 2 14 ? -17.444 -4.641  -2.343  1.00 81.45  ? 15 G   B OP1   1 
ATOM   564  O  OP2   . G   B 2 14 ? -19.454 -4.681  -0.759  1.00 79.71  ? 15 G   B OP2   1 
ATOM   565  O  "O5'" . G   B 2 14 ? -19.662 -3.900  -3.124  1.00 74.42  ? 15 G   B "O5'" 1 
ATOM   566  C  "C5'" . G   B 2 14 ? -19.646 -4.183  -4.519  1.00 70.12  ? 15 G   B "C5'" 1 
ATOM   567  C  "C4'" . G   B 2 14 ? -20.239 -3.045  -5.297  1.00 68.50  ? 15 G   B "C4'" 1 
ATOM   568  O  "O4'" . G   B 2 14 ? -21.643 -2.920  -4.990  1.00 70.80  ? 15 G   B "O4'" 1 
ATOM   569  C  "C3'" . G   B 2 14 ? -19.663 -1.690  -4.967  1.00 66.90  ? 15 G   B "C3'" 1 
ATOM   570  O  "O3'" . G   B 2 14 ? -18.557 -1.484  -5.798  1.00 65.17  ? 15 G   B "O3'" 1 
ATOM   571  C  "C2'" . G   B 2 14 ? -20.772 -0.757  -5.401  1.00 65.91  ? 15 G   B "C2'" 1 
ATOM   572  O  "O2'" . G   B 2 14 ? -20.753 -0.611  -6.806  1.00 66.01  ? 15 G   B "O2'" 1 
ATOM   573  C  "C1'" . G   B 2 14 ? -22.001 -1.557  -4.991  1.00 65.31  ? 15 G   B "C1'" 1 
ATOM   574  N  N9    . G   B 2 14 ? -22.456 -1.222  -3.656  1.00 64.15  ? 15 G   B N9    1 
ATOM   575  C  C8    . G   B 2 14 ? -22.342 -1.991  -2.529  1.00 64.83  ? 15 G   B C8    1 
ATOM   576  N  N7    . G   B 2 14 ? -22.884 -1.443  -1.477  1.00 65.71  ? 15 G   B N7    1 
ATOM   577  C  C5    . G   B 2 14 ? -23.374 -0.236  -1.941  1.00 65.99  ? 15 G   B C5    1 
ATOM   578  C  C6    . G   B 2 14 ? -24.072 0.792   -1.263  1.00 64.84  ? 15 G   B C6    1 
ATOM   579  O  O6    . G   B 2 14 ? -24.410 0.832   -0.062  1.00 68.80  ? 15 G   B O6    1 
ATOM   580  N  N1    . G   B 2 14 ? -24.388 1.841   -2.115  1.00 63.62  ? 15 G   B N1    1 
ATOM   581  C  C2    . G   B 2 14 ? -24.069 1.899   -3.455  1.00 64.66  ? 15 G   B C2    1 
ATOM   582  N  N2    . G   B 2 14 ? -24.467 3.005   -4.120  1.00 66.77  ? 15 G   B N2    1 
ATOM   583  N  N3    . G   B 2 14 ? -23.417 0.948   -4.099  1.00 65.52  ? 15 G   B N3    1 
ATOM   584  C  C4    . G   B 2 14 ? -23.104 -0.079  -3.288  1.00 65.67  ? 15 G   B C4    1 
ATOM   585  P  P     . G   B 2 15 ? -17.337 -0.594  -5.274  1.00 64.23  ? 16 G   B P     1 
ATOM   586  O  OP1   . G   B 2 15 ? -16.170 -0.903  -6.143  1.00 70.32  ? 16 G   B OP1   1 
ATOM   587  O  OP2   . G   B 2 15 ? -17.225 -0.735  -3.803  1.00 65.35  ? 16 G   B OP2   1 
ATOM   588  O  "O5'" . G   B 2 15 ? -17.792 0.890   -5.587  1.00 67.04  ? 16 G   B "O5'" 1 
ATOM   589  C  "C5'" . G   B 2 15 ? -17.864 1.350   -6.925  1.00 64.39  ? 16 G   B "C5'" 1 
ATOM   590  C  "C4'" . G   B 2 15 ? -18.502 2.703   -6.941  1.00 65.34  ? 16 G   B "C4'" 1 
ATOM   591  O  "O4'" . G   B 2 15 ? -19.861 2.565   -6.472  1.00 67.20  ? 16 G   B "O4'" 1 
ATOM   592  C  "C3'" . G   B 2 15 ? -17.890 3.689   -5.966  1.00 63.61  ? 16 G   B "C3'" 1 
ATOM   593  O  "O3'" . G   B 2 15 ? -16.792 4.338   -6.546  1.00 60.27  ? 16 G   B "O3'" 1 
ATOM   594  C  "C2'" . G   B 2 15 ? -19.026 4.661   -5.740  1.00 67.90  ? 16 G   B "C2'" 1 
ATOM   595  O  "O2'" . G   B 2 15 ? -19.149 5.570   -6.816  1.00 69.72  ? 16 G   B "O2'" 1 
ATOM   596  C  "C1'" . G   B 2 15 ? -20.210 3.698   -5.706  1.00 69.92  ? 16 G   B "C1'" 1 
ATOM   597  N  N9    . G   B 2 15 ? -20.455 3.253   -4.350  1.00 72.33  ? 16 G   B N9    1 
ATOM   598  C  C8    . G   B 2 15 ? -20.036 2.078   -3.769  1.00 71.77  ? 16 G   B C8    1 
ATOM   599  N  N7    . G   B 2 15 ? -20.441 1.946   -2.537  1.00 72.89  ? 16 G   B N7    1 
ATOM   600  C  C5    . G   B 2 15 ? -21.167 3.102   -2.287  1.00 71.65  ? 16 G   B C5    1 
ATOM   601  C  C6    . G   B 2 15 ? -21.863 3.520   -1.126  1.00 70.48  ? 16 G   B C6    1 
ATOM   602  O  O6    . G   B 2 15 ? -21.992 2.916   -0.045  1.00 71.84  ? 16 G   B O6    1 
ATOM   603  N  N1    . G   B 2 15 ? -22.454 4.766   -1.309  1.00 70.49  ? 16 G   B N1    1 
ATOM   604  C  C2    . G   B 2 15 ? -22.381 5.515   -2.464  1.00 71.52  ? 16 G   B C2    1 
ATOM   605  N  N2    . G   B 2 15 ? -23.012 6.699   -2.445  1.00 73.17  ? 16 G   B N2    1 
ATOM   606  N  N3    . G   B 2 15 ? -21.745 5.130   -3.554  1.00 70.60  ? 16 G   B N3    1 
ATOM   607  C  C4    . G   B 2 15 ? -21.167 3.924   -3.393  1.00 72.02  ? 16 G   B C4    1 
ATOM   608  P  P     . C   B 2 16 ? -15.572 4.781   -5.624  1.00 61.87  ? 17 C   B P     1 
ATOM   609  O  OP1   . C   B 2 16 ? -14.492 5.195   -6.549  1.00 59.25  ? 17 C   B OP1   1 
ATOM   610  O  OP2   . C   B 2 16 ? -15.295 3.747   -4.587  1.00 62.59  ? 17 C   B OP2   1 
ATOM   611  O  "O5'" . C   B 2 16 ? -16.140 6.058   -4.877  1.00 61.68  ? 17 C   B "O5'" 1 
ATOM   612  C  "C5'" . C   B 2 16 ? -16.315 7.277   -5.561  1.00 67.52  ? 17 C   B "C5'" 1 
ATOM   613  C  "C4'" . C   B 2 16 ? -17.040 8.232   -4.672  1.00 65.89  ? 17 C   B "C4'" 1 
ATOM   614  O  "O4'" . C   B 2 16 ? -18.291 7.604   -4.290  1.00 69.48  ? 17 C   B "O4'" 1 
ATOM   615  C  "C3'" . C   B 2 16 ? -16.370 8.470   -3.335  1.00 69.86  ? 17 C   B "C3'" 1 
ATOM   616  O  "O3'" . C   B 2 16 ? -15.364 9.445   -3.372  1.00 74.63  ? 17 C   B "O3'" 1 
ATOM   617  C  "C2'" . C   B 2 16 ? -17.529 8.921   -2.477  1.00 69.11  ? 17 C   B "C2'" 1 
ATOM   618  O  "O2'" . C   B 2 16 ? -17.884 10.251  -2.787  1.00 67.57  ? 17 C   B "O2'" 1 
ATOM   619  C  "C1'" . C   B 2 16 ? -18.622 7.983   -2.967  1.00 70.10  ? 17 C   B "C1'" 1 
ATOM   620  N  N1    . C   B 2 16 ? -18.668 6.773   -2.136  1.00 67.25  ? 17 C   B N1    1 
ATOM   621  C  C2    . C   B 2 16 ? -19.310 6.875   -0.920  1.00 67.56  ? 17 C   B C2    1 
ATOM   622  O  O2    . C   B 2 16 ? -19.813 7.967   -0.597  1.00 68.44  ? 17 C   B O2    1 
ATOM   623  N  N3    . C   B 2 16 ? -19.380 5.787   -0.118  1.00 66.48  ? 17 C   B N3    1 
ATOM   624  C  C4    . C   B 2 16 ? -18.816 4.641   -0.490  1.00 64.69  ? 17 C   B C4    1 
ATOM   625  N  N4    . C   B 2 16 ? -18.916 3.599   0.358   1.00 63.12  ? 17 C   B N4    1 
ATOM   626  C  C5    . C   B 2 16 ? -18.138 4.517   -1.746  1.00 65.90  ? 17 C   B C5    1 
ATOM   627  C  C6    . C   B 2 16 ? -18.087 5.606   -2.534  1.00 64.93  ? 17 C   B C6    1 
ATOM   628  P  P     . A   B 2 17 ? -14.160 9.320   -2.344  1.00 78.90  ? 18 A   B P     1 
ATOM   629  O  OP1   . A   B 2 17 ? -13.111 10.261  -2.753  1.00 74.98  ? 18 A   B OP1   1 
ATOM   630  O  OP2   . A   B 2 17 ? -13.856 7.881   -2.213  1.00 78.34  ? 18 A   B OP2   1 
ATOM   631  O  "O5'" . A   B 2 17 ? -14.805 9.779   -0.973  1.00 73.35  ? 18 A   B "O5'" 1 
ATOM   632  C  "C5'" . A   B 2 17 ? -15.262 11.106  -0.797  1.00 72.22  ? 18 A   B "C5'" 1 
ATOM   633  C  "C4'" . A   B 2 17 ? -15.854 11.250  0.576   1.00 69.10  ? 18 A   B "C4'" 1 
ATOM   634  O  "O4'" . A   B 2 17 ? -17.032 10.407  0.680   1.00 71.90  ? 18 A   B "O4'" 1 
ATOM   635  C  "C3'" . A   B 2 17 ? -14.963 10.724  1.685   1.00 71.62  ? 18 A   B "C3'" 1 
ATOM   636  O  "O3'" . A   B 2 17 ? -14.011 11.672  2.081   1.00 74.09  ? 18 A   B "O3'" 1 
ATOM   637  C  "C2'" . A   B 2 17 ? -15.952 10.440  2.796   1.00 70.00  ? 18 A   B "C2'" 1 
ATOM   638  O  "O2'" . A   B 2 17 ? -16.330 11.604  3.486   1.00 70.37  ? 18 A   B "O2'" 1 
ATOM   639  C  "C1'" . A   B 2 17 ? -17.137 9.908   2.002   1.00 70.59  ? 18 A   B "C1'" 1 
ATOM   640  N  N9    . A   B 2 17 ? -17.070 8.458   1.967   1.00 69.60  ? 18 A   B N9    1 
ATOM   641  C  C8    . A   B 2 17 ? -16.640 7.635   0.960   1.00 69.04  ? 18 A   B C8    1 
ATOM   642  N  N7    . A   B 2 17 ? -16.686 6.360   1.280   1.00 69.10  ? 18 A   B N7    1 
ATOM   643  C  C5    . A   B 2 17 ? -17.185 6.351   2.581   1.00 68.22  ? 18 A   B C5    1 
ATOM   644  C  C6    . A   B 2 17 ? -17.483 5.319   3.487   1.00 65.84  ? 18 A   B C6    1 
ATOM   645  N  N6    . A   B 2 17 ? -17.305 4.015   3.216   1.00 66.98  ? 18 A   B N6    1 
ATOM   646  N  N1    . A   B 2 17 ? -17.977 5.670   4.698   1.00 65.93  ? 18 A   B N1    1 
ATOM   647  C  C2    . A   B 2 17 ? -18.156 6.973   4.969   1.00 69.68  ? 18 A   B C2    1 
ATOM   648  N  N3    . A   B 2 17 ? -17.913 8.031   4.200   1.00 70.31  ? 18 A   B N3    1 
ATOM   649  C  C4    . A   B 2 17 ? -17.425 7.648   3.005   1.00 69.67  ? 18 A   B C4    1 
ATOM   650  P  P     . G   B 2 18 ? -12.662 11.173  2.767   1.00 78.72  ? 19 G   B P     1 
ATOM   651  O  OP1   . G   B 2 18 ? -11.793 12.378  2.810   1.00 72.67  ? 19 G   B OP1   1 
ATOM   652  O  OP2   . G   B 2 18 ? -12.212 9.966   2.033   1.00 80.50  ? 19 G   B OP2   1 
ATOM   653  O  "O5'" . G   B 2 18 ? -13.135 10.720  4.224   1.00 72.91  ? 19 G   B "O5'" 1 
ATOM   654  C  "C5'" . G   B 2 18 ? -13.605 11.689  5.137   1.00 69.05  ? 19 G   B "C5'" 1 
ATOM   655  C  "C4'" . G   B 2 18 ? -14.106 11.061  6.410   1.00 71.57  ? 19 G   B "C4'" 1 
ATOM   656  O  "O4'" . G   B 2 18 ? -15.192 10.148  6.109   1.00 75.14  ? 19 G   B "O4'" 1 
ATOM   657  C  "C3'" . G   B 2 18 ? -13.113 10.199  7.166   1.00 75.08  ? 19 G   B "C3'" 1 
ATOM   658  O  "O3'" . G   B 2 18 ? -12.228 10.988  7.941   1.00 79.26  ? 19 G   B "O3'" 1 
ATOM   659  C  "C2'" . G   B 2 18 ? -14.030 9.320   8.006   1.00 75.72  ? 19 G   B "C2'" 1 
ATOM   660  O  "O2'" . G   B 2 18 ? -14.548 9.973   9.146   1.00 79.24  ? 19 G   B "O2'" 1 
ATOM   661  C  "C1'" . G   B 2 18 ? -15.177 9.075   7.034   1.00 75.46  ? 19 G   B "C1'" 1 
ATOM   662  N  N9    . G   B 2 18 ? -14.982 7.833   6.306   1.00 75.71  ? 19 G   B N9    1 
ATOM   663  C  C8    . G   B 2 18 ? -14.586 7.687   5.000   1.00 76.19  ? 19 G   B C8    1 
ATOM   664  N  N7    . G   B 2 18 ? -14.494 6.437   4.642   1.00 77.36  ? 19 G   B N7    1 
ATOM   665  C  C5    . G   B 2 18 ? -14.857 5.725   5.784   1.00 75.68  ? 19 G   B C5    1 
ATOM   666  C  C6    . G   B 2 18 ? -14.948 4.341   6.001   1.00 76.13  ? 19 G   B C6    1 
ATOM   667  O  O6    . G   B 2 18 ? -14.726 3.418   5.203   1.00 78.18  ? 19 G   B O6    1 
ATOM   668  N  N1    . G   B 2 18 ? -15.340 4.057   7.305   1.00 75.41  ? 19 G   B N1    1 
ATOM   669  C  C2    . G   B 2 18 ? -15.613 4.994   8.268   1.00 74.60  ? 19 G   B C2    1 
ATOM   670  N  N2    . G   B 2 18 ? -15.960 4.532   9.466   1.00 74.41  ? 19 G   B N2    1 
ATOM   671  N  N3    . G   B 2 18 ? -15.539 6.290   8.068   1.00 73.44  ? 19 G   B N3    1 
ATOM   672  C  C4    . G   B 2 18 ? -15.157 6.585   6.813   1.00 74.18  ? 19 G   B C4    1 
ATOM   673  P  P     . A   B 2 19 ? -10.669 10.618  7.977   1.00 81.57  ? 20 A   B P     1 
ATOM   674  O  OP1   . A   B 2 19 ? -9.986  11.699  8.733   1.00 82.65  ? 20 A   B OP1   1 
ATOM   675  O  OP2   . A   B 2 19 ? -10.239 10.288  6.597   1.00 80.86  ? 20 A   B OP2   1 
ATOM   676  O  "O5'" . A   B 2 19 ? -10.626 9.287   8.848   1.00 78.72  ? 20 A   B "O5'" 1 
ATOM   677  C  "C5'" . A   B 2 19 ? -10.982 9.346   10.212  1.00 76.57  ? 20 A   B "C5'" 1 
ATOM   678  C  "C4'" . A   B 2 19 ? -11.349 7.989   10.742  1.00 75.08  ? 20 A   B "C4'" 1 
ATOM   679  O  "O4'" . A   B 2 19 ? -12.451 7.447   9.973   1.00 78.24  ? 20 A   B "O4'" 1 
ATOM   680  C  "C3'" . A   B 2 19 ? -10.271 6.934   10.641  1.00 73.96  ? 20 A   B "C3'" 1 
ATOM   681  O  "O3'" . A   B 2 19 ? -9.381  7.022   11.717  1.00 74.60  ? 20 A   B "O3'" 1 
ATOM   682  C  "C2'" . A   B 2 19 ? -11.067 5.643   10.683  1.00 73.39  ? 20 A   B "C2'" 1 
ATOM   683  O  "O2'" . A   B 2 19 ? -11.414 5.219   11.979  1.00 69.46  ? 20 A   B "O2'" 1 
ATOM   684  C  "C1'" . A   B 2 19 ? -12.301 6.039   9.877   1.00 75.35  ? 20 A   B "C1'" 1 
ATOM   685  N  N9    . A   B 2 19 ? -12.080 5.707   8.478   1.00 76.40  ? 20 A   B N9    1 
ATOM   686  C  C8    . A   B 2 19 ? -11.891 6.555   7.412   1.00 76.54  ? 20 A   B C8    1 
ATOM   687  N  N7    . A   B 2 19 ? -11.687 5.929   6.279   1.00 77.71  ? 20 A   B N7    1 
ATOM   688  C  C5    . A   B 2 19 ? -11.750 4.579   6.626   1.00 74.98  ? 20 A   B C5    1 
ATOM   689  C  C6    . A   B 2 19 ? -11.624 3.403   5.868   1.00 73.73  ? 20 A   B C6    1 
ATOM   690  N  N6    . A   B 2 19 ? -11.404 3.397   4.550   1.00 72.11  ? 20 A   B N6    1 
ATOM   691  N  N1    . A   B 2 19 ? -11.740 2.215   6.516   1.00 75.02  ? 20 A   B N1    1 
ATOM   692  C  C2    . A   B 2 19 ? -11.985 2.224   7.832   1.00 75.92  ? 20 A   B C2    1 
ATOM   693  N  N3    . A   B 2 19 ? -12.135 3.271   8.653   1.00 77.03  ? 20 A   B N3    1 
ATOM   694  C  C4    . A   B 2 19 ? -11.999 4.434   7.976   1.00 75.53  ? 20 A   B C4    1 
ATOM   695  P  P     . G   B 2 20 ? -7.826  6.852   11.436  1.00 81.72  ? 21 G   B P     1 
ATOM   696  O  OP1   . G   B 2 20 ? -7.119  7.015   12.720  1.00 77.94  ? 21 G   B OP1   1 
ATOM   697  O  OP2   . G   B 2 20 ? -7.477  7.710   10.282  1.00 74.55  ? 21 G   B OP2   1 
ATOM   698  O  "O5'" . G   B 2 20 ? -7.745  5.327   11.026  1.00 78.43  ? 21 G   B "O5'" 1 
ATOM   699  C  "C5'" . G   B 2 20 ? -8.208  4.342   11.934  1.00 75.99  ? 21 G   B "C5'" 1 
ATOM   700  C  "C4'" . G   B 2 20 ? -8.096  2.966   11.320  1.00 74.42  ? 21 G   B "C4'" 1 
ATOM   701  O  "O4'" . G   B 2 20 ? -9.039  2.846   10.222  1.00 73.62  ? 21 G   B "O4'" 1 
ATOM   702  C  "C3'" . G   B 2 20 ? -6.754  2.622   10.699  1.00 73.61  ? 21 G   B "C3'" 1 
ATOM   703  O  "O3'" . G   B 2 20 ? -5.908  2.089   11.697  1.00 72.54  ? 21 G   B "O3'" 1 
ATOM   704  C  "C2'" . G   B 2 20 ? -7.137  1.528   9.717   1.00 74.74  ? 21 G   B "C2'" 1 
ATOM   705  O  "O2'" . G   B 2 20 ? -7.380  0.323   10.413  1.00 73.12  ? 21 G   B "O2'" 1 
ATOM   706  C  "C1'" . G   B 2 20 ? -8.483  2.035   9.204   1.00 73.01  ? 21 G   B "C1'" 1 
ATOM   707  N  N9    . G   B 2 20 ? -8.401  2.804   7.966   1.00 71.95  ? 21 G   B N9    1 
ATOM   708  C  C8    . G   B 2 20 ? -8.283  4.167   7.842   1.00 71.05  ? 21 G   B C8    1 
ATOM   709  N  N7    . G   B 2 20 ? -8.233  4.567   6.599   1.00 71.65  ? 21 G   B N7    1 
ATOM   710  C  C5    . G   B 2 20 ? -8.317  3.396   5.852   1.00 71.01  ? 21 G   B C5    1 
ATOM   711  C  C6    . G   B 2 20 ? -8.317  3.189   4.434   1.00 71.23  ? 21 G   B C6    1 
ATOM   712  O  O6    . G   B 2 20 ? -8.221  4.022   3.522   1.00 72.58  ? 21 G   B O6    1 
ATOM   713  N  N1    . G   B 2 20 ? -8.438  1.843   4.113   1.00 69.79  ? 21 G   B N1    1 
ATOM   714  C  C2    . G   B 2 20 ? -8.545  0.823   5.013   1.00 68.43  ? 21 G   B C2    1 
ATOM   715  N  N2    . G   B 2 20 ? -8.653  -0.413  4.475   1.00 66.26  ? 21 G   B N2    1 
ATOM   716  N  N3    . G   B 2 20 ? -8.542  0.996   6.334   1.00 69.21  ? 21 G   B N3    1 
ATOM   717  C  C4    . G   B 2 20 ? -8.427  2.300   6.680   1.00 70.81  ? 21 G   B C4    1 
ATOM   718  P  P     . A   B 2 21 ? -4.399  2.589   11.809  1.00 78.64  ? 22 A   B P     1 
ATOM   719  O  OP1   . A   B 2 21 ? -4.381  3.751   12.705  1.00 73.94  ? 22 A   B OP1   1 
ATOM   720  O  OP2   . A   B 2 21 ? -3.794  2.684   10.465  1.00 75.07  ? 22 A   B OP2   1 
ATOM   721  O  "O5'" . A   B 2 21 ? -3.704  1.389   12.566  1.00 74.88  ? 22 A   B "O5'" 1 
ATOM   722  C  "C5'" . A   B 2 21 ? -3.035  0.365   11.850  1.00 75.44  ? 22 A   B "C5'" 1 
ATOM   723  C  "C4'" . A   B 2 21 ? -3.704  -0.960  12.094  1.00 75.40  ? 22 A   B "C4'" 1 
ATOM   724  O  "O4'" . A   B 2 21 ? -4.925  -1.013  11.315  1.00 76.55  ? 22 A   B "O4'" 1 
ATOM   725  C  "C3'" . A   B 2 21 ? -2.920  -2.122  11.538  1.00 76.37  ? 22 A   B "C3'" 1 
ATOM   726  O  "O3'" . A   B 2 21 ? -1.943  -2.512  12.448  1.00 70.79  ? 22 A   B "O3'" 1 
ATOM   727  C  "C2'" . A   B 2 21 ? -3.976  -3.193  11.352  1.00 79.05  ? 22 A   B "C2'" 1 
ATOM   728  O  "O2'" . A   B 2 21 ? -4.278  -3.857  12.569  1.00 78.42  ? 22 A   B "O2'" 1 
ATOM   729  C  "C1'" . A   B 2 21 ? -5.144  -2.345  10.854  1.00 78.51  ? 22 A   B "C1'" 1 
ATOM   730  N  N9    . A   B 2 21 ? -5.222  -2.334  9.387   1.00 78.05  ? 22 A   B N9    1 
ATOM   731  C  C8    . A   B 2 21 ? -4.979  -1.302  8.515   1.00 77.36  ? 22 A   B C8    1 
ATOM   732  N  N7    . A   B 2 21 ? -5.102  -1.642  7.251   1.00 77.88  ? 22 A   B N7    1 
ATOM   733  C  C5    . A   B 2 21 ? -5.454  -2.982  7.299   1.00 77.38  ? 22 A   B C5    1 
ATOM   734  C  C6    . A   B 2 21 ? -5.712  -3.926  6.294   1.00 77.51  ? 22 A   B C6    1 
ATOM   735  N  N6    . A   B 2 21 ? -5.626  -3.661  4.990   1.00 78.25  ? 22 A   B N6    1 
ATOM   736  N  N1    . A   B 2 21 ? -6.053  -5.170  6.675   1.00 76.70  ? 22 A   B N1    1 
ATOM   737  C  C2    . A   B 2 21 ? -6.110  -5.439  7.982   1.00 77.34  ? 22 A   B C2    1 
ATOM   738  N  N3    . A   B 2 21 ? -5.872  -4.644  9.020   1.00 77.14  ? 22 A   B N3    1 
ATOM   739  C  C4    . A   B 2 21 ? -5.548  -3.417  8.608   1.00 77.22  ? 22 A   B C4    1 
ATOM   740  P  P     . A   B 2 22 ? -0.552  -3.008  11.885  1.00 73.83  ? 23 A   B P     1 
ATOM   741  O  OP1   . A   B 2 22 ? 0.292   -3.315  13.064  1.00 77.23  ? 23 A   B OP1   1 
ATOM   742  O  OP2   . A   B 2 22 ? -0.080  -2.051  10.861  1.00 68.50  ? 23 A   B OP2   1 
ATOM   743  O  "O5'" . A   B 2 22 ? -0.948  -4.360  11.165  1.00 70.66  ? 23 A   B "O5'" 1 
ATOM   744  C  "C5'" . A   B 2 22 ? -1.598  -5.375  11.900  1.00 69.46  ? 23 A   B "C5'" 1 
ATOM   745  C  "C4'" . A   B 2 22 ? -1.964  -6.494  10.980  1.00 69.18  ? 23 A   B "C4'" 1 
ATOM   746  O  "O4'" . A   B 2 22 ? -2.995  -6.031  10.076  1.00 69.79  ? 23 A   B "O4'" 1 
ATOM   747  C  "C3'" . A   B 2 22 ? -0.838  -6.916  10.059  1.00 68.79  ? 23 A   B "C3'" 1 
ATOM   748  O  "O3'" . A   B 2 22 ? -0.068  -7.898  10.692  1.00 70.01  ? 23 A   B "O3'" 1 
ATOM   749  C  "C2'" . A   B 2 22 ? -1.587  -7.540  8.901   1.00 68.63  ? 23 A   B "C2'" 1 
ATOM   750  O  "O2'" . A   B 2 22 ? -1.990  -8.852  9.186   1.00 65.24  ? 23 A   B "O2'" 1 
ATOM   751  C  "C1'" . A   B 2 22 ? -2.811  -6.634  8.813   1.00 68.48  ? 23 A   B "C1'" 1 
ATOM   752  N  N9    . A   B 2 22 ? -2.559  -5.584  7.842   1.00 66.36  ? 23 A   B N9    1 
ATOM   753  C  C8    . A   B 2 22 ? -2.225  -4.279  8.055   1.00 66.01  ? 23 A   B C8    1 
ATOM   754  N  N7    . A   B 2 22 ? -2.019  -3.601  6.948   1.00 65.79  ? 23 A   B N7    1 
ATOM   755  C  C5    . A   B 2 22 ? -2.244  -4.529  5.946   1.00 65.11  ? 23 A   B C5    1 
ATOM   756  C  C6    . A   B 2 22 ? -2.174  -4.437  4.546   1.00 65.92  ? 23 A   B C6    1 
ATOM   757  N  N6    . A   B 2 22 ? -1.843  -3.317  3.896   1.00 66.41  ? 23 A   B N6    1 
ATOM   758  N  N1    . A   B 2 22 ? -2.450  -5.550  3.830   1.00 65.75  ? 23 A   B N1    1 
ATOM   759  C  C2    . A   B 2 22 ? -2.771  -6.680  4.494   1.00 64.07  ? 23 A   B C2    1 
ATOM   760  N  N3    . A   B 2 22 ? -2.864  -6.883  5.807   1.00 66.44  ? 23 A   B N3    1 
ATOM   761  C  C4    . A   B 2 22 ? -2.586  -5.755  6.481   1.00 65.24  ? 23 A   B C4    1 
ATOM   762  P  P     . A   B 2 23 ? 1.454   -8.086  10.263  1.00 74.50  ? 24 A   B P     1 
ATOM   763  O  OP1   . A   B 2 23 ? 2.036   -9.042  11.221  1.00 73.13  ? 24 A   B OP1   1 
ATOM   764  O  OP2   . A   B 2 23 ? 2.063   -6.753  10.082  1.00 71.40  ? 24 A   B OP2   1 
ATOM   765  O  "O5'" . A   B 2 23 ? 1.374   -8.765  8.837   1.00 68.57  ? 24 A   B "O5'" 1 
ATOM   766  C  "C5'" . A   B 2 23 ? 0.700   -9.992  8.674   1.00 65.53  ? 24 A   B "C5'" 1 
ATOM   767  C  "C4'" . A   B 2 23 ? 0.619   -10.311 7.218   1.00 66.90  ? 24 A   B "C4'" 1 
ATOM   768  O  "O4'" . A   B 2 23 ? -0.313  -9.406  6.592   1.00 66.32  ? 24 A   B "O4'" 1 
ATOM   769  C  "C3'" . A   B 2 23 ? 1.912   -10.111 6.459   1.00 65.14  ? 24 A   B "C3'" 1 
ATOM   770  O  "O3'" . A   B 2 23 ? 2.673   -11.288 6.541   1.00 62.36  ? 24 A   B "O3'" 1 
ATOM   771  C  "C2'" . A   B 2 23 ? 1.419   -9.881  5.043   1.00 64.86  ? 24 A   B "C2'" 1 
ATOM   772  O  "O2'" . A   B 2 23 ? 1.083   -11.068 4.357   1.00 68.39  ? 24 A   B "O2'" 1 
ATOM   773  C  "C1'" . A   B 2 23 ? 0.160   -9.062  5.308   1.00 64.50  ? 24 A   B "C1'" 1 
ATOM   774  N  N9    . A   B 2 23 ? 0.473   -7.649  5.348   1.00 63.32  ? 24 A   B N9    1 
ATOM   775  C  C8    . A   B 2 23 ? 0.593   -6.871  6.468   1.00 64.08  ? 24 A   B C8    1 
ATOM   776  N  N7    . A   B 2 23 ? 0.872   -5.621  6.210   1.00 64.34  ? 24 A   B N7    1 
ATOM   777  C  C5    . A   B 2 23 ? 0.939   -5.574  4.822   1.00 61.81  ? 24 A   B C5    1 
ATOM   778  C  C6    . A   B 2 23 ? 1.220   -4.534  3.931   1.00 59.83  ? 24 A   B C6    1 
ATOM   779  N  N6    . A   B 2 23 ? 1.482   -3.281  4.327   1.00 58.79  ? 24 A   B N6    1 
ATOM   780  N  N1    . A   B 2 23 ? 1.235   -4.823  2.610   1.00 59.61  ? 24 A   B N1    1 
ATOM   781  C  C2    . A   B 2 23 ? 0.995   -6.083  2.230   1.00 60.28  ? 24 A   B C2    1 
ATOM   782  N  N3    . A   B 2 23 ? 0.722   -7.150  2.979   1.00 60.46  ? 24 A   B N3    1 
ATOM   783  C  C4    . A   B 2 23 ? 0.704   -6.819  4.284   1.00 62.07  ? 24 A   B C4    1 
ATOM   784  P  P     . C   B 2 24 ? 4.260   -11.182 6.565   1.00 67.79  ? 25 C   B P     1 
ATOM   785  O  OP1   . C   B 2 24 ? 4.806   -12.559 6.486   1.00 63.96  ? 25 C   B OP1   1 
ATOM   786  O  OP2   . C   B 2 24 ? 4.606   -10.290 7.707   1.00 63.93  ? 25 C   B OP2   1 
ATOM   787  O  "O5'" . C   B 2 24 ? 4.597   -10.476 5.183   1.00 62.10  ? 25 C   B "O5'" 1 
ATOM   788  C  "C5'" . C   B 2 24 ? 4.327   -11.163 3.980   1.00 61.20  ? 25 C   B "C5'" 1 
ATOM   789  C  "C4'" . C   B 2 24 ? 4.615   -10.288 2.807   1.00 61.09  ? 25 C   B "C4'" 1 
ATOM   790  O  "O4'" . C   B 2 24 ? 3.670   -9.201  2.768   1.00 65.52  ? 25 C   B "O4'" 1 
ATOM   791  C  "C3'" . C   B 2 24 ? 5.975   -9.629  2.816   1.00 63.76  ? 25 C   B "C3'" 1 
ATOM   792  O  "O3'" . C   B 2 24 ? 6.885   -10.521 2.203   1.00 66.78  ? 25 C   B "O3'" 1 
ATOM   793  C  "C2'" . C   B 2 24 ? 5.742   -8.424  1.925   1.00 63.19  ? 25 C   B "C2'" 1 
ATOM   794  O  "O2'" . C   B 2 24 ? 5.726   -8.828  0.586   1.00 61.21  ? 25 C   B "O2'" 1 
ATOM   795  C  "C1'" . C   B 2 24 ? 4.316   -8.034  2.310   1.00 61.77  ? 25 C   B "C1'" 1 
ATOM   796  N  N1    . C   B 2 24 ? 4.282   -7.067  3.405   1.00 61.14  ? 25 C   B N1    1 
ATOM   797  C  C2    . C   B 2 24 ? 4.544   -5.745  3.118   1.00 59.50  ? 25 C   B C2    1 
ATOM   798  O  O2    . C   B 2 24 ? 4.811   -5.451  1.934   1.00 60.23  ? 25 C   B O2    1 
ATOM   799  N  N3    . C   B 2 24 ? 4.502   -4.820  4.120   1.00 57.91  ? 25 C   B N3    1 
ATOM   800  C  C4    . C   B 2 24 ? 4.202   -5.200  5.368   1.00 60.50  ? 25 C   B C4    1 
ATOM   801  N  N4    . C   B 2 24 ? 4.172   -4.259  6.324   1.00 62.70  ? 25 C   B N4    1 
ATOM   802  C  C5    . C   B 2 24 ? 3.925   -6.561  5.688   1.00 60.51  ? 25 C   B C5    1 
ATOM   803  C  C6    . C   B 2 24 ? 3.980   -7.455  4.685   1.00 58.94  ? 25 C   B C6    1 
ATOM   804  P  P     . A   B 2 25 ? 8.458   -10.306 2.383   1.00 70.04  ? 26 A   B P     1 
ATOM   805  O  OP1   . A   B 2 25 ? 9.117   -11.405 1.663   1.00 63.34  ? 26 A   B OP1   1 
ATOM   806  O  OP2   . A   B 2 25 ? 8.792   -10.057 3.801   1.00 66.73  ? 26 A   B OP2   1 
ATOM   807  O  "O5'" . A   B 2 25 ? 8.757   -8.973  1.586   1.00 64.58  ? 26 A   B "O5'" 1 
ATOM   808  C  "C5'" . A   B 2 25 ? 8.766   -8.976  0.174   1.00 61.71  ? 26 A   B "C5'" 1 
ATOM   809  C  "C4'" . A   B 2 25 ? 8.981   -7.581  -0.303  1.00 63.20  ? 26 A   B "C4'" 1 
ATOM   810  O  "O4'" . A   B 2 25 ? 7.926   -6.764  0.252   1.00 58.78  ? 26 A   B "O4'" 1 
ATOM   811  C  "C3'" . A   B 2 25 ? 10.225  -6.953  0.268   1.00 65.53  ? 26 A   B "C3'" 1 
ATOM   812  O  "O3'" . A   B 2 25 ? 11.341  -7.296  -0.491  1.00 69.23  ? 26 A   B "O3'" 1 
ATOM   813  C  "C2'" . A   B 2 25 ? 9.912   -5.472  0.215   1.00 62.12  ? 26 A   B "C2'" 1 
ATOM   814  O  "O2'" . A   B 2 25 ? 10.063  -4.902  -1.062  1.00 64.83  ? 26 A   B "O2'" 1 
ATOM   815  C  "C1'" . A   B 2 25 ? 8.440   -5.494  0.591   1.00 56.75  ? 26 A   B "C1'" 1 
ATOM   816  N  N9    . A   B 2 25 ? 8.257   -5.331  2.015   1.00 54.10  ? 26 A   B N9    1 
ATOM   817  C  C8    . A   B 2 25 ? 7.940   -6.293  2.950   1.00 53.99  ? 26 A   B C8    1 
ATOM   818  N  N7    . A   B 2 25 ? 7.754   -5.812  4.160   1.00 53.97  ? 26 A   B N7    1 
ATOM   819  C  C5    . A   B 2 25 ? 7.992   -4.448  4.015   1.00 52.59  ? 26 A   B C5    1 
ATOM   820  C  C6    . A   B 2 25 ? 7.969   -3.378  4.928   1.00 51.83  ? 26 A   B C6    1 
ATOM   821  N  N6    . A   B 2 25 ? 7.669   -3.518  6.223   1.00 51.04  ? 26 A   B N6    1 
ATOM   822  N  N1    . A   B 2 25 ? 8.265   -2.141  4.458   1.00 53.13  ? 26 A   B N1    1 
ATOM   823  C  C2    . A   B 2 25 ? 8.572   -2.002  3.147   1.00 54.33  ? 26 A   B C2    1 
ATOM   824  N  N3    . A   B 2 25 ? 8.632   -2.933  2.192   1.00 53.54  ? 26 A   B N3    1 
ATOM   825  C  C4    . A   B 2 25 ? 8.324   -4.145  2.700   1.00 53.81  ? 26 A   B C4    1 
ATOM   826  P  P     . C   B 2 26 ? 12.752  -7.356  0.235   1.00 75.76  ? 27 C   B P     1 
ATOM   827  O  OP1   . C   B 2 26 ? 13.752  -7.688  -0.790  1.00 67.80  ? 27 C   B OP1   1 
ATOM   828  O  OP2   . C   B 2 26 ? 12.611  -8.209  1.432   1.00 70.70  ? 27 C   B OP2   1 
ATOM   829  O  "O5'" . C   B 2 26 ? 12.963  -5.858  0.720   1.00 66.08  ? 27 C   B "O5'" 1 
ATOM   830  C  "C5'" . C   B 2 26 ? 13.203  -4.858  -0.242  1.00 64.81  ? 27 C   B "C5'" 1 
ATOM   831  C  "C4'" . C   B 2 26 ? 13.274  -3.505  0.400   1.00 66.12  ? 27 C   B "C4'" 1 
ATOM   832  O  "O4'" . C   B 2 26 ? 12.017  -3.242  1.078   1.00 69.57  ? 27 C   B "O4'" 1 
ATOM   833  C  "C3'" . C   B 2 26 ? 14.324  -3.335  1.486   1.00 67.68  ? 27 C   B "C3'" 1 
ATOM   834  O  "O3'" . C   B 2 26 ? 15.604  -3.031  0.928   1.00 74.65  ? 27 C   B "O3'" 1 
ATOM   835  C  "C2'" . C   B 2 26 ? 13.760  -2.157  2.260   1.00 63.81  ? 27 C   B "C2'" 1 
ATOM   836  O  "O2'" . C   B 2 26 ? 13.964  -0.963  1.541   1.00 64.25  ? 27 C   B "O2'" 1 
ATOM   837  C  "C1'" . C   B 2 26 ? 12.268  -2.462  2.232   1.00 61.80  ? 27 C   B "C1'" 1 
ATOM   838  N  N1    . C   B 2 26 ? 11.851  -3.203  3.437   1.00 58.64  ? 27 C   B N1    1 
ATOM   839  C  C2    . C   B 2 26 ? 11.513  -2.454  4.574   1.00 57.92  ? 27 C   B C2    1 
ATOM   840  O  O2    . C   B 2 26 ? 11.576  -1.220  4.524   1.00 58.95  ? 27 C   B O2    1 
ATOM   841  N  N3    . C   B 2 26 ? 11.126  -3.099  5.705   1.00 54.00  ? 27 C   B N3    1 
ATOM   842  C  C4    . C   B 2 26 ? 11.063  -4.431  5.723   1.00 53.92  ? 27 C   B C4    1 
ATOM   843  N  N4    . C   B 2 26 ? 10.649  -5.023  6.853   1.00 54.46  ? 27 C   B N4    1 
ATOM   844  C  C5    . C   B 2 26 ? 11.416  -5.221  4.580   1.00 56.16  ? 27 C   B C5    1 
ATOM   845  C  C6    . C   B 2 26 ? 11.795  -4.569  3.461   1.00 55.28  ? 27 C   B C6    1 
ATOM   846  P  P     . A   B 2 27 ? 16.947  -3.489  1.692   1.00 75.44  ? 28 A   B P     1 
ATOM   847  O  OP1   . A   B 2 27 ? 18.057  -3.222  0.765   1.00 71.25  ? 28 A   B OP1   1 
ATOM   848  O  OP2   . A   B 2 27 ? 16.807  -4.854  2.244   1.00 66.48  ? 28 A   B OP2   1 
ATOM   849  O  "O5'" . A   B 2 27 ? 17.043  -2.432  2.874   1.00 64.53  ? 28 A   B "O5'" 1 
ATOM   850  C  "C5'" . A   B 2 27 ? 17.187  -1.056  2.572   1.00 63.37  ? 28 A   B "C5'" 1 
ATOM   851  C  "C4'" . A   B 2 27 ? 17.114  -0.230  3.828   1.00 65.73  ? 28 A   B "C4'" 1 
ATOM   852  O  "O4'" . A   B 2 27 ? 15.764  -0.270  4.354   1.00 65.83  ? 28 A   B "O4'" 1 
ATOM   853  C  "C3'" . A   B 2 27 ? 17.981  -0.678  4.991   1.00 66.75  ? 28 A   B "C3'" 1 
ATOM   854  O  "O3'" . A   B 2 27 ? 19.310  -0.209  4.866   1.00 69.41  ? 28 A   B "O3'" 1 
ATOM   855  C  "C2'" . A   B 2 27 ? 17.261  -0.025  6.157   1.00 66.56  ? 28 A   B "C2'" 1 
ATOM   856  O  "O2'" . A   B 2 27 ? 17.506  1.367   6.154   1.00 63.12  ? 28 A   B "O2'" 1 
ATOM   857  C  "C1'" . A   B 2 27 ? 15.801  -0.246  5.768   1.00 67.46  ? 28 A   B "C1'" 1 
ATOM   858  N  N9    . A   B 2 27 ? 15.262  -1.527  6.240   1.00 65.50  ? 28 A   B N9    1 
ATOM   859  C  C8    . A   B 2 27 ? 15.259  -2.713  5.557   1.00 64.12  ? 28 A   B C8    1 
ATOM   860  N  N7    . A   B 2 27 ? 14.705  -3.698  6.222   1.00 61.49  ? 28 A   B N7    1 
ATOM   861  C  C5    . A   B 2 27 ? 14.322  -3.121  7.423   1.00 61.66  ? 28 A   B C5    1 
ATOM   862  C  C6    . A   B 2 27 ? 13.673  -3.641  8.561   1.00 61.34  ? 28 A   B C6    1 
ATOM   863  N  N6    . A   B 2 27 ? 13.274  -4.918  8.685   1.00 58.20  ? 28 A   B N6    1 
ATOM   864  N  N1    . A   B 2 27 ? 13.436  -2.791  9.588   1.00 63.51  ? 28 A   B N1    1 
ATOM   865  C  C2    . A   B 2 27 ? 13.819  -1.514  9.462   1.00 64.00  ? 28 A   B C2    1 
ATOM   866  N  N3    . A   B 2 27 ? 14.429  -0.911  8.442   1.00 62.79  ? 28 A   B N3    1 
ATOM   867  C  C4    . A   B 2 27 ? 14.659  -1.778  7.443   1.00 63.23  ? 28 A   B C4    1 
ATOM   868  P  P     . C   B 2 28 ? 20.508  -1.037  5.529   1.00 71.64  ? 29 C   B P     1 
ATOM   869  O  OP1   . C   B 2 28 ? 21.722  -0.282  5.157   1.00 75.11  ? 29 C   B OP1   1 
ATOM   870  O  OP2   . C   B 2 28 ? 20.368  -2.457  5.135   1.00 71.32  ? 29 C   B OP2   1 
ATOM   871  O  "O5'" . C   B 2 28 ? 20.277  -0.920  7.104   1.00 65.01  ? 29 C   B "O5'" 1 
ATOM   872  C  "C5'" . C   B 2 28 ? 20.592  0.287   7.774   1.00 59.66  ? 29 C   B "C5'" 1 
ATOM   873  C  "C4'" . C   B 2 28 ? 20.003  0.332   9.173   1.00 63.01  ? 29 C   B "C4'" 1 
ATOM   874  O  "O4'" . C   B 2 28 ? 18.574  0.085   9.086   1.00 66.31  ? 29 C   B "O4'" 1 
ATOM   875  C  "C3'" . C   B 2 28 ? 20.488  -0.709  10.181  1.00 62.76  ? 29 C   B "C3'" 1 
ATOM   876  O  "O3'" . C   B 2 28 ? 21.663  -0.288  10.847  1.00 61.04  ? 29 C   B "O3'" 1 
ATOM   877  C  "C2'" . C   B 2 28 ? 19.346  -0.709  11.179  1.00 63.82  ? 29 C   B "C2'" 1 
ATOM   878  O  "O2'" . C   B 2 28 ? 19.393  0.413   12.040  1.00 61.98  ? 29 C   B "O2'" 1 
ATOM   879  C  "C1'" . C   B 2 28 ? 18.141  -0.594  10.253  1.00 64.92  ? 29 C   B "C1'" 1 
ATOM   880  N  N1    . C   B 2 28 ? 17.684  -1.946  9.908   1.00 64.89  ? 29 C   B N1    1 
ATOM   881  C  C2    . C   B 2 28 ? 16.912  -2.636  10.855  1.00 65.18  ? 29 C   B C2    1 
ATOM   882  O  O2    . C   B 2 28 ? 16.588  -2.061  11.921  1.00 65.64  ? 29 C   B O2    1 
ATOM   883  N  N3    . C   B 2 28 ? 16.529  -3.907  10.593  1.00 64.95  ? 29 C   B N3    1 
ATOM   884  C  C4    . C   B 2 28 ? 16.861  -4.478  9.433   1.00 64.84  ? 29 C   B C4    1 
ATOM   885  N  N4    . C   B 2 28 ? 16.459  -5.731  9.217   1.00 64.10  ? 29 C   B N4    1 
ATOM   886  C  C5    . C   B 2 28 ? 17.622  -3.791  8.439   1.00 65.69  ? 29 C   B C5    1 
ATOM   887  C  C6    . C   B 2 28 ? 18.010  -2.535  8.716   1.00 65.31  ? 29 C   B C6    1 
ATOM   888  P  P     . G   B 2 29 ? 22.750  -1.360  11.324  1.00 64.64  ? 30 G   B P     1 
ATOM   889  O  OP1   . G   B 2 29 ? 23.904  -0.514  11.654  1.00 67.07  ? 30 G   B OP1   1 
ATOM   890  O  OP2   . G   B 2 29 ? 22.907  -2.456  10.355  1.00 61.81  ? 30 G   B OP2   1 
ATOM   891  O  "O5'" . G   B 2 29 ? 22.166  -1.965  12.664  1.00 60.97  ? 30 G   B "O5'" 1 
ATOM   892  C  "C5'" . G   B 2 29 ? 21.904  -1.116  13.747  1.00 61.85  ? 30 G   B "C5'" 1 
ATOM   893  C  "C4'" . G   B 2 29 ? 21.093  -1.840  14.772  1.00 65.81  ? 30 G   B "C4'" 1 
ATOM   894  O  "O4'" . G   B 2 29 ? 19.798  -2.127  14.196  1.00 68.24  ? 30 G   B "O4'" 1 
ATOM   895  C  "C3'" . G   B 2 29 ? 21.609  -3.219  15.160  1.00 68.17  ? 30 G   B "C3'" 1 
ATOM   896  O  "O3'" . G   B 2 29 ? 22.657  -3.186  16.111  1.00 67.84  ? 30 G   B "O3'" 1 
ATOM   897  C  "C2'" . G   B 2 29 ? 20.350  -3.864  15.708  1.00 68.28  ? 30 G   B "C2'" 1 
ATOM   898  O  "O2'" . G   B 2 29 ? 20.015  -3.328  16.978  1.00 65.70  ? 30 G   B "O2'" 1 
ATOM   899  C  "C1'" . G   B 2 29 ? 19.332  -3.369  14.690  1.00 67.03  ? 30 G   B "C1'" 1 
ATOM   900  N  N9    . G   B 2 29 ? 19.222  -4.312  13.588  1.00 66.25  ? 30 G   B N9    1 
ATOM   901  C  C8    . G   B 2 29 ? 19.705  -4.196  12.308  1.00 67.01  ? 30 G   B C8    1 
ATOM   902  N  N7    . G   B 2 29 ? 19.411  -5.221  11.556  1.00 66.61  ? 30 G   B N7    1 
ATOM   903  C  C5    . G   B 2 29 ? 18.695  -6.061  12.394  1.00 67.37  ? 30 G   B C5    1 
ATOM   904  C  C6    . G   B 2 29 ? 18.096  -7.327  12.151  1.00 67.83  ? 30 G   B C6    1 
ATOM   905  O  O6    . G   B 2 29 ? 18.068  -7.987  11.099  1.00 68.51  ? 30 G   B O6    1 
ATOM   906  N  N1    . G   B 2 29 ? 17.481  -7.823  13.294  1.00 66.49  ? 30 G   B N1    1 
ATOM   907  C  C2    . G   B 2 29 ? 17.441  -7.188  14.507  1.00 65.49  ? 30 G   B C2    1 
ATOM   908  N  N2    . G   B 2 29 ? 16.814  -7.836  15.497  1.00 65.87  ? 30 G   B N2    1 
ATOM   909  N  N3    . G   B 2 29 ? 17.980  -6.012  14.739  1.00 65.85  ? 30 G   B N3    1 
ATOM   910  C  C4    . G   B 2 29 ? 18.585  -5.511  13.650  1.00 66.50  ? 30 G   B C4    1 
ATOM   911  P  P     . A   B 2 30 ? 23.837  -4.265  16.010  1.00 70.13  ? 31 A   B P     1 
ATOM   912  O  OP1   . A   B 2 30 ? 24.786  -3.839  17.056  1.00 70.18  ? 31 A   B OP1   1 
ATOM   913  O  OP2   . A   B 2 30 ? 24.285  -4.372  14.592  1.00 66.79  ? 31 A   B OP2   1 
ATOM   914  O  "O5'" . A   B 2 30 ? 23.130  -5.628  16.441  1.00 68.23  ? 31 A   B "O5'" 1 
ATOM   915  C  "C5'" . A   B 2 30 ? 22.510  -5.719  17.717  1.00 70.95  ? 31 A   B "C5'" 1 
ATOM   916  C  "C4'" . A   B 2 30 ? 21.815  -7.045  17.898  1.00 72.27  ? 31 A   B "C4'" 1 
ATOM   917  O  "O4'" . A   B 2 30 ? 20.663  -7.122  17.021  1.00 75.36  ? 31 A   B "O4'" 1 
ATOM   918  C  "C3'" . A   B 2 30 ? 22.624  -8.280  17.546  1.00 72.72  ? 31 A   B "C3'" 1 
ATOM   919  O  "O3'" . A   B 2 30 ? 23.601  -8.672  18.527  1.00 81.03  ? 31 A   B "O3'" 1 
ATOM   920  C  "C2'" . A   B 2 30 ? 21.529  -9.303  17.312  1.00 75.62  ? 31 A   B "C2'" 1 
ATOM   921  O  "O2'" . A   B 2 30 ? 20.977  -9.714  18.543  1.00 76.86  ? 31 A   B "O2'" 1 
ATOM   922  C  "C1'" . A   B 2 30 ? 20.476  -8.462  16.602  1.00 72.68  ? 31 A   B "C1'" 1 
ATOM   923  N  N9    . A   B 2 30 ? 20.632  -8.532  15.157  1.00 69.83  ? 31 A   B N9    1 
ATOM   924  C  C8    . A   B 2 30 ? 21.364  -7.698  14.353  1.00 70.12  ? 31 A   B C8    1 
ATOM   925  N  N7    . A   B 2 30 ? 21.340  -8.032  13.084  1.00 70.99  ? 31 A   B N7    1 
ATOM   926  C  C5    . A   B 2 30 ? 20.527  -9.158  13.051  1.00 69.62  ? 31 A   B C5    1 
ATOM   927  C  C6    . A   B 2 30 ? 20.098  -9.990  11.997  1.00 68.95  ? 31 A   B C6    1 
ATOM   928  N  N6    . A   B 2 30 ? 20.450  -9.825  10.709  1.00 71.19  ? 31 A   B N6    1 
ATOM   929  N  N1    . A   B 2 30 ? 19.288  -11.019 12.314  1.00 67.12  ? 31 A   B N1    1 
ATOM   930  C  C2    . A   B 2 30 ? 18.940  -11.196 13.591  1.00 66.25  ? 31 A   B C2    1 
ATOM   931  N  N3    . A   B 2 30 ? 19.276  -10.492 14.661  1.00 67.60  ? 31 A   B N3    1 
ATOM   932  C  C4    . A   B 2 30 ? 20.079  -9.472  14.323  1.00 68.68  ? 31 A   B C4    1 
ATOM   933  O  "O5'" . U   C 3 1  ? 14.046  -16.148 8.016   1.00 59.20  ? 31 U   C "O5'" 1 
ATOM   934  C  "C5'" . U   C 3 1  ? 13.734  -17.344 8.767   1.00 61.27  ? 31 U   C "C5'" 1 
ATOM   935  C  "C4'" . U   C 3 1  ? 14.013  -17.169 10.246  1.00 62.73  ? 31 U   C "C4'" 1 
ATOM   936  O  "O4'" . U   C 3 1  ? 15.446  -17.155 10.466  1.00 64.82  ? 31 U   C "O4'" 1 
ATOM   937  C  "C3'" . U   C 3 1  ? 13.501  -15.879 10.869  1.00 63.26  ? 31 U   C "C3'" 1 
ATOM   938  O  "O3'" . U   C 3 1  ? 12.152  -16.048 11.302  1.00 62.86  ? 31 U   C "O3'" 1 
ATOM   939  C  "C2'" . U   C 3 1  ? 14.442  -15.694 12.051  1.00 67.16  ? 31 U   C "C2'" 1 
ATOM   940  O  "O2'" . U   C 3 1  ? 14.039  -16.472 13.149  1.00 68.01  ? 31 U   C "O2'" 1 
ATOM   941  C  "C1'" . U   C 3 1  ? 15.765  -16.214 11.478  1.00 67.17  ? 31 U   C "C1'" 1 
ATOM   942  N  N1    . U   C 3 1  ? 16.565  -15.149 10.856  1.00 65.67  ? 31 U   C N1    1 
ATOM   943  C  C2    . U   C 3 1  ? 17.164  -14.228 11.680  1.00 65.49  ? 31 U   C C2    1 
ATOM   944  O  O2    . U   C 3 1  ? 17.118  -14.308 12.892  1.00 62.52  ? 31 U   C O2    1 
ATOM   945  N  N3    . U   C 3 1  ? 17.842  -13.212 11.034  1.00 65.23  ? 31 U   C N3    1 
ATOM   946  C  C4    . U   C 3 1  ? 17.994  -13.038 9.665   1.00 63.87  ? 31 U   C C4    1 
ATOM   947  O  O4    . U   C 3 1  ? 18.531  -12.005 9.223   1.00 62.47  ? 31 U   C O4    1 
ATOM   948  C  C5    . U   C 3 1  ? 17.382  -14.065 8.886   1.00 62.16  ? 31 U   C C5    1 
ATOM   949  C  C6    . U   C 3 1  ? 16.696  -15.052 9.493   1.00 64.03  ? 31 U   C C6    1 
ATOM   950  P  P     . C   C 3 2  ? 11.169  -14.780 11.352  1.00 65.65  ? 32 C   C P     1 
ATOM   951  O  OP1   . C   C 3 2  ? 9.791   -15.252 11.620  1.00 63.85  ? 32 C   C OP1   1 
ATOM   952  O  OP2   . C   C 3 2  ? 11.433  -13.934 10.169  1.00 60.64  ? 32 C   C OP2   1 
ATOM   953  O  "O5'" . C   C 3 2  ? 11.629  -14.024 12.662  1.00 63.76  ? 32 C   C "O5'" 1 
ATOM   954  C  "C5'" . C   C 3 2  ? 11.437  -14.640 13.917  1.00 64.80  ? 32 C   C "C5'" 1 
ATOM   955  C  "C4'" . C   C 3 2  ? 12.094  -13.830 14.983  1.00 63.79  ? 32 C   C "C4'" 1 
ATOM   956  O  "O4'" . C   C 3 2  ? 13.518  -13.834 14.717  1.00 64.77  ? 32 C   C "O4'" 1 
ATOM   957  C  "C3'" . C   C 3 2  ? 11.708  -12.362 15.020  1.00 62.77  ? 32 C   C "C3'" 1 
ATOM   958  O  "O3'" . C   C 3 2  ? 10.573  -12.181 15.848  1.00 62.31  ? 32 C   C "O3'" 1 
ATOM   959  C  "C2'" . C   C 3 2  ? 12.930  -11.761 15.692  1.00 61.65  ? 32 C   C "C2'" 1 
ATOM   960  O  "O2'" . C   C 3 2  ? 12.908  -12.039 17.079  1.00 65.03  ? 32 C   C "O2'" 1 
ATOM   961  C  "C1'" . C   C 3 2  ? 14.058  -12.571 15.048  1.00 63.18  ? 32 C   C "C1'" 1 
ATOM   962  N  N1    . C   C 3 2  ? 14.590  -11.970 13.814  1.00 62.93  ? 32 C   C N1    1 
ATOM   963  C  C2    . C   C 3 2  ? 15.291  -10.765 13.893  1.00 64.84  ? 32 C   C C2    1 
ATOM   964  O  O2    . C   C 3 2  ? 15.434  -10.228 14.992  1.00 67.81  ? 32 C   C O2    1 
ATOM   965  N  N3    . C   C 3 2  ? 15.802  -10.211 12.767  1.00 65.34  ? 32 C   C N3    1 
ATOM   966  C  C4    . C   C 3 2  ? 15.624  -10.814 11.592  1.00 66.02  ? 32 C   C C4    1 
ATOM   967  N  N4    . C   C 3 2  ? 16.137  -10.229 10.506  1.00 66.24  ? 32 C   C N4    1 
ATOM   968  C  C5    . C   C 3 2  ? 14.910  -12.043 11.475  1.00 66.19  ? 32 C   C C5    1 
ATOM   969  C  C6    . C   C 3 2  ? 14.410  -12.580 12.605  1.00 64.41  ? 32 C   C C6    1 
ATOM   970  P  P     . G   C 3 3  ? 9.521   -10.991 15.543  1.00 61.77  ? 33 G   C P     1 
ATOM   971  O  OP1   . G   C 3 3  ? 8.293   -11.328 16.309  1.00 59.83  ? 33 G   C OP1   1 
ATOM   972  O  OP2   . G   C 3 3  ? 9.427   -10.734 14.072  1.00 58.52  ? 33 G   C OP2   1 
ATOM   973  O  "O5'" . G   C 3 3  ? 10.195  -9.708  16.207  1.00 62.51  ? 33 G   C "O5'" 1 
ATOM   974  C  "C5'" . G   C 3 3  ? 10.417  -9.588  17.624  1.00 66.60  ? 33 G   C "C5'" 1 
ATOM   975  C  "C4'" . G   C 3 3  ? 11.253  -8.356  17.872  1.00 65.55  ? 33 G   C "C4'" 1 
ATOM   976  O  "O4'" . G   C 3 3  ? 12.520  -8.509  17.183  1.00 63.88  ? 33 G   C "O4'" 1 
ATOM   977  C  "C3'" . G   C 3 3  ? 10.666  -7.085  17.297  1.00 67.16  ? 33 G   C "C3'" 1 
ATOM   978  O  "O3'" . G   C 3 3  ? 9.830   -6.505  18.281  1.00 66.43  ? 33 G   C "O3'" 1 
ATOM   979  C  "C2'" . G   C 3 3  ? 11.901  -6.223  17.062  1.00 64.34  ? 33 G   C "C2'" 1 
ATOM   980  O  "O2'" . G   C 3 3  ? 12.364  -5.589  18.233  1.00 67.02  ? 33 G   C "O2'" 1 
ATOM   981  C  "C1'" . G   C 3 3  ? 12.927  -7.267  16.625  1.00 66.02  ? 33 G   C "C1'" 1 
ATOM   982  N  N9    . G   C 3 3  ? 13.081  -7.457  15.185  1.00 66.72  ? 33 G   C N9    1 
ATOM   983  C  C8    . G   C 3 3  ? 12.625  -8.527  14.449  1.00 68.75  ? 33 G   C C8    1 
ATOM   984  N  N7    . G   C 3 3  ? 12.963  -8.468  13.188  1.00 68.72  ? 33 G   C N7    1 
ATOM   985  C  C5    . G   C 3 3  ? 13.672  -7.286  13.077  1.00 67.21  ? 33 G   C C5    1 
ATOM   986  C  C6    . G   C 3 3  ? 14.277  -6.695  11.966  1.00 66.45  ? 33 G   C C6    1 
ATOM   987  O  O6    . G   C 3 3  ? 14.326  -7.118  10.808  1.00 67.23  ? 33 G   C O6    1 
ATOM   988  N  N1    . G   C 3 3  ? 14.879  -5.487  12.290  1.00 63.98  ? 33 G   C N1    1 
ATOM   989  C  C2    . G   C 3 3  ? 14.902  -4.925  13.536  1.00 64.79  ? 33 G   C C2    1 
ATOM   990  N  N2    . G   C 3 3  ? 15.542  -3.748  13.657  1.00 65.32  ? 33 G   C N2    1 
ATOM   991  N  N3    . G   C 3 3  ? 14.341  -5.470  14.594  1.00 65.74  ? 33 G   C N3    1 
ATOM   992  C  C4    . G   C 3 3  ? 13.747  -6.640  14.298  1.00 67.25  ? 33 G   C C4    1 
ATOM   993  P  P     . U   C 3 4  ? 8.667   -5.509  17.836  1.00 67.89  ? 34 U   C P     1 
ATOM   994  O  OP1   . U   C 3 4  ? 7.966   -5.080  19.059  1.00 71.06  ? 34 U   C OP1   1 
ATOM   995  O  OP2   . U   C 3 4  ? 7.899   -6.121  16.739  1.00 73.07  ? 34 U   C OP2   1 
ATOM   996  O  "O5'" . U   C 3 4  ? 9.439   -4.247  17.256  1.00 65.35  ? 34 U   C "O5'" 1 
ATOM   997  C  "C5'" . U   C 3 4  ? 10.052  -3.332  18.142  1.00 65.43  ? 34 U   C "C5'" 1 
ATOM   998  C  "C4'" . U   C 3 4  ? 10.884  -2.333  17.388  1.00 61.44  ? 34 U   C "C4'" 1 
ATOM   999  O  "O4'" . U   C 3 4  ? 11.895  -3.009  16.594  1.00 64.02  ? 34 U   C "O4'" 1 
ATOM   1000 C  "C3'" . U   C 3 4  ? 10.116  -1.530  16.364  1.00 64.16  ? 34 U   C "C3'" 1 
ATOM   1001 O  "O3'" . U   C 3 4  ? 9.516   -0.407  16.970  1.00 68.06  ? 34 U   C "O3'" 1 
ATOM   1002 C  "C2'" . U   C 3 4  ? 11.210  -1.064  15.427  1.00 63.06  ? 34 U   C "C2'" 1 
ATOM   1003 O  "O2'" . U   C 3 4  ? 11.916  0.018   15.982  1.00 67.34  ? 34 U   C "O2'" 1 
ATOM   1004 C  "C1'" . U   C 3 4  ? 12.122  -2.279  15.405  1.00 62.75  ? 34 U   C "C1'" 1 
ATOM   1005 N  N1    . U   C 3 4  ? 11.893  -3.125  14.237  1.00 65.52  ? 34 U   C N1    1 
ATOM   1006 C  C2    . U   C 3 4  ? 12.381  -2.647  13.051  1.00 66.69  ? 34 U   C C2    1 
ATOM   1007 O  O2    . U   C 3 4  ? 12.952  -1.564  12.969  1.00 69.28  ? 34 U   C O2    1 
ATOM   1008 N  N3    . U   C 3 4  ? 12.175  -3.458  11.965  1.00 65.93  ? 34 U   C N3    1 
ATOM   1009 C  C4    . U   C 3 4  ? 11.530  -4.665  11.946  1.00 67.39  ? 34 U   C C4    1 
ATOM   1010 O  O4    . U   C 3 4  ? 11.474  -5.299  10.897  1.00 69.05  ? 34 U   C O4    1 
ATOM   1011 C  C5    . U   C 3 4  ? 11.030  -5.091  13.209  1.00 68.22  ? 34 U   C C5    1 
ATOM   1012 C  C6    . U   C 3 4  ? 11.231  -4.329  14.291  1.00 67.29  ? 34 U   C C6    1 
ATOM   1013 P  P     . G   C 3 5  ? 8.305   0.322   16.230  1.00 71.21  ? 35 G   C P     1 
ATOM   1014 O  OP1   . G   C 3 5  ? 7.773   1.317   17.177  1.00 72.09  ? 35 G   C OP1   1 
ATOM   1015 O  OP2   . G   C 3 5  ? 7.416   -0.742  15.714  1.00 69.10  ? 35 G   C OP2   1 
ATOM   1016 O  "O5'" . G   C 3 5  ? 9.005   1.060   15.004  1.00 67.93  ? 35 G   C "O5'" 1 
ATOM   1017 C  "C5'" . G   C 3 5  ? 9.847   2.186   15.218  1.00 63.99  ? 35 G   C "C5'" 1 
ATOM   1018 C  "C4'" . G   C 3 5  ? 10.466  2.613   13.919  1.00 66.75  ? 35 G   C "C4'" 1 
ATOM   1019 O  "O4'" . G   C 3 5  ? 11.139  1.474   13.333  1.00 66.44  ? 35 G   C "O4'" 1 
ATOM   1020 C  "C3'" . G   C 3 5  ? 9.478   3.039   12.849  1.00 68.16  ? 35 G   C "C3'" 1 
ATOM   1021 O  "O3'" . G   C 3 5  ? 9.181   4.403   13.047  1.00 68.49  ? 35 G   C "O3'" 1 
ATOM   1022 C  "C2'" . G   C 3 5  ? 10.259  2.797   11.557  1.00 67.21  ? 35 G   C "C2'" 1 
ATOM   1023 O  "O2'" . G   C 3 5  ? 11.158  3.834   11.195  1.00 64.50  ? 35 G   C "O2'" 1 
ATOM   1024 C  "C1'" . G   C 3 5  ? 11.028  1.526   11.917  1.00 66.45  ? 35 G   C "C1'" 1 
ATOM   1025 N  N9    . G   C 3 5  ? 10.433  0.274   11.462  1.00 68.05  ? 35 G   C N9    1 
ATOM   1026 C  C8    . G   C 3 5  ? 9.681   -0.600  12.219  1.00 68.54  ? 35 G   C C8    1 
ATOM   1027 N  N7    . G   C 3 5  ? 9.343   -1.681  11.565  1.00 68.07  ? 35 G   C N7    1 
ATOM   1028 C  C5    . G   C 3 5  ? 9.898   -1.511  10.301  1.00 66.05  ? 35 G   C C5    1 
ATOM   1029 C  C6    . G   C 3 5  ? 9.893   -2.372  9.166   1.00 65.69  ? 35 G   C C6    1 
ATOM   1030 O  O6    . G   C 3 5  ? 9.416   -3.525  9.065   1.00 67.01  ? 35 G   C O6    1 
ATOM   1031 N  N1    . G   C 3 5  ? 10.545  -1.791  8.083   1.00 63.52  ? 35 G   C N1    1 
ATOM   1032 C  C2    . G   C 3 5  ? 11.132  -0.549  8.089   1.00 63.07  ? 35 G   C C2    1 
ATOM   1033 N  N2    . G   C 3 5  ? 11.660  -0.149  6.937   1.00 60.84  ? 35 G   C N2    1 
ATOM   1034 N  N3    . G   C 3 5  ? 11.192  0.239   9.151   1.00 62.54  ? 35 G   C N3    1 
ATOM   1035 C  C4    . G   C 3 5  ? 10.549  -0.295  10.206  1.00 65.21  ? 35 G   C C4    1 
ATOM   1036 P  P     . G   C 3 6  ? 7.702   4.953   12.765  1.00 69.57  ? 36 G   C P     1 
ATOM   1037 O  OP1   . G   C 3 6  ? 7.538   6.115   13.662  1.00 69.76  ? 36 G   C OP1   1 
ATOM   1038 O  OP2   . G   C 3 6  ? 6.720   3.838   12.847  1.00 70.84  ? 36 G   C OP2   1 
ATOM   1039 O  "O5'" . G   C 3 6  ? 7.808   5.515   11.271  1.00 64.65  ? 36 G   C "O5'" 1 
ATOM   1040 C  "C5'" . G   C 3 6  ? 8.813   6.479   10.951  1.00 63.45  ? 36 G   C "C5'" 1 
ATOM   1041 C  "C4'" . G   C 3 6  ? 9.191   6.420   9.494   1.00 67.14  ? 36 G   C "C4'" 1 
ATOM   1042 O  "O4'" . G   C 3 6  ? 9.361   5.054   9.079   1.00 71.16  ? 36 G   C "O4'" 1 
ATOM   1043 C  "C3'" . G   C 3 6  ? 8.115   7.001   8.596   1.00 69.28  ? 36 G   C "C3'" 1 
ATOM   1044 O  "O3'" . G   C 3 6  ? 8.801   7.661   7.556   1.00 71.78  ? 36 G   C "O3'" 1 
ATOM   1045 C  "C2'" . G   C 3 6  ? 7.300   5.822   8.092   1.00 69.03  ? 36 G   C "C2'" 1 
ATOM   1046 O  "O2'" . G   C 3 6  ? 6.940   6.014   6.739   1.00 74.01  ? 36 G   C "O2'" 1 
ATOM   1047 C  "C1'" . G   C 3 6  ? 8.348   4.712   8.162   1.00 67.52  ? 36 G   C "C1'" 1 
ATOM   1048 N  N9    . G   C 3 6  ? 7.965   3.319   8.355   1.00 63.98  ? 36 G   C N9    1 
ATOM   1049 C  C8    . G   C 3 6  ? 7.256   2.772   9.399   1.00 61.43  ? 36 G   C C8    1 
ATOM   1050 N  N7    . G   C 3 6  ? 7.088   1.480   9.278   1.00 61.32  ? 36 G   C N7    1 
ATOM   1051 C  C5    . G   C 3 6  ? 7.732   1.148   8.084   1.00 60.60  ? 36 G   C C5    1 
ATOM   1052 C  C6    . G   C 3 6  ? 7.904   -0.113  7.430   1.00 60.37  ? 36 G   C C6    1 
ATOM   1053 O  O6    . G   C 3 6  ? 7.475   -1.237  7.785   1.00 62.20  ? 36 G   C O6    1 
ATOM   1054 N  N1    . G   C 3 6  ? 8.640   0.013   6.248   1.00 57.51  ? 36 G   C N1    1 
ATOM   1055 C  C2    . G   C 3 6  ? 9.132   1.197   5.738   1.00 60.01  ? 36 G   C C2    1 
ATOM   1056 N  N2    . G   C 3 6  ? 9.788   1.114   4.569   1.00 58.79  ? 36 G   C N2    1 
ATOM   1057 N  N3    . G   C 3 6  ? 8.975   2.376   6.330   1.00 62.00  ? 36 G   C N3    1 
ATOM   1058 C  C4    . G   C 3 6  ? 8.274   2.281   7.498   1.00 62.38  ? 36 G   C C4    1 
ATOM   1059 P  P     . U   C 3 7  ? 8.259   9.029   6.991   1.00 76.42  ? 37 U   C P     1 
ATOM   1060 O  OP1   . U   C 3 7  ? 9.346   9.721   6.241   1.00 72.63  ? 37 U   C OP1   1 
ATOM   1061 O  OP2   . U   C 3 7  ? 7.578   9.707   8.119   1.00 74.24  ? 37 U   C OP2   1 
ATOM   1062 O  "O5'" . U   C 3 7  ? 7.165   8.587   5.941   1.00 75.52  ? 37 U   C "O5'" 1 
ATOM   1063 C  "C5'" . U   C 3 7  ? 6.706   9.545   5.033   1.00 69.79  ? 37 U   C "C5'" 1 
ATOM   1064 C  "C4'" . U   C 3 7  ? 6.590   8.970   3.662   1.00 69.15  ? 37 U   C "C4'" 1 
ATOM   1065 O  "O4'" . U   C 3 7  ? 7.827   8.294   3.308   1.00 68.89  ? 37 U   C "O4'" 1 
ATOM   1066 C  "C3'" . U   C 3 7  ? 5.513   7.885   3.693   1.00 66.45  ? 37 U   C "C3'" 1 
ATOM   1067 O  "O3'" . U   C 3 7  ? 4.550   8.042   2.673   1.00 69.15  ? 37 U   C "O3'" 1 
ATOM   1068 C  "C2'" . U   C 3 7  ? 6.232   6.545   3.750   1.00 64.16  ? 37 U   C "C2'" 1 
ATOM   1069 O  "O2'" . U   C 3 7  ? 5.697   5.599   2.843   1.00 60.86  ? 37 U   C "O2'" 1 
ATOM   1070 C  "C1'" . U   C 3 7  ? 7.567   6.928   3.149   1.00 64.86  ? 37 U   C "C1'" 1 
ATOM   1071 N  N1    . U   C 3 7  ? 8.711   6.111   3.486   1.00 69.37  ? 37 U   C N1    1 
ATOM   1072 C  C2    . U   C 3 7  ? 8.990   5.138   2.569   1.00 71.48  ? 37 U   C C2    1 
ATOM   1073 O  O2    . U   C 3 7  ? 8.328   4.995   1.540   1.00 74.61  ? 37 U   C O2    1 
ATOM   1074 N  N3    . U   C 3 7  ? 10.052  4.340   2.881   1.00 72.38  ? 37 U   C N3    1 
ATOM   1075 C  C4    . U   C 3 7  ? 10.849  4.418   4.005   1.00 72.84  ? 37 U   C C4    1 
ATOM   1076 O  O4    . U   C 3 7  ? 11.700  3.543   4.193   1.00 73.99  ? 37 U   C O4    1 
ATOM   1077 C  C5    . U   C 3 7  ? 10.498  5.477   4.916   1.00 73.08  ? 37 U   C C5    1 
ATOM   1078 C  C6    . U   C 3 7  ? 9.458   6.270   4.628   1.00 70.42  ? 37 U   C C6    1 
ATOM   1079 P  P     . A   C 3 8  ? 3.012   7.812   2.984   1.00 73.01  ? 38 A   C P     1 
ATOM   1080 O  OP1   . A   C 3 8  ? 2.521   7.432   1.648   1.00 68.24  ? 38 A   C OP1   1 
ATOM   1081 O  OP2   . A   C 3 8  ? 2.438   8.983   3.664   1.00 66.30  ? 38 A   C OP2   1 
ATOM   1082 O  "O5'" . A   C 3 8  ? 2.968   6.573   3.985   1.00 74.22  ? 38 A   C "O5'" 1 
ATOM   1083 C  "C5'" . A   C 3 8  ? 2.191   5.441   3.656   1.00 71.15  ? 38 A   C "C5'" 1 
ATOM   1084 C  "C4'" . A   C 3 8  ? 1.973   4.560   4.859   1.00 69.25  ? 38 A   C "C4'" 1 
ATOM   1085 O  "O4'" . A   C 3 8  ? 1.491   3.289   4.375   1.00 66.82  ? 38 A   C "O4'" 1 
ATOM   1086 C  "C3'" . A   C 3 8  ? 3.287   4.274   5.572   1.00 67.70  ? 38 A   C "C3'" 1 
ATOM   1087 O  "O3'" . A   C 3 8  ? 3.052   4.052   6.959   1.00 70.01  ? 38 A   C "O3'" 1 
ATOM   1088 C  "C2'" . A   C 3 8  ? 3.776   2.963   4.977   1.00 67.94  ? 38 A   C "C2'" 1 
ATOM   1089 O  "O2'" . A   C 3 8  ? 4.356   2.106   5.924   1.00 69.64  ? 38 A   C "O2'" 1 
ATOM   1090 C  "C1'" . A   C 3 8  ? 2.458   2.309   4.594   1.00 65.79  ? 38 A   C "C1'" 1 
ATOM   1091 N  N9    . A   C 3 8  ? 2.493   1.406   3.475   1.00 63.53  ? 38 A   C N9    1 
ATOM   1092 C  C8    . A   C 3 8  ? 2.139   0.084   3.467   1.00 61.61  ? 38 A   C C8    1 
ATOM   1093 N  N7    . A   C 3 8  ? 2.347   -0.507  2.325   1.00 61.38  ? 38 A   C N7    1 
ATOM   1094 C  C5    . A   C 3 8  ? 2.857   0.503   1.524   1.00 63.66  ? 38 A   C C5    1 
ATOM   1095 C  C6    . A   C 3 8  ? 3.305   0.527   0.201   1.00 64.26  ? 38 A   C C6    1 
ATOM   1096 N  N6    . A   C 3 8  ? 3.343   -0.557  -0.589  1.00 59.62  ? 38 A   C N6    1 
ATOM   1097 N  N1    . A   C 3 8  ? 3.737   1.713   -0.295  1.00 65.28  ? 38 A   C N1    1 
ATOM   1098 C  C2    . A   C 3 8  ? 3.735   2.795   0.501   1.00 68.19  ? 38 A   C C2    1 
ATOM   1099 N  N3    . A   C 3 8  ? 3.358   2.892   1.766   1.00 66.76  ? 38 A   C N3    1 
ATOM   1100 C  C4    . A   C 3 8  ? 2.929   1.699   2.216   1.00 63.99  ? 38 A   C C4    1 
ATOM   1101 P  P     . C   C 3 9  ? 2.993   5.260   7.994   1.00 74.65  ? 39 C   C P     1 
ATOM   1102 O  OP1   . C   C 3 9  ? 4.216   6.083   7.891   1.00 76.20  ? 39 C   C OP1   1 
ATOM   1103 O  OP2   . C   C 3 9  ? 2.640   4.623   9.283   1.00 72.25  ? 39 C   C OP2   1 
ATOM   1104 O  "O5'" . C   C 3 9  ? 1.727   6.125   7.605   1.00 69.45  ? 39 C   C "O5'" 1 
ATOM   1105 C  "C5'" . C   C 3 9  ? 0.686   6.274   8.559   1.00 73.62  ? 39 C   C "C5'" 1 
ATOM   1106 C  "C4'" . C   C 3 9  ? -0.220  7.410   8.171   1.00 75.18  ? 39 C   C "C4'" 1 
ATOM   1107 O  "O4'" . C   C 3 9  ? 0.441   8.669   8.421   1.00 73.57  ? 39 C   C "O4'" 1 
ATOM   1108 C  "C3'" . C   C 3 9  ? -0.511  7.393   6.685   1.00 75.74  ? 39 C   C "C3'" 1 
ATOM   1109 O  "O3'" . C   C 3 9  ? -1.847  6.994   6.339   1.00 78.25  ? 39 C   C "O3'" 1 
ATOM   1110 C  "C2'" . C   C 3 9  ? 0.469   8.374   6.032   1.00 72.42  ? 39 C   C "C2'" 1 
ATOM   1111 O  "O2'" . C   C 3 9  ? 0.025   9.108   4.915   1.00 70.02  ? 39 C   C "O2'" 1 
ATOM   1112 C  "C1'" . C   C 3 9  ? 0.768   9.303   7.206   1.00 74.80  ? 39 C   C "C1'" 1 
ATOM   1113 N  N1    . C   C 3 9  ? 2.096   9.896   7.349   1.00 79.43  ? 39 C   C N1    1 
ATOM   1114 C  C2    . C   C 3 9  ? 2.169   11.282  7.385   1.00 80.56  ? 39 C   C C2    1 
ATOM   1115 O  O2    . C   C 3 9  ? 1.117   11.936  7.330   1.00 79.17  ? 39 C   C O2    1 
ATOM   1116 N  N3    . C   C 3 9  ? 3.372   11.879  7.499   1.00 82.44  ? 39 C   C N3    1 
ATOM   1117 C  C4    . C   C 3 9  ? 4.476   11.138  7.582   1.00 83.32  ? 39 C   C C4    1 
ATOM   1118 N  N4    . C   C 3 9  ? 5.640   11.774  7.669   1.00 84.32  ? 39 C   C N4    1 
ATOM   1119 C  C5    . C   C 3 9  ? 4.435   9.714   7.572   1.00 83.64  ? 39 C   C C5    1 
ATOM   1120 C  C6    . C   C 3 9  ? 3.229   9.139   7.443   1.00 82.34  ? 39 C   C C6    1 
ATOM   1121 P  P     . A   C 3 10 ? -2.806  7.913   5.437   1.00 76.98  ? 40 A   C P     1 
ATOM   1122 O  OP1   . A   C 3 10 ? -2.274  9.244   5.141   1.00 75.68  ? 40 A   C OP1   1 
ATOM   1123 O  OP2   . A   C 3 10 ? -4.138  7.789   6.060   1.00 75.22  ? 40 A   C OP2   1 
ATOM   1124 O  "O5'" . A   C 3 10 ? -2.848  7.106   4.075   1.00 71.71  ? 40 A   C "O5'" 1 
ATOM   1125 C  "C5'" . A   C 3 10 ? -2.041  7.490   2.990   1.00 65.07  ? 40 A   C "C5'" 1 
ATOM   1126 C  "C4'" . A   C 3 10 ? -1.635  6.280   2.184   1.00 66.74  ? 40 A   C "C4'" 1 
ATOM   1127 O  "O4'" . A   C 3 10 ? -0.701  5.477   2.951   1.00 65.00  ? 40 A   C "O4'" 1 
ATOM   1128 C  "C3'" . A   C 3 10 ? -2.743  5.305   1.834   1.00 67.82  ? 40 A   C "C3'" 1 
ATOM   1129 O  "O3'" . A   C 3 10 ? -3.429  5.693   0.659   1.00 70.35  ? 40 A   C "O3'" 1 
ATOM   1130 C  "C2'" . A   C 3 10 ? -1.982  4.011   1.592   1.00 66.80  ? 40 A   C "C2'" 1 
ATOM   1131 O  "O2'" . A   C 3 10 ? -1.405  3.960   0.302   1.00 67.07  ? 40 A   C "O2'" 1 
ATOM   1132 C  "C1'" . A   C 3 10 ? -0.888  4.105   2.651   1.00 64.04  ? 40 A   C "C1'" 1 
ATOM   1133 N  N9    . A   C 3 10 ? -1.242  3.409   3.874   1.00 60.76  ? 40 A   C N9    1 
ATOM   1134 C  C8    . A   C 3 10 ? -1.599  3.903   5.100   1.00 58.35  ? 40 A   C C8    1 
ATOM   1135 N  N7    . A   C 3 10 ? -1.885  2.972   5.989   1.00 54.89  ? 40 A   C N7    1 
ATOM   1136 C  C5    . A   C 3 10 ? -1.693  1.791   5.300   1.00 56.12  ? 40 A   C C5    1 
ATOM   1137 C  C6    . A   C 3 10 ? -1.834  0.446   5.670   1.00 54.14  ? 40 A   C C6    1 
ATOM   1138 N  N6    . A   C 3 10 ? -2.225  0.051   6.883   1.00 54.95  ? 40 A   C N6    1 
ATOM   1139 N  N1    . A   C 3 10 ? -1.559  -0.490  4.742   1.00 55.46  ? 40 A   C N1    1 
ATOM   1140 C  C2    . A   C 3 10 ? -1.180  -0.085  3.523   1.00 55.72  ? 40 A   C C2    1 
ATOM   1141 N  N3    . A   C 3 10 ? -1.017  1.144   3.051   1.00 56.74  ? 40 A   C N3    1 
ATOM   1142 C  C4    . A   C 3 10 ? -1.292  2.041   4.000   1.00 58.79  ? 40 A   C C4    1 
ATOM   1143 P  P     . U   C 3 11 ? -5.030  5.686   0.662   1.00 70.14  ? 41 U   C P     1 
ATOM   1144 O  OP1   . U   C 3 11 ? -5.480  6.442   -0.511  1.00 66.37  ? 41 U   C OP1   1 
ATOM   1145 O  OP2   . U   C 3 11 ? -5.526  6.045   2.003   1.00 63.64  ? 41 U   C OP2   1 
ATOM   1146 O  "O5'" . U   C 3 11 ? -5.408  4.163   0.456   1.00 65.29  ? 41 U   C "O5'" 1 
ATOM   1147 C  "C5'" . U   C 3 11 ? -4.872  3.440   -0.623  1.00 61.32  ? 41 U   C "C5'" 1 
ATOM   1148 C  "C4'" . U   C 3 11 ? -5.088  1.973   -0.397  1.00 58.08  ? 41 U   C "C4'" 1 
ATOM   1149 O  "O4'" . U   C 3 11 ? -4.573  1.599   0.912   1.00 61.31  ? 41 U   C "O4'" 1 
ATOM   1150 C  "C3'" . U   C 3 11 ? -6.573  1.617   -0.370  1.00 59.42  ? 41 U   C "C3'" 1 
ATOM   1151 O  "O3'" . U   C 3 11 ? -6.806  0.479   -1.200  1.00 60.16  ? 41 U   C "O3'" 1 
ATOM   1152 C  "C2'" . U   C 3 11 ? -6.963  1.527   1.105   1.00 59.32  ? 41 U   C "C2'" 1 
ATOM   1153 O  "O2'" . U   C 3 11 ? -7.838  0.458   1.393   1.00 57.24  ? 41 U   C "O2'" 1 
ATOM   1154 C  "C1'" . U   C 3 11 ? -5.624  1.167   1.731   1.00 63.10  ? 41 U   C "C1'" 1 
ATOM   1155 N  N1    . U   C 3 11 ? -5.369  1.429   3.152   1.00 66.39  ? 41 U   C N1    1 
ATOM   1156 C  C2    . U   C 3 11 ? -5.392  0.315   3.985   1.00 65.52  ? 41 U   C C2    1 
ATOM   1157 O  O2    . U   C 3 11 ? -5.547  -0.824  3.566   1.00 63.56  ? 41 U   C O2    1 
ATOM   1158 N  N3    . U   C 3 11 ? -5.234  0.579   5.319   1.00 65.29  ? 41 U   C N3    1 
ATOM   1159 C  C4    . U   C 3 11 ? -5.036  1.815   5.906   1.00 68.61  ? 41 U   C C4    1 
ATOM   1160 O  O4    . U   C 3 11 ? -5.010  1.908   7.139   1.00 71.09  ? 41 U   C O4    1 
ATOM   1161 C  C5    . U   C 3 11 ? -4.977  2.910   4.982   1.00 68.94  ? 41 U   C C5    1 
ATOM   1162 C  C6    . U   C 3 11 ? -5.136  2.687   3.662   1.00 68.84  ? 41 U   C C6    1 
ATOM   1163 P  P     . U   C 3 12 ? -8.294  -0.029  -1.509  1.00 60.45  ? 42 U   C P     1 
ATOM   1164 O  OP1   . U   C 3 12 ? -8.499  0.220   -2.955  1.00 62.41  ? 42 U   C OP1   1 
ATOM   1165 O  OP2   . U   C 3 12 ? -9.254  0.504   -0.522  1.00 58.19  ? 42 U   C OP2   1 
ATOM   1166 O  "O5'" . U   C 3 12 ? -8.193  -1.592  -1.261  1.00 58.40  ? 42 U   C "O5'" 1 
ATOM   1167 C  "C5'" . U   C 3 12 ? -9.329  -2.431  -1.395  1.00 63.55  ? 42 U   C "C5'" 1 
ATOM   1168 C  "C4'" . U   C 3 12 ? -9.384  -3.390  -0.242  1.00 66.34  ? 42 U   C "C4'" 1 
ATOM   1169 O  "O4'" . U   C 3 12 ? -8.095  -4.028  -0.142  1.00 68.03  ? 42 U   C "O4'" 1 
ATOM   1170 C  "C3'" . U   C 3 12 ? -9.562  -2.597  1.046   1.00 65.89  ? 42 U   C "C3'" 1 
ATOM   1171 O  "O3'" . U   C 3 12 ? -10.261 -3.381  1.979   1.00 64.50  ? 42 U   C "O3'" 1 
ATOM   1172 C  "C2'" . U   C 3 12 ? -8.173  -2.401  1.606   1.00 66.82  ? 42 U   C "C2'" 1 
ATOM   1173 O  "O2'" . U   C 3 12 ? -8.172  -2.580  2.998   1.00 74.97  ? 42 U   C "O2'" 1 
ATOM   1174 C  "C1'" . U   C 3 12 ? -7.473  -3.620  1.045   1.00 67.76  ? 42 U   C "C1'" 1 
ATOM   1175 N  N1    . U   C 3 12 ? -6.019  -3.556  0.904   1.00 69.78  ? 42 U   C N1    1 
ATOM   1176 C  C2    . U   C 3 12 ? -5.299  -4.351  1.760   1.00 67.96  ? 42 U   C C2    1 
ATOM   1177 O  O2    . U   C 3 12 ? -5.833  -5.084  2.584   1.00 67.86  ? 42 U   C O2    1 
ATOM   1178 N  N3    . U   C 3 12 ? -3.936  -4.265  1.618   1.00 67.92  ? 42 U   C N3    1 
ATOM   1179 C  C4    . U   C 3 12 ? -3.246  -3.484  0.721   1.00 70.24  ? 42 U   C C4    1 
ATOM   1180 O  O4    . U   C 3 12 ? -2.021  -3.539  0.686   1.00 71.07  ? 42 U   C O4    1 
ATOM   1181 C  C5    . U   C 3 12 ? -4.067  -2.689  -0.131  1.00 71.09  ? 42 U   C C5    1 
ATOM   1182 C  C6    . U   C 3 12 ? -5.397  -2.750  -0.015  1.00 70.75  ? 42 U   C C6    1 
ATOM   1183 P  P     . A   C 3 13 ? -11.803 -3.158  2.209   1.00 62.53  ? 43 A   C P     1 
ATOM   1184 O  OP1   . A   C 3 13 ? -12.460 -3.285  0.895   1.00 67.71  ? 43 A   C OP1   1 
ATOM   1185 O  OP2   . A   C 3 13 ? -11.980 -1.915  2.998   1.00 60.81  ? 43 A   C OP2   1 
ATOM   1186 O  "O5'" . A   C 3 13 ? -12.223 -4.424  3.074   1.00 61.89  ? 43 A   C "O5'" 1 
ATOM   1187 C  "C5'" . A   C 3 13 ? -12.111 -5.753  2.558   1.00 64.62  ? 43 A   C "C5'" 1 
ATOM   1188 C  "C4'" . A   C 3 13 ? -11.491 -6.646  3.595   1.00 69.25  ? 43 A   C "C4'" 1 
ATOM   1189 O  "O4'" . A   C 3 13 ? -10.151 -6.177  3.866   1.00 71.16  ? 43 A   C "O4'" 1 
ATOM   1190 C  "C3'" . A   C 3 13 ? -12.175 -6.615  4.948   1.00 71.03  ? 43 A   C "C3'" 1 
ATOM   1191 O  "O3'" . A   C 3 13 ? -13.221 -7.560  4.979   1.00 74.18  ? 43 A   C "O3'" 1 
ATOM   1192 C  "C2'" . A   C 3 13 ? -11.055 -7.036  5.878   1.00 68.24  ? 43 A   C "C2'" 1 
ATOM   1193 O  "O2'" . A   C 3 13 ? -10.838 -8.420  5.833   1.00 67.60  ? 43 A   C "O2'" 1 
ATOM   1194 C  "C1'" . A   C 3 13 ? -9.854  -6.348  5.239   1.00 70.61  ? 43 A   C "C1'" 1 
ATOM   1195 N  N9    . A   C 3 13 ? -9.589  -5.032  5.805   1.00 71.26  ? 43 A   C N9    1 
ATOM   1196 C  C8    . A   C 3 13 ? -9.372  -3.867  5.127   1.00 70.54  ? 43 A   C C8    1 
ATOM   1197 N  N7    . A   C 3 13 ? -9.111  -2.841  5.902   1.00 68.80  ? 43 A   C N7    1 
ATOM   1198 C  C5    . A   C 3 13 ? -9.167  -3.367  7.182   1.00 69.54  ? 43 A   C C5    1 
ATOM   1199 C  C6    . A   C 3 13 ? -8.971  -2.790  8.451   1.00 67.80  ? 43 A   C C6    1 
ATOM   1200 N  N6    . A   C 3 13 ? -8.643  -1.508  8.650   1.00 69.50  ? 43 A   C N6    1 
ATOM   1201 N  N1    . A   C 3 13 ? -9.118  -3.587  9.518   1.00 66.02  ? 43 A   C N1    1 
ATOM   1202 C  C2    . A   C 3 13 ? -9.436  -4.872  9.314   1.00 66.98  ? 43 A   C C2    1 
ATOM   1203 N  N3    . A   C 3 13 ? -9.637  -5.532  8.173   1.00 69.33  ? 43 A   C N3    1 
ATOM   1204 C  C4    . A   C 3 13 ? -9.482  -4.712  7.133   1.00 70.61  ? 43 A   C C4    1 
ATOM   1205 P  P     . C   C 3 14 ? -14.700 -7.066  5.315   1.00 77.45  ? 44 C   C P     1 
ATOM   1206 O  OP1   . C   C 3 14 ? -15.529 -8.259  5.421   1.00 73.61  ? 44 C   C OP1   1 
ATOM   1207 O  OP2   . C   C 3 14 ? -15.081 -6.007  4.348   1.00 73.87  ? 44 C   C OP2   1 
ATOM   1208 O  "O5'" . C   C 3 14 ? -14.563 -6.416  6.761   1.00 69.76  ? 44 C   C "O5'" 1 
ATOM   1209 C  "C5'" . C   C 3 14 ? -14.495 -7.216  7.948   1.00 72.28  ? 44 C   C "C5'" 1 
ATOM   1210 C  "C4'" . C   C 3 14 ? -14.277 -6.315  9.150   1.00 71.04  ? 44 C   C "C4'" 1 
ATOM   1211 O  "O4'" . C   C 3 14 ? -12.969 -5.701  9.079   1.00 72.91  ? 44 C   C "O4'" 1 
ATOM   1212 C  "C3'" . C   C 3 14 ? -15.240 -5.146  9.284   1.00 75.41  ? 44 C   C "C3'" 1 
ATOM   1213 O  "O3'" . C   C 3 14 ? -16.384 -5.571  9.995   1.00 77.40  ? 44 C   C "O3'" 1 
ATOM   1214 C  "C2'" . C   C 3 14 ? -14.440 -4.151  10.107  1.00 73.71  ? 44 C   C "C2'" 1 
ATOM   1215 O  "O2'" . C   C 3 14 ? -14.475 -4.422  11.493  1.00 77.51  ? 44 C   C "O2'" 1 
ATOM   1216 C  "C1'" . C   C 3 14 ? -13.034 -4.374  9.548   1.00 71.85  ? 44 C   C "C1'" 1 
ATOM   1217 N  N1    . C   C 3 14 ? -12.716 -3.508  8.419   1.00 75.00  ? 44 C   C N1    1 
ATOM   1218 C  C2    . C   C 3 14 ? -12.329 -2.197  8.657   1.00 76.71  ? 44 C   C C2    1 
ATOM   1219 O  O2    . C   C 3 14 ? -12.291 -1.789  9.828   1.00 76.86  ? 44 C   C O2    1 
ATOM   1220 N  N3    . C   C 3 14 ? -12.016 -1.396  7.609   1.00 78.23  ? 44 C   C N3    1 
ATOM   1221 C  C4    . C   C 3 14 ? -12.085 -1.877  6.364   1.00 77.00  ? 44 C   C C4    1 
ATOM   1222 N  N4    . C   C 3 14 ? -11.766 -1.053  5.359   1.00 76.34  ? 44 C   C N4    1 
ATOM   1223 C  C5    . C   C 3 14 ? -12.483 -3.214  6.091   1.00 76.76  ? 44 C   C C5    1 
ATOM   1224 C  C6    . C   C 3 14 ? -12.784 -3.984  7.137   1.00 76.38  ? 44 C   C C6    1 
ATOM   1225 P  P     . C   C 3 15 ? -17.823 -5.095  9.518   1.00 79.26  ? 45 C   C P     1 
ATOM   1226 O  OP1   . C   C 3 15 ? -18.796 -6.104  9.987   1.00 80.72  ? 45 C   C OP1   1 
ATOM   1227 O  OP2   . C   C 3 15 ? -17.740 -4.750  8.078   1.00 81.69  ? 45 C   C OP2   1 
ATOM   1228 O  "O5'" . C   C 3 15 ? -18.027 -3.732  10.296  1.00 74.80  ? 45 C   C "O5'" 1 
ATOM   1229 C  "C5'" . C   C 3 15 ? -17.762 -3.647  11.680  1.00 75.68  ? 45 C   C "C5'" 1 
ATOM   1230 C  "C4'" . C   C 3 15 ? -17.638 -2.203  12.077  1.00 80.69  ? 45 C   C "C4'" 1 
ATOM   1231 O  "O4'" . C   C 3 15 ? -16.355 -1.695  11.627  1.00 79.81  ? 45 C   C "O4'" 1 
ATOM   1232 C  "C3'" . C   C 3 15 ? -18.640 -1.299  11.379  1.00 84.17  ? 45 C   C "C3'" 1 
ATOM   1233 O  "O3'" . C   C 3 15 ? -19.904 -1.311  12.026  1.00 86.30  ? 45 C   C "O3'" 1 
ATOM   1234 C  "C2'" . C   C 3 15 ? -17.954 0.061   11.441  1.00 82.90  ? 45 C   C "C2'" 1 
ATOM   1235 O  "O2'" . C   C 3 15 ? -18.124 0.760   12.660  1.00 83.41  ? 45 C   C "O2'" 1 
ATOM   1236 C  "C1'" . C   C 3 15 ? -16.489 -0.334  11.248  1.00 81.71  ? 45 C   C "C1'" 1 
ATOM   1237 N  N1    . C   C 3 15 ? -16.025 -0.172  9.859   1.00 82.47  ? 45 C   C N1    1 
ATOM   1238 C  C2    . C   C 3 15 ? -15.774 1.125   9.396   1.00 83.34  ? 45 C   C C2    1 
ATOM   1239 O  O2    . C   C 3 15 ? -15.954 2.079   10.171  1.00 83.31  ? 45 C   C O2    1 
ATOM   1240 N  N3    . C   C 3 15 ? -15.349 1.309   8.124   1.00 81.75  ? 45 C   C N3    1 
ATOM   1241 C  C4    . C   C 3 15 ? -15.169 0.254   7.322   1.00 81.37  ? 45 C   C C4    1 
ATOM   1242 N  N4    . C   C 3 15 ? -14.729 0.481   6.069   1.00 81.13  ? 45 C   C N4    1 
ATOM   1243 C  C5    . C   C 3 15 ? -15.427 -1.086  7.765   1.00 82.81  ? 45 C   C C5    1 
ATOM   1244 C  C6    . C   C 3 15 ? -15.839 -1.250  9.034   1.00 83.20  ? 45 C   C C6    1 
ATOM   1245 P  P     . U   C 3 16 ? -21.218 -0.898  11.204  1.00 85.91  ? 46 U   C P     1 
ATOM   1246 O  OP1   . U   C 3 16 ? -22.375 -1.104  12.109  1.00 90.16  ? 46 U   C OP1   1 
ATOM   1247 O  OP2   . U   C 3 16 ? -21.203 -1.571  9.876   1.00 83.21  ? 46 U   C OP2   1 
ATOM   1248 O  "O5'" . U   C 3 16 ? -21.047 0.675   11.039  1.00 79.81  ? 46 U   C "O5'" 1 
ATOM   1249 C  "C5'" . U   C 3 16 ? -21.051 1.505   12.195  1.00 77.43  ? 46 U   C "C5'" 1 
ATOM   1250 C  "C4'" . U   C 3 16 ? -20.861 2.947   11.817  1.00 79.82  ? 46 U   C "C4'" 1 
ATOM   1251 O  "O4'" . U   C 3 16 ? -19.539 3.116   11.252  1.00 81.98  ? 46 U   C "O4'" 1 
ATOM   1252 C  "C3'" . U   C 3 16 ? -21.785 3.437   10.718  1.00 81.87  ? 46 U   C "C3'" 1 
ATOM   1253 O  "O3'" . U   C 3 16 ? -23.068 3.782   11.205  1.00 81.98  ? 46 U   C "O3'" 1 
ATOM   1254 C  "C2'" . U   C 3 16 ? -21.015 4.622   10.154  1.00 81.66  ? 46 U   C "C2'" 1 
ATOM   1255 O  "O2'" . U   C 3 16 ? -21.120 5.797   10.925  1.00 81.07  ? 46 U   C "O2'" 1 
ATOM   1256 C  "C1'" . U   C 3 16 ? -19.588 4.086   10.215  1.00 79.86  ? 46 U   C "C1'" 1 
ATOM   1257 N  N1    . U   C 3 16 ? -19.263 3.437   8.935   1.00 77.64  ? 46 U   C N1    1 
ATOM   1258 C  C2    . U   C 3 16 ? -18.842 4.263   7.910   1.00 76.65  ? 46 U   C C2    1 
ATOM   1259 O  O2    . U   C 3 16 ? -18.731 5.478   8.040   1.00 77.27  ? 46 U   C O2    1 
ATOM   1260 N  N3    . U   C 3 16 ? -18.563 3.622   6.726   1.00 76.16  ? 46 U   C N3    1 
ATOM   1261 C  C4    . U   C 3 16 ? -18.655 2.269   6.468   1.00 77.76  ? 46 U   C C4    1 
ATOM   1262 O  O4    . U   C 3 16 ? -18.383 1.841   5.343   1.00 78.09  ? 46 U   C O4    1 
ATOM   1263 C  C5    . U   C 3 16 ? -19.093 1.479   7.579   1.00 77.42  ? 46 U   C C5    1 
ATOM   1264 C  C6    . U   C 3 16 ? -19.374 2.072   8.750   1.00 76.20  ? 46 U   C C6    1 
ATOM   1265 P  P     . G   C 3 17 ? -24.319 3.796   10.197  1.00 84.31  ? 47 G   C P     1 
ATOM   1266 O  OP1   . G   C 3 17 ? -25.535 4.091   11.008  1.00 86.58  ? 47 G   C OP1   1 
ATOM   1267 O  OP2   . G   C 3 17 ? -24.303 2.575   9.343   1.00 78.75  ? 47 G   C OP2   1 
ATOM   1268 O  "O5'" . G   C 3 17 ? -24.022 5.075   9.294   1.00 78.00  ? 47 G   C "O5'" 1 
ATOM   1269 C  "C5'" . G   C 3 17 ? -24.100 6.371   9.869   1.00 76.02  ? 47 G   C "C5'" 1 
ATOM   1270 C  "C4'" . G   C 3 17 ? -23.770 7.424   8.858   1.00 78.01  ? 47 G   C "C4'" 1 
ATOM   1271 O  "O4'" . G   C 3 17 ? -22.428 7.180   8.387   1.00 81.54  ? 47 G   C "O4'" 1 
ATOM   1272 C  "C3'" . G   C 3 17 ? -24.614 7.406   7.594   1.00 79.26  ? 47 G   C "C3'" 1 
ATOM   1273 O  "O3'" . G   C 3 17 ? -25.843 8.089   7.766   1.00 81.53  ? 47 G   C "O3'" 1 
ATOM   1274 C  "C2'" . G   C 3 17 ? -23.697 8.105   6.601   1.00 79.08  ? 47 G   C "C2'" 1 
ATOM   1275 O  "O2'" . G   C 3 17 ? -23.668 9.512   6.742   1.00 69.63  ? 47 G   C "O2'" 1 
ATOM   1276 C  "C1'" . G   C 3 17 ? -22.346 7.527   7.014   1.00 77.41  ? 47 G   C "C1'" 1 
ATOM   1277 N  N9    . G   C 3 17 ? -22.030 6.326   6.253   1.00 73.81  ? 47 G   C N9    1 
ATOM   1278 C  C8    . G   C 3 17 ? -22.141 5.015   6.662   1.00 73.57  ? 47 G   C C8    1 
ATOM   1279 N  N7    . G   C 3 17 ? -21.753 4.164   5.753   1.00 73.79  ? 47 G   C N7    1 
ATOM   1280 C  C5    . G   C 3 17 ? -21.367 4.971   4.678   1.00 73.60  ? 47 G   C C5    1 
ATOM   1281 C  C6    . G   C 3 17 ? -20.844 4.620   3.398   1.00 73.72  ? 47 G   C C6    1 
ATOM   1282 O  O6    . G   C 3 17 ? -20.583 3.489   2.941   1.00 74.33  ? 47 G   C O6    1 
ATOM   1283 N  N1    . G   C 3 17 ? -20.614 5.752   2.622   1.00 71.19  ? 47 G   C N1    1 
ATOM   1284 C  C2    . G   C 3 17 ? -20.847 7.047   3.022   1.00 70.74  ? 47 G   C C2    1 
ATOM   1285 N  N2    . G   C 3 17 ? -20.574 8.004   2.134   1.00 70.73  ? 47 G   C N2    1 
ATOM   1286 N  N3    . G   C 3 17 ? -21.310 7.381   4.207   1.00 70.46  ? 47 G   C N3    1 
ATOM   1287 C  C4    . G   C 3 17 ? -21.550 6.301   4.982   1.00 71.66  ? 47 G   C C4    1 
ATOM   1288 P  P     . C   C 3 18 ? -27.108 7.672   6.877   1.00 86.81  ? 48 C   C P     1 
ATOM   1289 O  OP1   . C   C 3 18 ? -28.232 8.503   7.356   1.00 86.16  ? 48 C   C OP1   1 
ATOM   1290 O  OP2   . C   C 3 18 ? -27.235 6.195   6.873   1.00 82.98  ? 48 C   C OP2   1 
ATOM   1291 O  "O5'" . C   C 3 18 ? -26.731 8.198   5.427   1.00 81.80  ? 48 C   C "O5'" 1 
ATOM   1292 C  "C5'" . C   C 3 18 ? -26.517 9.584   5.229   1.00 78.21  ? 48 C   C "C5'" 1 
ATOM   1293 C  "C4'" . C   C 3 18 ? -26.138 9.862   3.803   1.00 78.28  ? 48 C   C "C4'" 1 
ATOM   1294 O  "O4'" . C   C 3 18 ? -24.808 9.343   3.538   1.00 82.23  ? 48 C   C "O4'" 1 
ATOM   1295 C  "C3'" . C   C 3 18 ? -27.011 9.185   2.772   1.00 79.42  ? 48 C   C "C3'" 1 
ATOM   1296 O  "O3'" . C   C 3 18 ? -28.210 9.884   2.527   1.00 78.45  ? 48 C   C "O3'" 1 
ATOM   1297 C  "C2'" . C   C 3 18 ? -26.098 9.154   1.562   1.00 80.92  ? 48 C   C "C2'" 1 
ATOM   1298 O  "O2'" . C   C 3 18 ? -26.031 10.427  0.966   1.00 77.16  ? 48 C   C "O2'" 1 
ATOM   1299 C  "C1'" . C   C 3 18 ? -24.759 8.830   2.216   1.00 81.82  ? 48 C   C "C1'" 1 
ATOM   1300 N  N1    . C   C 3 18 ? -24.529 7.365   2.286   1.00 82.42  ? 48 C   C N1    1 
ATOM   1301 C  C2    . C   C 3 18 ? -24.122 6.714   1.123   1.00 81.68  ? 48 C   C C2    1 
ATOM   1302 O  O2    . C   C 3 18 ? -23.968 7.368   0.087   1.00 82.81  ? 48 C   C O2    1 
ATOM   1303 N  N3    . C   C 3 18 ? -23.903 5.376   1.157   1.00 79.81  ? 48 C   C N3    1 
ATOM   1304 C  C4    . C   C 3 18 ? -24.078 4.695   2.292   1.00 79.41  ? 48 C   C C4    1 
ATOM   1305 N  N4    . C   C 3 18 ? -23.830 3.375   2.284   1.00 78.22  ? 48 C   C N4    1 
ATOM   1306 C  C5    . C   C 3 18 ? -24.506 5.334   3.491   1.00 81.00  ? 48 C   C C5    1 
ATOM   1307 C  C6    . C   C 3 18 ? -24.717 6.663   3.448   1.00 80.99  ? 48 C   C C6    1 
ATOM   1308 P  P     . C   C 3 19 ? -29.537 9.053   2.210   1.00 82.97  ? 49 C   C P     1 
ATOM   1309 O  OP1   . C   C 3 19 ? -30.687 9.951   2.348   1.00 84.59  ? 49 C   C OP1   1 
ATOM   1310 O  OP2   . C   C 3 19 ? -29.504 7.803   2.982   1.00 78.09  ? 49 C   C OP2   1 
ATOM   1311 O  "O5'" . C   C 3 19 ? -29.361 8.699   0.675   1.00 79.94  ? 49 C   C "O5'" 1 
ATOM   1312 C  "C5'" . C   C 3 19 ? -29.070 9.731   -0.256  1.00 75.99  ? 49 C   C "C5'" 1 
ATOM   1313 C  "C4'" . C   C 3 19 ? -28.561 9.146   -1.557  1.00 76.40  ? 49 C   C "C4'" 1 
ATOM   1314 O  "O4'" . C   C 3 19 ? -27.234 8.587   -1.362  1.00 80.03  ? 49 C   C "O4'" 1 
ATOM   1315 C  "C3'" . C   C 3 19 ? -29.365 8.003   -2.168  1.00 73.48  ? 49 C   C "C3'" 1 
ATOM   1316 O  "O3'" . C   C 3 19 ? -30.572 8.293   -2.909  1.00 78.14  ? 49 C   C "O3'" 1 
ATOM   1317 C  "C2'" . C   C 3 19 ? -28.327 7.328   -3.043  1.00 76.02  ? 49 C   C "C2'" 1 
ATOM   1318 O  "O2'" . C   C 3 19 ? -28.113 8.108   -4.197  1.00 73.64  ? 49 C   C "O2'" 1 
ATOM   1319 C  "C1'" . C   C 3 19 ? -27.083 7.423   -2.162  1.00 78.64  ? 49 C   C "C1'" 1 
ATOM   1320 N  N1    . C   C 3 19 ? -26.968 6.253   -1.261  1.00 77.95  ? 49 C   C N1    1 
ATOM   1321 C  C2    . C   C 3 19 ? -26.299 5.136   -1.712  1.00 76.81  ? 49 C   C C2    1 
ATOM   1322 O  O2    . C   C 3 19 ? -25.802 5.157   -2.838  1.00 76.68  ? 49 C   C O2    1 
ATOM   1323 N  N3    . C   C 3 19 ? -26.208 4.051   -0.901  1.00 75.50  ? 49 C   C N3    1 
ATOM   1324 C  C4    . C   C 3 19 ? -26.753 4.077   0.319   1.00 76.36  ? 49 C   C C4    1 
ATOM   1325 N  N4    . C   C 3 19 ? -26.644 2.987   1.098   1.00 76.42  ? 49 C   C N4    1 
ATOM   1326 C  C5    . C   C 3 19 ? -27.435 5.220   0.801   1.00 77.35  ? 49 C   C C5    1 
ATOM   1327 C  C6    . C   C 3 19 ? -27.520 6.281   -0.019  1.00 77.38  ? 49 C   C C6    1 
HETATM 1328 CO CO    . NCO D 4 .  ? -7.550  8.074   4.491   1.00 99.97  ? 1  NCO B CO    1 
HETATM 1329 N  N1    . NCO D 4 .  ? -6.484  6.365   4.482   1.00 97.52  ? 1  NCO B N1    1 
HETATM 1330 N  N2    . NCO D 4 .  ? -9.163  6.929   4.155   1.00 97.27  ? 1  NCO B N2    1 
HETATM 1331 N  N3    . NCO D 4 .  ? -7.740  8.085   6.474   1.00 97.02  ? 1  NCO B N3    1 
HETATM 1332 N  N4    . NCO D 4 .  ? -7.418  8.231   2.536   1.00 96.58  ? 1  NCO B N4    1 
HETATM 1333 N  N5    . NCO D 4 .  ? -8.613  9.704   4.424   1.00 98.56  ? 1  NCO B N5    1 
HETATM 1334 N  N6    . NCO D 4 .  ? -5.875  9.163   4.745   1.00 96.85  ? 1  NCO B N6    1 
HETATM 1335 O  O     . HOH E 5 .  ? -3.342  -10.380 -10.419 1.00 62.12  ? 14 HOH A O     1 
HETATM 1336 O  O     . HOH E 5 .  ? -5.640  4.960   -6.354  1.00 68.70  ? 15 HOH A O     1 
HETATM 1337 O  O     . HOH F 5 .  ? -3.002  -11.336 -5.507  1.00 65.97  ? 32 HOH B O     1 
HETATM 1338 O  O     . HOH F 5 .  ? 22.671  -6.219  11.227  1.00 54.29  ? 33 HOH B O     1 
HETATM 1339 O  O     . HOH F 5 .  ? 9.744   -9.328  -4.161  1.00 47.45  ? 34 HOH B O     1 
HETATM 1340 O  O     . HOH F 5 .  ? -3.795  -3.357  15.514  1.00 77.86  ? 35 HOH B O     1 
# 
loop_
_pdbx_poly_seq_scheme.asym_id 
_pdbx_poly_seq_scheme.entity_id 
_pdbx_poly_seq_scheme.seq_id 
_pdbx_poly_seq_scheme.mon_id 
_pdbx_poly_seq_scheme.ndb_seq_num 
_pdbx_poly_seq_scheme.pdb_seq_num 
_pdbx_poly_seq_scheme.auth_seq_num 
_pdbx_poly_seq_scheme.pdb_mon_id 
_pdbx_poly_seq_scheme.auth_mon_id 
_pdbx_poly_seq_scheme.pdb_strand_id 
_pdbx_poly_seq_scheme.pdb_ins_code 
_pdbx_poly_seq_scheme.hetero 
A 1 1  U   1  1  1  U   U   A . n 
A 1 2  C   2  2  2  C   C   A . n 
A 1 3  C   3  3  3  C   C   A . n 
A 1 4  C   4  4  4  C   C   A . n 
A 1 5  A   5  5  5  A   A   A . n 
A 1 6  G   6  6  6  G   G   A . n 
A 1 7  U   7  7  7  U   U   A . n 
A 1 8  C   8  8  8  C   C   A . n 
A 1 9  C   9  9  9  C   C   A . n 
A 1 10 A   10 10 10 A   A   A . n 
A 1 11 C   11 11 11 C   C   A . n 
A 1 12 C   12 12 12 C   C   A . n 
A 1 13 G   13 13 13 G   G   A . n 
B 2 1  C   1  2  2  C   C   B . n 
B 2 2  G   2  3  3  G   G   B . n 
B 2 3  G   3  4  4  G   G   B . n 
B 2 4  U   4  5  5  U   U   B . n 
B 2 5  G   5  6  6  G   G   B . n 
B 2 6  A   6  7  7  A   A   B . n 
B 2 7  G   7  8  8  G   G   B . n 
B 2 8  A   8  9  9  A   A   B . n 
B 2 9  A   9  10 10 A   A   B . n 
B 2 10 G   10 11 11 G   G   B . n 
B 2 11 G   11 12 12 G   G   B . n 
B 2 12 G   12 13 13 G   G   B . n 
B 2 13 S9L 13 14 14 S9L S9L B . n 
B 2 14 G   14 15 15 G   G   B . n 
B 2 15 G   15 16 16 G   G   B . n 
B 2 16 C   16 17 17 C   C   B . n 
B 2 17 A   17 18 18 A   A   B . n 
B 2 18 G   18 19 19 G   G   B . n 
B 2 19 A   19 20 20 A   A   B . n 
B 2 20 G   20 21 21 G   G   B . n 
B 2 21 A   21 22 22 A   A   B . n 
B 2 22 A   22 23 23 A   A   B . n 
B 2 23 A   23 24 24 A   A   B . n 
B 2 24 C   24 25 25 C   C   B . n 
B 2 25 A   25 26 26 A   A   B . n 
B 2 26 C   26 27 27 C   C   B . n 
B 2 27 A   27 28 28 A   A   B . n 
B 2 28 C   28 29 29 C   C   B . n 
B 2 29 G   29 30 30 G   G   B . n 
B 2 30 A   30 31 31 A   A   B . n 
C 3 1  U   1  31 31 U   U   C . n 
C 3 2  C   2  32 32 C   C   C . n 
C 3 3  G   3  33 33 G   G   C . n 
C 3 4  U   4  34 34 U   U   C . n 
C 3 5  G   5  35 35 G   G   C . n 
C 3 6  G   6  36 36 G   G   C . n 
C 3 7  U   7  37 37 U   U   C . n 
C 3 8  A   8  38 38 A   A   C . n 
C 3 9  C   9  39 39 C   C   C . n 
C 3 10 A   10 40 40 A   A   C . n 
C 3 11 U   11 41 41 U   U   C . n 
C 3 12 U   12 42 42 U   U   C . n 
C 3 13 A   13 43 43 A   A   C . n 
C 3 14 C   14 44 44 C   C   C . n 
C 3 15 C   15 45 45 C   C   C . n 
C 3 16 U   16 46 46 U   U   C . n 
C 3 17 G   17 47 47 G   G   C . n 
C 3 18 C   18 48 48 C   C   C . n 
C 3 19 C   19 49 49 C   C   C . n 
# 
loop_
_pdbx_nonpoly_scheme.asym_id 
_pdbx_nonpoly_scheme.entity_id 
_pdbx_nonpoly_scheme.mon_id 
_pdbx_nonpoly_scheme.ndb_seq_num 
_pdbx_nonpoly_scheme.pdb_seq_num 
_pdbx_nonpoly_scheme.auth_seq_num 
_pdbx_nonpoly_scheme.pdb_mon_id 
_pdbx_nonpoly_scheme.auth_mon_id 
_pdbx_nonpoly_scheme.pdb_strand_id 
_pdbx_nonpoly_scheme.pdb_ins_code 
D 4 NCO 1 1  1 NCO NCO B . 
E 5 HOH 1 14 1 HOH HOH A . 
E 5 HOH 2 15 3 HOH HOH A . 
F 5 HOH 1 32 2 HOH HOH B . 
F 5 HOH 2 33 4 HOH HOH B . 
F 5 HOH 3 34 5 HOH HOH B . 
F 5 HOH 4 35 6 HOH HOH B . 
# 
_pdbx_struct_assembly.id                   1 
_pdbx_struct_assembly.details              author_and_software_defined_assembly 
_pdbx_struct_assembly.method_details       PISA 
_pdbx_struct_assembly.oligomeric_details   trimeric 
_pdbx_struct_assembly.oligomeric_count     3 
# 
_pdbx_struct_assembly_gen.assembly_id       1 
_pdbx_struct_assembly_gen.oper_expression   1 
_pdbx_struct_assembly_gen.asym_id_list      A,B,C,D,E,F 
# 
loop_
_pdbx_struct_assembly_prop.biol_id 
_pdbx_struct_assembly_prop.type 
_pdbx_struct_assembly_prop.value 
_pdbx_struct_assembly_prop.details 
1 'ABSA (A^2)' 4700 ? 
1 MORE         -8.2 ? 
1 'SSA (A^2)'  9460 ? 
# 
_pdbx_struct_oper_list.id                   1 
_pdbx_struct_oper_list.type                 'identity operation' 
_pdbx_struct_oper_list.name                 1_555 
_pdbx_struct_oper_list.symmetry_operation   x,y,z 
_pdbx_struct_oper_list.matrix[1][1]         1.0000000000 
_pdbx_struct_oper_list.matrix[1][2]         0.0000000000 
_pdbx_struct_oper_list.matrix[1][3]         0.0000000000 
_pdbx_struct_oper_list.vector[1]            0.0000000000 
_pdbx_struct_oper_list.matrix[2][1]         0.0000000000 
_pdbx_struct_oper_list.matrix[2][2]         1.0000000000 
_pdbx_struct_oper_list.matrix[2][3]         0.0000000000 
_pdbx_struct_oper_list.vector[2]            0.0000000000 
_pdbx_struct_oper_list.matrix[3][1]         0.0000000000 
_pdbx_struct_oper_list.matrix[3][2]         0.0000000000 
_pdbx_struct_oper_list.matrix[3][3]         1.0000000000 
_pdbx_struct_oper_list.vector[3]            0.0000000000 
# 
loop_
_pdbx_audit_revision_history.ordinal 
_pdbx_audit_revision_history.data_content_type 
_pdbx_audit_revision_history.major_revision 
_pdbx_audit_revision_history.minor_revision 
_pdbx_audit_revision_history.revision_date 
1 'Structure model' 1 0 2008-05-20 
2 'Structure model' 1 1 2011-07-13 
3 'Structure model' 1 2 2023-08-30 
# 
_pdbx_audit_revision_details.ordinal             1 
_pdbx_audit_revision_details.revision_ordinal    1 
_pdbx_audit_revision_details.data_content_type   'Structure model' 
_pdbx_audit_revision_details.provider            repository 
_pdbx_audit_revision_details.type                'Initial release' 
_pdbx_audit_revision_details.description         ? 
_pdbx_audit_revision_details.details             ? 
# 
loop_
_pdbx_audit_revision_group.ordinal 
_pdbx_audit_revision_group.revision_ordinal 
_pdbx_audit_revision_group.data_content_type 
_pdbx_audit_revision_group.group 
1 2 'Structure model' 'Version format compliance' 
2 3 'Structure model' Advisory                    
3 3 'Structure model' 'Data collection'           
4 3 'Structure model' 'Database references'       
5 3 'Structure model' 'Derived calculations'      
6 3 'Structure model' 'Refinement description'    
# 
loop_
_pdbx_audit_revision_category.ordinal 
_pdbx_audit_revision_category.revision_ordinal 
_pdbx_audit_revision_category.data_content_type 
_pdbx_audit_revision_category.category 
1 3 'Structure model' chem_comp_atom                
2 3 'Structure model' chem_comp_bond                
3 3 'Structure model' database_2                    
4 3 'Structure model' pdbx_initial_refinement_model 
5 3 'Structure model' pdbx_validate_polymer_linkage 
6 3 'Structure model' struct_conn                   
# 
loop_
_pdbx_audit_revision_item.ordinal 
_pdbx_audit_revision_item.revision_ordinal 
_pdbx_audit_revision_item.data_content_type 
_pdbx_audit_revision_item.item 
1 3 'Structure model' '_database_2.pdbx_DOI'                
2 3 'Structure model' '_database_2.pdbx_database_accession' 
3 3 'Structure model' '_struct_conn.pdbx_leaving_atom_flag' 
# 
loop_
_software.name 
_software.classification 
_software.version 
_software.citation_id 
_software.pdbx_ordinal 
CrystalClear 'data collection' . ? 1 
CNS          refinement        . ? 2 
CrystalClear 'data reduction'  . ? 3 
CrystalClear 'data scaling'    . ? 4 
CNS          phasing           . ? 5 
# 
_pdbx_validate_rmsd_bond.id                        1 
_pdbx_validate_rmsd_bond.PDB_model_num             1 
_pdbx_validate_rmsd_bond.auth_atom_id_1            "O3'" 
_pdbx_validate_rmsd_bond.auth_asym_id_1            B 
_pdbx_validate_rmsd_bond.auth_comp_id_1            G 
_pdbx_validate_rmsd_bond.auth_seq_id_1             8 
_pdbx_validate_rmsd_bond.PDB_ins_code_1            ? 
_pdbx_validate_rmsd_bond.label_alt_id_1            ? 
_pdbx_validate_rmsd_bond.auth_atom_id_2            P 
_pdbx_validate_rmsd_bond.auth_asym_id_2            B 
_pdbx_validate_rmsd_bond.auth_comp_id_2            A 
_pdbx_validate_rmsd_bond.auth_seq_id_2             9 
_pdbx_validate_rmsd_bond.PDB_ins_code_2            ? 
_pdbx_validate_rmsd_bond.label_alt_id_2            ? 
_pdbx_validate_rmsd_bond.bond_value                1.695 
_pdbx_validate_rmsd_bond.bond_target_value         1.607 
_pdbx_validate_rmsd_bond.bond_deviation            0.088 
_pdbx_validate_rmsd_bond.bond_standard_deviation   0.012 
_pdbx_validate_rmsd_bond.linker_flag               Y 
# 
loop_
_pdbx_validate_rmsd_angle.id 
_pdbx_validate_rmsd_angle.PDB_model_num 
_pdbx_validate_rmsd_angle.auth_atom_id_1 
_pdbx_validate_rmsd_angle.auth_asym_id_1 
_pdbx_validate_rmsd_angle.auth_comp_id_1 
_pdbx_validate_rmsd_angle.auth_seq_id_1 
_pdbx_validate_rmsd_angle.PDB_ins_code_1 
_pdbx_validate_rmsd_angle.label_alt_id_1 
_pdbx_validate_rmsd_angle.auth_atom_id_2 
_pdbx_validate_rmsd_angle.auth_asym_id_2 
_pdbx_validate_rmsd_angle.auth_comp_id_2 
_pdbx_validate_rmsd_angle.auth_seq_id_2 
_pdbx_validate_rmsd_angle.PDB_ins_code_2 
_pdbx_validate_rmsd_angle.label_alt_id_2 
_pdbx_validate_rmsd_angle.auth_atom_id_3 
_pdbx_validate_rmsd_angle.auth_asym_id_3 
_pdbx_validate_rmsd_angle.auth_comp_id_3 
_pdbx_validate_rmsd_angle.auth_seq_id_3 
_pdbx_validate_rmsd_angle.PDB_ins_code_3 
_pdbx_validate_rmsd_angle.label_alt_id_3 
_pdbx_validate_rmsd_angle.angle_value 
_pdbx_validate_rmsd_angle.angle_target_value 
_pdbx_validate_rmsd_angle.angle_deviation 
_pdbx_validate_rmsd_angle.angle_standard_deviation 
_pdbx_validate_rmsd_angle.linker_flag 
1 1 "C3'" A U 1  ? A "O3'" A U 1  ? A P     A C 2  ? ? 110.64 119.70 -9.06 1.20 Y 
2 1 "O3'" B G 8  ? ? P     B A 9  ? ? OP2   B A 9  ? ? 120.59 110.50 10.09 1.10 Y 
3 1 "C2'" C C 39 ? ? "C3'" C C 39 ? ? "O3'" C C 39 ? ? 132.07 113.70 18.37 1.60 N 
# 
loop_
_pdbx_validate_planes.id 
_pdbx_validate_planes.PDB_model_num 
_pdbx_validate_planes.auth_comp_id 
_pdbx_validate_planes.auth_asym_id 
_pdbx_validate_planes.auth_seq_id 
_pdbx_validate_planes.PDB_ins_code 
_pdbx_validate_planes.label_alt_id 
_pdbx_validate_planes.rmsd 
_pdbx_validate_planes.type 
1 1 U A 1 ? A 0.062 'SIDE CHAIN' 
2 1 G B 8 ? ? 0.061 'SIDE CHAIN' 
# 
loop_
_chem_comp_atom.comp_id 
_chem_comp_atom.atom_id 
_chem_comp_atom.type_symbol 
_chem_comp_atom.pdbx_aromatic_flag 
_chem_comp_atom.pdbx_stereo_config 
_chem_comp_atom.pdbx_ordinal 
A   OP3    O  N N 1   
A   P      P  N N 2   
A   OP1    O  N N 3   
A   OP2    O  N N 4   
A   "O5'"  O  N N 5   
A   "C5'"  C  N N 6   
A   "C4'"  C  N R 7   
A   "O4'"  O  N N 8   
A   "C3'"  C  N S 9   
A   "O3'"  O  N N 10  
A   "C2'"  C  N R 11  
A   "O2'"  O  N N 12  
A   "C1'"  C  N R 13  
A   N9     N  Y N 14  
A   C8     C  Y N 15  
A   N7     N  Y N 16  
A   C5     C  Y N 17  
A   C6     C  Y N 18  
A   N6     N  N N 19  
A   N1     N  Y N 20  
A   C2     C  Y N 21  
A   N3     N  Y N 22  
A   C4     C  Y N 23  
A   HOP3   H  N N 24  
A   HOP2   H  N N 25  
A   "H5'"  H  N N 26  
A   "H5''" H  N N 27  
A   "H4'"  H  N N 28  
A   "H3'"  H  N N 29  
A   "HO3'" H  N N 30  
A   "H2'"  H  N N 31  
A   "HO2'" H  N N 32  
A   "H1'"  H  N N 33  
A   H8     H  N N 34  
A   H61    H  N N 35  
A   H62    H  N N 36  
A   H2     H  N N 37  
C   OP3    O  N N 38  
C   P      P  N N 39  
C   OP1    O  N N 40  
C   OP2    O  N N 41  
C   "O5'"  O  N N 42  
C   "C5'"  C  N N 43  
C   "C4'"  C  N R 44  
C   "O4'"  O  N N 45  
C   "C3'"  C  N S 46  
C   "O3'"  O  N N 47  
C   "C2'"  C  N R 48  
C   "O2'"  O  N N 49  
C   "C1'"  C  N R 50  
C   N1     N  N N 51  
C   C2     C  N N 52  
C   O2     O  N N 53  
C   N3     N  N N 54  
C   C4     C  N N 55  
C   N4     N  N N 56  
C   C5     C  N N 57  
C   C6     C  N N 58  
C   HOP3   H  N N 59  
C   HOP2   H  N N 60  
C   "H5'"  H  N N 61  
C   "H5''" H  N N 62  
C   "H4'"  H  N N 63  
C   "H3'"  H  N N 64  
C   "HO3'" H  N N 65  
C   "H2'"  H  N N 66  
C   "HO2'" H  N N 67  
C   "H1'"  H  N N 68  
C   H41    H  N N 69  
C   H42    H  N N 70  
C   H5     H  N N 71  
C   H6     H  N N 72  
G   OP3    O  N N 73  
G   P      P  N N 74  
G   OP1    O  N N 75  
G   OP2    O  N N 76  
G   "O5'"  O  N N 77  
G   "C5'"  C  N N 78  
G   "C4'"  C  N R 79  
G   "O4'"  O  N N 80  
G   "C3'"  C  N S 81  
G   "O3'"  O  N N 82  
G   "C2'"  C  N R 83  
G   "O2'"  O  N N 84  
G   "C1'"  C  N R 85  
G   N9     N  Y N 86  
G   C8     C  Y N 87  
G   N7     N  Y N 88  
G   C5     C  Y N 89  
G   C6     C  N N 90  
G   O6     O  N N 91  
G   N1     N  N N 92  
G   C2     C  N N 93  
G   N2     N  N N 94  
G   N3     N  N N 95  
G   C4     C  Y N 96  
G   HOP3   H  N N 97  
G   HOP2   H  N N 98  
G   "H5'"  H  N N 99  
G   "H5''" H  N N 100 
G   "H4'"  H  N N 101 
G   "H3'"  H  N N 102 
G   "HO3'" H  N N 103 
G   "H2'"  H  N N 104 
G   "HO2'" H  N N 105 
G   "H1'"  H  N N 106 
G   H8     H  N N 107 
G   H1     H  N N 108 
G   H21    H  N N 109 
G   H22    H  N N 110 
HOH O      O  N N 111 
HOH H1     H  N N 112 
HOH H2     H  N N 113 
NCO CO     CO N N 114 
NCO N1     N  N N 115 
NCO N2     N  N N 116 
NCO N3     N  N N 117 
NCO N4     N  N N 118 
NCO N5     N  N N 119 
NCO N6     N  N N 120 
NCO HN11   H  N N 121 
NCO HN12   H  N N 122 
NCO HN13   H  N N 123 
NCO HN21   H  N N 124 
NCO HN22   H  N N 125 
NCO HN23   H  N N 126 
NCO HN31   H  N N 127 
NCO HN32   H  N N 128 
NCO HN33   H  N N 129 
NCO HN41   H  N N 130 
NCO HN42   H  N N 131 
NCO HN43   H  N N 132 
NCO HN51   H  N N 133 
NCO HN52   H  N N 134 
NCO HN53   H  N N 135 
NCO HN61   H  N N 136 
NCO HN62   H  N N 137 
NCO HN63   H  N N 138 
S9L O3P    O  N N 139 
S9L P      P  N N 140 
S9L O1P    O  N N 141 
S9L O2P    O  N N 142 
S9L "O5'"  O  N N 143 
S9L C12    C  N N 144 
S9L C22    C  N N 145 
S9L OH3    O  N N 146 
S9L C13    C  N N 147 
S9L C23    C  N N 148 
S9L OH4    O  N N 149 
S9L C14    C  N N 150 
S9L C24    C  N N 151 
S9L "O3'"  O  N N 152 
S9L HO3P   H  N N 153 
S9L HO1P   H  N N 154 
S9L H121   H  N N 155 
S9L H122   H  N N 156 
S9L H221   H  N N 157 
S9L H222   H  N N 158 
S9L H131   H  N N 159 
S9L H132   H  N N 160 
S9L H231   H  N N 161 
S9L H232   H  N N 162 
S9L H141   H  N N 163 
S9L H142   H  N N 164 
S9L H241   H  N N 165 
S9L H242   H  N N 166 
S9L "HO3'" H  N N 167 
U   OP3    O  N N 168 
U   P      P  N N 169 
U   OP1    O  N N 170 
U   OP2    O  N N 171 
U   "O5'"  O  N N 172 
U   "C5'"  C  N N 173 
U   "C4'"  C  N R 174 
U   "O4'"  O  N N 175 
U   "C3'"  C  N S 176 
U   "O3'"  O  N N 177 
U   "C2'"  C  N R 178 
U   "O2'"  O  N N 179 
U   "C1'"  C  N R 180 
U   N1     N  N N 181 
U   C2     C  N N 182 
U   O2     O  N N 183 
U   N3     N  N N 184 
U   C4     C  N N 185 
U   O4     O  N N 186 
U   C5     C  N N 187 
U   C6     C  N N 188 
U   HOP3   H  N N 189 
U   HOP2   H  N N 190 
U   "H5'"  H  N N 191 
U   "H5''" H  N N 192 
U   "H4'"  H  N N 193 
U   "H3'"  H  N N 194 
U   "HO3'" H  N N 195 
U   "H2'"  H  N N 196 
U   "HO2'" H  N N 197 
U   "H1'"  H  N N 198 
U   H3     H  N N 199 
U   H5     H  N N 200 
U   H6     H  N N 201 
# 
loop_
_chem_comp_bond.comp_id 
_chem_comp_bond.atom_id_1 
_chem_comp_bond.atom_id_2 
_chem_comp_bond.value_order 
_chem_comp_bond.pdbx_aromatic_flag 
_chem_comp_bond.pdbx_stereo_config 
_chem_comp_bond.pdbx_ordinal 
A   OP3   P      sing N N 1   
A   OP3   HOP3   sing N N 2   
A   P     OP1    doub N N 3   
A   P     OP2    sing N N 4   
A   P     "O5'"  sing N N 5   
A   OP2   HOP2   sing N N 6   
A   "O5'" "C5'"  sing N N 7   
A   "C5'" "C4'"  sing N N 8   
A   "C5'" "H5'"  sing N N 9   
A   "C5'" "H5''" sing N N 10  
A   "C4'" "O4'"  sing N N 11  
A   "C4'" "C3'"  sing N N 12  
A   "C4'" "H4'"  sing N N 13  
A   "O4'" "C1'"  sing N N 14  
A   "C3'" "O3'"  sing N N 15  
A   "C3'" "C2'"  sing N N 16  
A   "C3'" "H3'"  sing N N 17  
A   "O3'" "HO3'" sing N N 18  
A   "C2'" "O2'"  sing N N 19  
A   "C2'" "C1'"  sing N N 20  
A   "C2'" "H2'"  sing N N 21  
A   "O2'" "HO2'" sing N N 22  
A   "C1'" N9     sing N N 23  
A   "C1'" "H1'"  sing N N 24  
A   N9    C8     sing Y N 25  
A   N9    C4     sing Y N 26  
A   C8    N7     doub Y N 27  
A   C8    H8     sing N N 28  
A   N7    C5     sing Y N 29  
A   C5    C6     sing Y N 30  
A   C5    C4     doub Y N 31  
A   C6    N6     sing N N 32  
A   C6    N1     doub Y N 33  
A   N6    H61    sing N N 34  
A   N6    H62    sing N N 35  
A   N1    C2     sing Y N 36  
A   C2    N3     doub Y N 37  
A   C2    H2     sing N N 38  
A   N3    C4     sing Y N 39  
C   OP3   P      sing N N 40  
C   OP3   HOP3   sing N N 41  
C   P     OP1    doub N N 42  
C   P     OP2    sing N N 43  
C   P     "O5'"  sing N N 44  
C   OP2   HOP2   sing N N 45  
C   "O5'" "C5'"  sing N N 46  
C   "C5'" "C4'"  sing N N 47  
C   "C5'" "H5'"  sing N N 48  
C   "C5'" "H5''" sing N N 49  
C   "C4'" "O4'"  sing N N 50  
C   "C4'" "C3'"  sing N N 51  
C   "C4'" "H4'"  sing N N 52  
C   "O4'" "C1'"  sing N N 53  
C   "C3'" "O3'"  sing N N 54  
C   "C3'" "C2'"  sing N N 55  
C   "C3'" "H3'"  sing N N 56  
C   "O3'" "HO3'" sing N N 57  
C   "C2'" "O2'"  sing N N 58  
C   "C2'" "C1'"  sing N N 59  
C   "C2'" "H2'"  sing N N 60  
C   "O2'" "HO2'" sing N N 61  
C   "C1'" N1     sing N N 62  
C   "C1'" "H1'"  sing N N 63  
C   N1    C2     sing N N 64  
C   N1    C6     sing N N 65  
C   C2    O2     doub N N 66  
C   C2    N3     sing N N 67  
C   N3    C4     doub N N 68  
C   C4    N4     sing N N 69  
C   C4    C5     sing N N 70  
C   N4    H41    sing N N 71  
C   N4    H42    sing N N 72  
C   C5    C6     doub N N 73  
C   C5    H5     sing N N 74  
C   C6    H6     sing N N 75  
G   OP3   P      sing N N 76  
G   OP3   HOP3   sing N N 77  
G   P     OP1    doub N N 78  
G   P     OP2    sing N N 79  
G   P     "O5'"  sing N N 80  
G   OP2   HOP2   sing N N 81  
G   "O5'" "C5'"  sing N N 82  
G   "C5'" "C4'"  sing N N 83  
G   "C5'" "H5'"  sing N N 84  
G   "C5'" "H5''" sing N N 85  
G   "C4'" "O4'"  sing N N 86  
G   "C4'" "C3'"  sing N N 87  
G   "C4'" "H4'"  sing N N 88  
G   "O4'" "C1'"  sing N N 89  
G   "C3'" "O3'"  sing N N 90  
G   "C3'" "C2'"  sing N N 91  
G   "C3'" "H3'"  sing N N 92  
G   "O3'" "HO3'" sing N N 93  
G   "C2'" "O2'"  sing N N 94  
G   "C2'" "C1'"  sing N N 95  
G   "C2'" "H2'"  sing N N 96  
G   "O2'" "HO2'" sing N N 97  
G   "C1'" N9     sing N N 98  
G   "C1'" "H1'"  sing N N 99  
G   N9    C8     sing Y N 100 
G   N9    C4     sing Y N 101 
G   C8    N7     doub Y N 102 
G   C8    H8     sing N N 103 
G   N7    C5     sing Y N 104 
G   C5    C6     sing N N 105 
G   C5    C4     doub Y N 106 
G   C6    O6     doub N N 107 
G   C6    N1     sing N N 108 
G   N1    C2     sing N N 109 
G   N1    H1     sing N N 110 
G   C2    N2     sing N N 111 
G   C2    N3     doub N N 112 
G   N2    H21    sing N N 113 
G   N2    H22    sing N N 114 
G   N3    C4     sing N N 115 
HOH O     H1     sing N N 116 
HOH O     H2     sing N N 117 
NCO CO    N1     sing N N 118 
NCO CO    N2     sing N N 119 
NCO CO    N3     sing N N 120 
NCO CO    N4     sing N N 121 
NCO CO    N5     sing N N 122 
NCO CO    N6     sing N N 123 
NCO N1    HN11   sing N N 124 
NCO N1    HN12   sing N N 125 
NCO N1    HN13   sing N N 126 
NCO N2    HN21   sing N N 127 
NCO N2    HN22   sing N N 128 
NCO N2    HN23   sing N N 129 
NCO N3    HN31   sing N N 130 
NCO N3    HN32   sing N N 131 
NCO N3    HN33   sing N N 132 
NCO N4    HN41   sing N N 133 
NCO N4    HN42   sing N N 134 
NCO N4    HN43   sing N N 135 
NCO N5    HN51   sing N N 136 
NCO N5    HN52   sing N N 137 
NCO N5    HN53   sing N N 138 
NCO N6    HN61   sing N N 139 
NCO N6    HN62   sing N N 140 
NCO N6    HN63   sing N N 141 
S9L O3P   P      sing N N 142 
S9L O3P   HO3P   sing N N 143 
S9L P     O2P    doub N N 144 
S9L P     O1P    sing N N 145 
S9L P     "O5'"  sing N N 146 
S9L O1P   HO1P   sing N N 147 
S9L "O5'" C12    sing N N 148 
S9L C12   C22    sing N N 149 
S9L C12   H121   sing N N 150 
S9L C12   H122   sing N N 151 
S9L C22   OH3    sing N N 152 
S9L C22   H221   sing N N 153 
S9L C22   H222   sing N N 154 
S9L OH3   C23    sing N N 155 
S9L C13   C23    sing N N 156 
S9L C13   OH4    sing N N 157 
S9L C13   H131   sing N N 158 
S9L C13   H132   sing N N 159 
S9L C23   H231   sing N N 160 
S9L C23   H232   sing N N 161 
S9L OH4   C24    sing N N 162 
S9L C14   C24    sing N N 163 
S9L C14   "O3'"  sing N N 164 
S9L C14   H141   sing N N 165 
S9L C14   H142   sing N N 166 
S9L C24   H241   sing N N 167 
S9L C24   H242   sing N N 168 
S9L "O3'" "HO3'" sing N N 169 
U   OP3   P      sing N N 170 
U   OP3   HOP3   sing N N 171 
U   P     OP1    doub N N 172 
U   P     OP2    sing N N 173 
U   P     "O5'"  sing N N 174 
U   OP2   HOP2   sing N N 175 
U   "O5'" "C5'"  sing N N 176 
U   "C5'" "C4'"  sing N N 177 
U   "C5'" "H5'"  sing N N 178 
U   "C5'" "H5''" sing N N 179 
U   "C4'" "O4'"  sing N N 180 
U   "C4'" "C3'"  sing N N 181 
U   "C4'" "H4'"  sing N N 182 
U   "O4'" "C1'"  sing N N 183 
U   "C3'" "O3'"  sing N N 184 
U   "C3'" "C2'"  sing N N 185 
U   "C3'" "H3'"  sing N N 186 
U   "O3'" "HO3'" sing N N 187 
U   "C2'" "O2'"  sing N N 188 
U   "C2'" "C1'"  sing N N 189 
U   "C2'" "H2'"  sing N N 190 
U   "O2'" "HO2'" sing N N 191 
U   "C1'" N1     sing N N 192 
U   "C1'" "H1'"  sing N N 193 
U   N1    C2     sing N N 194 
U   N1    C6     sing N N 195 
U   C2    O2     doub N N 196 
U   C2    N3     sing N N 197 
U   N3    C4     sing N N 198 
U   N3    H3     sing N N 199 
U   C4    O4     doub N N 200 
U   C4    C5     sing N N 201 
U   C5    C6     doub N N 202 
U   C5    H5     sing N N 203 
U   C6    H6     sing N N 204 
# 
loop_
_ndb_struct_conf_na.entry_id 
_ndb_struct_conf_na.feature 
3CQS 'double helix'         
3CQS 'a-form double helix'  
3CQS 'mismatched base pair' 
3CQS 'internal loop'        
# 
loop_
_ndb_struct_na_base_pair.model_number 
_ndb_struct_na_base_pair.i_label_asym_id 
_ndb_struct_na_base_pair.i_label_comp_id 
_ndb_struct_na_base_pair.i_label_seq_id 
_ndb_struct_na_base_pair.i_symmetry 
_ndb_struct_na_base_pair.j_label_asym_id 
_ndb_struct_na_base_pair.j_label_comp_id 
_ndb_struct_na_base_pair.j_label_seq_id 
_ndb_struct_na_base_pair.j_symmetry 
_ndb_struct_na_base_pair.shear 
_ndb_struct_na_base_pair.stretch 
_ndb_struct_na_base_pair.stagger 
_ndb_struct_na_base_pair.buckle 
_ndb_struct_na_base_pair.propeller 
_ndb_struct_na_base_pair.opening 
_ndb_struct_na_base_pair.pair_number 
_ndb_struct_na_base_pair.pair_name 
_ndb_struct_na_base_pair.i_auth_asym_id 
_ndb_struct_na_base_pair.i_auth_seq_id 
_ndb_struct_na_base_pair.i_PDB_ins_code 
_ndb_struct_na_base_pair.j_auth_asym_id 
_ndb_struct_na_base_pair.j_auth_seq_id 
_ndb_struct_na_base_pair.j_PDB_ins_code 
_ndb_struct_na_base_pair.hbond_type_28 
_ndb_struct_na_base_pair.hbond_type_12 
1 A C 2  1_555 B G 12 1_555 0.161  -0.147 -0.147 4.755   -22.739 2.542    1  A_C2:G13_B  A 2  ? B 13 ? 19 1  
1 A C 3  1_555 B G 11 1_555 0.246  -0.099 0.014  -1.711  -12.814 3.885    2  A_C3:G12_B  A 3  ? B 12 ? 19 1  
1 A C 4  1_555 B G 10 1_555 0.473  0.053  0.077  3.612   1.093   6.860    3  A_C4:G11_B  A 4  ? B 11 ? 19 1  
1 A U 7  1_555 B G 7  1_555 -7.864 -3.045 -0.231 6.884   22.442  -17.219  4  A_U7:G8_B   A 7  ? B 8  ? ?  ?  
1 A C 8  1_555 B A 6  1_555 -3.137 0.696  -1.322 25.343  -14.613 -0.343   5  A_C8:A7_B   A 8  ? B 7  ? ?  ?  
1 A C 9  1_555 B G 5  1_555 -0.063 0.309  0.101  8.297   -7.994  3.306    6  A_C9:G6_B   A 9  ? B 6  ? 19 1  
1 A A 10 1_555 B U 4  1_555 0.999  0.128  0.435  4.688   -8.313  -3.252   7  A_A10:U5_B  A 10 ? B 5  ? 20 1  
1 A C 11 1_555 B G 3  1_555 1.668  0.131  0.537  0.548   -20.849 20.729   8  A_C11:G4_B  A 11 ? B 4  ? ?  1  
1 A C 12 1_555 B G 2  1_555 1.249  -0.027 0.334  7.530   -15.913 5.263    9  A_C12:G3_B  A 12 ? B 3  ? ?  1  
1 A G 13 1_555 B C 1  1_555 0.022  0.181  0.174  -0.971  -10.057 10.786   10 A_G13:C2_B  A 13 ? B 2  ? ?  1  
1 B G 14 1_555 C C 19 1_555 -0.422 0.052  0.463  1.685   -9.862  3.496    11 B_G15:C49_C B 15 ? C 49 ? 19 1  
1 B G 15 1_555 C C 18 1_555 -0.654 -0.243 0.730  15.266  -10.193 -0.186   12 B_G16:C48_C B 16 ? C 48 ? 19 1  
1 B C 16 1_555 C G 17 1_555 -0.208 0.042  0.081  5.384   -13.418 2.460    13 B_C17:G47_C B 17 ? C 47 ? 19 1  
1 B A 17 1_555 C U 16 1_555 -0.320 0.002  -0.101 -1.721  -10.601 5.717    14 B_A18:U46_C B 18 ? C 46 ? 20 1  
1 B G 18 1_555 C C 15 1_555 -0.295 -0.145 -0.407 -3.544  -0.630  5.012    15 B_G19:C45_C B 19 ? C 45 ? 19 1  
1 B A 19 1_555 C C 14 1_555 1.709  0.718  -0.651 -17.790 -3.362  20.790   16 B_A20:C44_C B 20 ? C 44 ? ?  ?  
1 B G 20 1_555 C A 13 1_555 6.893  -4.761 -0.175 -5.326  6.617   -9.426   17 B_G21:A43_C B 21 ? C 43 ? 11 10 
1 B A 21 1_555 C U 11 1_555 -4.239 -1.778 0.068  -3.933  -8.471  -101.696 18 B_A22:U41_C B 22 ? C 41 ? 24 4  
1 B A 22 1_555 C A 10 1_555 -4.511 0.890  -0.306 3.282   -20.510 -96.324  19 B_A23:A40_C B 23 ? C 40 ? ?  ?  
1 B C 24 1_555 A G 6  1_555 0.613  -0.131 0.211  9.372   -7.924  6.031    20 B_C25:G6_A  B 25 ? A 6  ? 19 1  
1 B A 25 1_555 C G 6  1_555 -0.010 1.414  -0.496 -10.669 -14.958 -16.623  21 B_A26:G36_C B 26 ? C 36 ? 8  ?  
1 B C 26 1_555 C G 5  1_555 -0.121 -0.175 0.196  9.036   -21.850 1.977    22 B_C27:G35_C B 27 ? C 35 ? 19 1  
1 B A 27 1_555 C U 4  1_555 0.212  -0.180 0.465  8.264   -16.818 -1.443   23 B_A28:U34_C B 28 ? C 34 ? 20 1  
1 B C 28 1_555 C G 3  1_555 -0.238 -0.144 0.308  2.938   -14.090 1.625    24 B_C29:G33_C B 29 ? C 33 ? 19 1  
1 B G 29 1_555 C C 2  1_555 -0.357 -0.118 0.442  -2.455  -8.218  0.666    25 B_G30:C32_C B 30 ? C 32 ? 19 1  
1 B A 30 1_555 C U 1  1_555 0.625  0.025  0.104  -0.782  -6.554  6.828    26 B_A31:U31_C B 31 ? C 31 ? 20 1  
# 
loop_
_ndb_struct_na_base_pair_step.model_number 
_ndb_struct_na_base_pair_step.i_label_asym_id_1 
_ndb_struct_na_base_pair_step.i_label_comp_id_1 
_ndb_struct_na_base_pair_step.i_label_seq_id_1 
_ndb_struct_na_base_pair_step.i_symmetry_1 
_ndb_struct_na_base_pair_step.j_label_asym_id_1 
_ndb_struct_na_base_pair_step.j_label_comp_id_1 
_ndb_struct_na_base_pair_step.j_label_seq_id_1 
_ndb_struct_na_base_pair_step.j_symmetry_1 
_ndb_struct_na_base_pair_step.i_label_asym_id_2 
_ndb_struct_na_base_pair_step.i_label_comp_id_2 
_ndb_struct_na_base_pair_step.i_label_seq_id_2 
_ndb_struct_na_base_pair_step.i_symmetry_2 
_ndb_struct_na_base_pair_step.j_label_asym_id_2 
_ndb_struct_na_base_pair_step.j_label_comp_id_2 
_ndb_struct_na_base_pair_step.j_label_seq_id_2 
_ndb_struct_na_base_pair_step.j_symmetry_2 
_ndb_struct_na_base_pair_step.shift 
_ndb_struct_na_base_pair_step.slide 
_ndb_struct_na_base_pair_step.rise 
_ndb_struct_na_base_pair_step.tilt 
_ndb_struct_na_base_pair_step.roll 
_ndb_struct_na_base_pair_step.twist 
_ndb_struct_na_base_pair_step.x_displacement 
_ndb_struct_na_base_pair_step.y_displacement 
_ndb_struct_na_base_pair_step.helical_rise 
_ndb_struct_na_base_pair_step.inclination 
_ndb_struct_na_base_pair_step.tip 
_ndb_struct_na_base_pair_step.helical_twist 
_ndb_struct_na_base_pair_step.step_number 
_ndb_struct_na_base_pair_step.step_name 
_ndb_struct_na_base_pair_step.i_auth_asym_id_1 
_ndb_struct_na_base_pair_step.i_auth_seq_id_1 
_ndb_struct_na_base_pair_step.i_PDB_ins_code_1 
_ndb_struct_na_base_pair_step.j_auth_asym_id_1 
_ndb_struct_na_base_pair_step.j_auth_seq_id_1 
_ndb_struct_na_base_pair_step.j_PDB_ins_code_1 
_ndb_struct_na_base_pair_step.i_auth_asym_id_2 
_ndb_struct_na_base_pair_step.i_auth_seq_id_2 
_ndb_struct_na_base_pair_step.i_PDB_ins_code_2 
_ndb_struct_na_base_pair_step.j_auth_asym_id_2 
_ndb_struct_na_base_pair_step.j_auth_seq_id_2 
_ndb_struct_na_base_pair_step.j_PDB_ins_code_2 
1 A C 2  1_555 B G 12 1_555 A C 3  1_555 B G 11 1_555 -0.473 -1.586 3.367 -0.932  11.061 35.284 -3.939 0.625  2.773 17.715 1.493   
36.936 1  AA_C2C3:G12G13_BB   A 2  ? B 13 ? A 3  ? B 12 ? 
1 A C 3  1_555 B G 11 1_555 A C 4  1_555 B G 10 1_555 0.720  -1.292 3.423 2.154   3.685  28.946 -3.380 -0.945 3.280 7.321  -4.280  
29.253 2  AA_C3C4:G11G12_BB   A 3  ? B 12 ? A 4  ? B 11 ? 
1 A U 7  1_555 B G 7  1_555 A C 8  1_555 B A 6  1_555 0.330  -1.294 2.929 -0.459  7.270  44.458 -2.256 -0.467 2.693 9.532  0.602   
45.021 3  AA_U7C8:A7G8_BB     A 7  ? B 8  ? A 8  ? B 7  ? 
1 A C 8  1_555 B A 6  1_555 A C 9  1_555 B G 5  1_555 0.159  -1.379 3.978 -11.259 6.420  41.033 -2.636 -1.539 3.572 8.895  15.600  
42.947 4  AA_C8C9:G6A7_BB     A 8  ? B 7  ? A 9  ? B 6  ? 
1 A C 9  1_555 B G 5  1_555 A A 10 1_555 B U 4  1_555 -0.689 -2.078 3.095 -0.543  10.710 42.167 -3.713 0.885  2.527 14.604 0.741   
43.449 5  AA_C9A10:U5G6_BB    A 9  ? B 6  ? A 10 ? B 5  ? 
1 A A 10 1_555 B U 4  1_555 A C 11 1_555 B G 3  1_555 0.751  -1.692 3.468 2.858   2.346  25.368 -4.511 -0.845 3.362 5.306  -6.464  
25.632 6  AA_A10C11:G4U5_BB   A 10 ? B 5  ? A 11 ? B 4  ? 
1 A C 11 1_555 B G 3  1_555 A C 12 1_555 B G 2  1_555 -0.753 -1.921 2.785 1.167   10.352 31.246 -4.731 1.481  2.034 18.584 -2.096  
32.896 7  AA_C11C12:G3G4_BB   A 11 ? B 4  ? A 12 ? B 3  ? 
1 A C 12 1_555 B G 2  1_555 A G 13 1_555 B C 1  1_555 0.112  -1.772 3.122 1.686   12.740 30.748 -4.911 0.045  2.235 22.816 -3.019  
33.265 8  AA_C12G13:C2G3_BB   A 12 ? B 3  ? A 13 ? B 2  ? 
1 B G 14 1_555 C C 19 1_555 B G 15 1_555 C C 18 1_555 -0.693 -1.003 2.787 -5.088  2.632  33.502 -2.077 0.488  2.774 4.525  8.746   
33.974 9  BB_G15G16:C48C49_CC B 15 ? C 49 ? B 16 ? C 48 ? 
1 B G 15 1_555 C C 18 1_555 B C 16 1_555 C G 17 1_555 0.178  -1.326 3.475 3.170   9.870  35.540 -3.438 0.151  3.016 15.761 -5.061  
36.975 10 BB_G16C17:G47C48_CC B 16 ? C 48 ? B 17 ? C 47 ? 
1 B C 16 1_555 C G 17 1_555 B A 17 1_555 C U 16 1_555 0.199  -1.714 3.216 -1.339  12.194 31.025 -4.794 -0.545 2.382 21.760 2.390   
33.307 11 BB_C17A18:U46G47_CC B 17 ? C 47 ? B 18 ? C 46 ? 
1 B A 17 1_555 C U 16 1_555 B G 18 1_555 C C 15 1_555 0.075  -1.797 3.461 -0.699  1.733  30.751 -3.735 -0.283 3.355 3.265  1.316   
30.806 12 BB_A18G19:C45U46_CC B 18 ? C 46 ? B 19 ? C 45 ? 
1 B G 18 1_555 C C 15 1_555 B A 19 1_555 C C 14 1_555 1.269  -1.245 3.556 4.614   11.031 36.477 -3.359 -1.322 3.192 17.068 -7.139  
38.323 13 BB_G19A20:C44C45_CC B 19 ? C 45 ? B 20 ? C 44 ? 
1 B A 19 1_555 C C 14 1_555 B G 20 1_555 C A 13 1_555 -0.764 -0.997 3.019 5.381   5.506  60.442 -1.222 0.986  2.856 5.446  -5.322  
60.884 14 BB_A20G21:A43C44_CC B 20 ? C 44 ? B 21 ? C 43 ? 
1 B G 20 1_555 C A 13 1_555 B A 21 1_555 C U 11 1_555 -2.190 -0.384 3.443 2.993   -1.439 12.385 -0.115 13.145 2.860 -6.519 -13.558 
12.821 15 BB_G21A22:U41A43_CC B 21 ? C 43 ? B 22 ? C 41 ? 
1 B A 21 1_555 C U 11 1_555 B A 22 1_555 C A 10 1_555 -0.025 -2.481 3.445 -11.235 6.617  45.039 -3.677 -0.908 2.996 8.432  14.315  
46.793 16 BB_A22A23:A40U41_CC B 22 ? C 41 ? B 23 ? C 40 ? 
1 B A 22 1_555 C A 10 1_555 B C 24 1_555 A G 6  1_555 -0.698 -2.276 6.407 -7.266  2.750  42.891 -3.586 -0.429 6.288 3.724  9.839   
43.557 17 BB_A23C25:G6A40_AC  B 23 ? C 40 ? B 25 ? A 6  ? 
1 B C 24 1_555 A G 6  1_555 B A 25 1_555 C G 6  1_555 0.176  -1.905 3.603 5.058   4.586  45.463 -2.866 0.245  3.405 5.895  -6.501  
45.946 18 BB_C25A26:G36G6_CA  B 25 ? A 6  ? B 26 ? C 36 ? 
1 B A 25 1_555 C G 6  1_555 B C 26 1_555 C G 5  1_555 1.213  -0.544 2.789 -5.202  2.101  29.456 -1.406 -3.220 2.499 4.085  10.115  
29.973 19 BB_A26C27:G35G36_CC B 26 ? C 36 ? B 27 ? C 35 ? 
1 B C 26 1_555 C G 5  1_555 B A 27 1_555 C U 4  1_555 -0.056 -1.057 3.201 -1.231  6.816  38.023 -2.397 -0.060 2.975 10.357 1.870   
38.626 20 BB_C27A28:U34G35_CC B 27 ? C 35 ? B 28 ? C 34 ? 
1 B A 27 1_555 C U 4  1_555 B C 28 1_555 C G 3  1_555 0.496  -1.310 3.324 3.388   2.985  29.503 -3.168 -0.254 3.214 5.819  -6.604  
29.839 21 BB_A28C29:G33U34_CC B 28 ? C 34 ? B 29 ? C 33 ? 
1 B C 28 1_555 C G 3  1_555 B G 29 1_555 C C 2  1_555 0.510  -1.488 3.221 0.347   7.005  35.196 -3.362 -0.781 2.886 11.444 -0.567  
35.866 22 BB_C29G30:C32G33_CC B 29 ? C 33 ? B 30 ? C 32 ? 
1 B G 29 1_555 C C 2  1_555 B A 30 1_555 C U 1  1_555 0.805  -1.578 3.074 6.871   5.261  36.492 -3.098 -0.416 2.925 8.259  -10.787 
37.470 23 BB_G30A31:U31C32_CC B 30 ? C 32 ? B 31 ? C 31 ? 
# 
loop_
_pdbx_entity_nonpoly.entity_id 
_pdbx_entity_nonpoly.name 
_pdbx_entity_nonpoly.comp_id 
4 'COBALT HEXAMMINE(III)' NCO 
5 water                   HOH 
# 
_pdbx_initial_refinement_model.id               1 
_pdbx_initial_refinement_model.entity_id_list   ? 
_pdbx_initial_refinement_model.type             'experimental model' 
_pdbx_initial_refinement_model.source_name      PDB 
_pdbx_initial_refinement_model.accession_code   2P7F 
_pdbx_initial_refinement_model.details          ? 
# 
